data_4B3Z
#
_entry.id   4B3Z
#
_cell.length_a   84.815
_cell.length_b   147.846
_cell.length_c   86.023
_cell.angle_alpha   90.00
_cell.angle_beta   94.61
_cell.angle_gamma   90.00
#
_symmetry.space_group_name_H-M   'P 1 21 1'
#
_entity_poly.entity_id   1
_entity_poly.type   'polypeptide(L)'
_entity_poly.pdbx_seq_one_letter_code
;MSYQGKKSIPHITSDRLLIKGGRIINDDQSLYADVYLEDGLIKQIGENLIVPGGVKTIEANGRMVIPGGIDVNTYLQKPS
QGMTAADDFFQGTRAALVGGTTMIIDHVVPEPGSSLLTSFEKWHEAADTKSCCDYSLHVDITSWYDGVREELEVLVQDKG
VNSFQVYMAYKDVYQMSDSQLYEAFTFLKGLGAVILVHAENGDLIAQEQKRILEMGITGPEGHALSRPEELEAEAVFRAI
TIAGRINCPVYITKVMSKSAADIIALARKKGPLVFGEPIAASLGTDGTHYWSKNWAKAAAFVTSPPLSPDPTTPDYLTSL
LACGDLQVTGSGHCPYSTAQKAVGKDNFTLIPEGVNGIEERMTVVWDKAVATGKMDENQFVAVTSTNAAKIFNLYPRKGR
IAVGSDADVVIWDPDKLKTITAKSHKSAVEYNIFEGMECHGSPLVVISQGKIVFEDGNINVNKGMGRFIPRKAFPEHLYQ
RVKIRNKVFGLQGVSRGMYDGPVYEVPATPKYATPAPSAKSSPSKHQPPPIRNLHQSNFSLSGAQIDDNNPRRTGHRIVA
PPGGRSNITSLG
;
_entity_poly.pdbx_strand_id   A,B,C,D
#
# COMPACT_ATOMS: atom_id res chain seq x y z
N ASP A 15 -21.56 -40.09 29.64
CA ASP A 15 -22.54 -40.61 28.68
C ASP A 15 -21.98 -40.69 27.27
N ARG A 16 -22.73 -41.35 26.40
CA ARG A 16 -22.23 -41.76 25.09
C ARG A 16 -23.15 -41.29 23.98
N LEU A 17 -22.57 -40.93 22.83
CA LEU A 17 -23.31 -40.22 21.81
C LEU A 17 -22.69 -40.44 20.43
N LEU A 18 -23.53 -40.50 19.40
CA LEU A 18 -23.07 -40.82 18.06
C LEU A 18 -23.72 -39.98 16.97
N ILE A 19 -22.89 -39.33 16.17
CA ILE A 19 -23.38 -38.45 15.14
C ILE A 19 -23.18 -39.08 13.78
N LYS A 20 -24.30 -39.47 13.17
CA LYS A 20 -24.23 -40.28 11.98
C LYS A 20 -24.51 -39.46 10.73
N GLY A 21 -23.68 -39.66 9.71
CA GLY A 21 -23.92 -39.14 8.37
C GLY A 21 -23.80 -37.63 8.27
N GLY A 22 -22.70 -37.10 8.81
CA GLY A 22 -22.43 -35.68 8.73
C GLY A 22 -21.25 -35.37 7.84
N ARG A 23 -21.05 -34.08 7.57
CA ARG A 23 -19.84 -33.58 6.93
C ARG A 23 -18.98 -32.88 7.99
N ILE A 24 -17.96 -33.59 8.47
CA ILE A 24 -17.04 -33.05 9.46
C ILE A 24 -16.21 -31.96 8.81
N ILE A 25 -16.30 -30.75 9.34
CA ILE A 25 -15.45 -29.68 8.87
C ILE A 25 -14.33 -29.37 9.87
N ASN A 26 -13.08 -29.43 9.41
CA ASN A 26 -11.93 -28.93 10.15
C ASN A 26 -11.30 -27.79 9.36
N ASP A 27 -10.28 -27.15 9.94
CA ASP A 27 -9.59 -26.05 9.24
C ASP A 27 -8.80 -26.49 8.01
N ASP A 28 -8.47 -27.78 7.94
CA ASP A 28 -7.56 -28.30 6.91
C ASP A 28 -8.27 -29.06 5.80
N GLN A 29 -9.40 -29.70 6.12
CA GLN A 29 -10.13 -30.52 5.16
C GLN A 29 -11.53 -30.84 5.65
N SER A 30 -12.33 -31.45 4.79
CA SER A 30 -13.66 -31.93 5.17
C SER A 30 -13.87 -33.39 4.81
N LEU A 31 -14.57 -34.09 5.68
CA LEU A 31 -14.68 -35.53 5.56
C LEU A 31 -16.11 -35.96 5.82
N TYR A 32 -16.62 -36.88 5.01
CA TYR A 32 -17.88 -37.53 5.33
C TYR A 32 -17.57 -38.76 6.19
N ALA A 33 -18.02 -38.73 7.43
CA ALA A 33 -17.75 -39.83 8.37
C ALA A 33 -18.62 -39.69 9.62
N ASP A 34 -18.77 -40.79 10.35
CA ASP A 34 -19.54 -40.76 11.58
C ASP A 34 -18.63 -40.34 12.73
N VAL A 35 -19.21 -39.77 13.78
CA VAL A 35 -18.43 -39.35 14.95
C VAL A 35 -18.95 -39.97 16.26
N TYR A 36 -18.08 -40.63 17.03
CA TYR A 36 -18.49 -41.23 18.30
C TYR A 36 -17.83 -40.62 19.56
N LEU A 37 -18.65 -40.13 20.49
CA LEU A 37 -18.17 -39.50 21.74
C LEU A 37 -18.45 -40.32 23.01
N GLU A 38 -17.41 -40.46 23.83
CA GLU A 38 -17.53 -41.20 25.09
C GLU A 38 -16.62 -40.59 26.14
N ASP A 39 -17.20 -40.29 27.30
CA ASP A 39 -16.45 -39.79 28.47
C ASP A 39 -15.85 -38.39 28.23
N GLY A 40 -16.57 -37.57 27.46
CA GLY A 40 -16.16 -36.20 27.22
C GLY A 40 -15.06 -36.03 26.19
N LEU A 41 -14.87 -37.05 25.35
CA LEU A 41 -13.87 -37.02 24.29
C LEU A 41 -14.43 -37.62 22.99
N ILE A 42 -13.80 -37.27 21.88
CA ILE A 42 -14.10 -37.89 20.60
C ILE A 42 -13.28 -39.18 20.54
N LYS A 43 -13.99 -40.31 20.42
CA LYS A 43 -13.35 -41.62 20.48
C LYS A 43 -13.02 -42.19 19.11
N GLN A 44 -13.99 -42.22 18.19
CA GLN A 44 -13.76 -42.76 16.86
C GLN A 44 -14.32 -41.88 15.75
N ILE A 45 -13.66 -41.93 14.60
CA ILE A 45 -14.13 -41.25 13.38
C ILE A 45 -13.91 -42.23 12.23
N GLY A 46 -14.98 -42.53 11.50
CA GLY A 46 -14.93 -43.54 10.45
C GLY A 46 -16.30 -43.74 9.83
N GLU A 47 -16.39 -44.59 8.82
CA GLU A 47 -17.66 -44.75 8.11
C GLU A 47 -18.53 -45.81 8.79
N ASN A 48 -17.91 -46.92 9.15
CA ASN A 48 -18.60 -48.02 9.81
C ASN A 48 -18.03 -48.22 11.19
N LEU A 49 -18.69 -47.64 12.19
CA LEU A 49 -18.13 -47.54 13.54
C LEU A 49 -18.55 -48.66 14.49
N ILE A 50 -17.68 -48.97 15.47
CA ILE A 50 -18.00 -49.94 16.52
C ILE A 50 -18.35 -49.28 17.84
N VAL A 51 -19.61 -49.39 18.25
CA VAL A 51 -20.12 -48.72 19.45
C VAL A 51 -20.56 -49.69 20.56
N PRO A 52 -20.14 -49.41 21.81
CA PRO A 52 -20.55 -50.21 22.97
C PRO A 52 -21.98 -49.92 23.48
N GLY A 53 -22.11 -49.66 24.79
CA GLY A 53 -23.38 -49.68 25.50
C GLY A 53 -24.47 -48.70 25.11
N GLY A 54 -24.94 -47.94 26.09
CA GLY A 54 -26.05 -47.03 25.89
C GLY A 54 -25.69 -45.80 25.09
N VAL A 55 -25.73 -45.95 23.76
CA VAL A 55 -25.29 -44.92 22.82
C VAL A 55 -26.48 -44.27 22.07
N LYS A 56 -26.67 -42.97 22.32
CA LYS A 56 -27.73 -42.20 21.68
C LYS A 56 -27.28 -41.78 20.28
N THR A 57 -28.18 -41.89 19.30
CA THR A 57 -27.84 -41.56 17.92
C THR A 57 -28.55 -40.31 17.44
N ILE A 58 -27.78 -39.42 16.83
CA ILE A 58 -28.28 -38.17 16.26
C ILE A 58 -28.06 -38.18 14.76
N GLU A 59 -29.13 -38.06 14.00
CA GLU A 59 -29.05 -37.98 12.55
C GLU A 59 -28.60 -36.59 12.09
N ALA A 60 -27.46 -36.53 11.42
CA ALA A 60 -26.90 -35.27 10.91
C ALA A 60 -27.46 -34.85 9.54
N ASN A 61 -27.91 -35.82 8.75
CA ASN A 61 -28.59 -35.52 7.48
C ASN A 61 -27.78 -34.66 6.51
N GLY A 62 -26.47 -34.84 6.47
CA GLY A 62 -25.62 -34.14 5.52
C GLY A 62 -25.15 -32.75 5.92
N ARG A 63 -25.67 -32.25 7.05
CA ARG A 63 -25.26 -30.96 7.64
C ARG A 63 -23.81 -31.00 8.12
N MET A 64 -23.21 -29.82 8.35
CA MET A 64 -21.79 -29.75 8.71
C MET A 64 -21.54 -30.13 10.17
N VAL A 65 -20.45 -30.84 10.43
CA VAL A 65 -20.05 -31.15 11.79
C VAL A 65 -18.74 -30.42 12.13
N ILE A 66 -18.87 -29.35 12.91
CA ILE A 66 -17.75 -28.45 13.18
C ILE A 66 -17.36 -28.42 14.66
N PRO A 67 -16.10 -28.05 14.94
CA PRO A 67 -15.60 -27.81 16.31
C PRO A 67 -16.23 -26.58 16.94
N GLY A 68 -16.81 -26.75 18.14
CA GLY A 68 -17.42 -25.67 18.88
C GLY A 68 -16.49 -24.47 18.98
N GLY A 69 -17.09 -23.29 18.90
CA GLY A 69 -16.33 -22.06 18.85
C GLY A 69 -15.56 -21.77 20.11
N ILE A 70 -14.46 -21.05 19.96
CA ILE A 70 -13.71 -20.57 21.09
C ILE A 70 -13.74 -19.04 21.06
N ASP A 71 -14.40 -18.44 22.05
CA ASP A 71 -14.46 -17.00 22.15
C ASP A 71 -13.26 -16.50 22.90
N VAL A 72 -12.31 -15.91 22.20
CA VAL A 72 -11.06 -15.48 22.82
C VAL A 72 -11.22 -14.25 23.72
N ASN A 73 -12.31 -13.52 23.56
CA ASN A 73 -12.47 -12.24 24.24
C ASN A 73 -13.85 -12.16 24.85
N THR A 74 -13.91 -12.41 26.15
CA THR A 74 -15.15 -12.27 26.91
C THR A 74 -14.83 -11.47 28.17
N TYR A 75 -15.79 -10.66 28.62
CA TYR A 75 -15.64 -9.86 29.84
C TYR A 75 -16.86 -10.03 30.73
N LEU A 76 -17.15 -11.25 31.15
CA LEU A 76 -18.44 -11.53 31.78
C LEU A 76 -18.62 -10.90 33.16
N GLN A 77 -17.53 -10.73 33.90
CA GLN A 77 -17.62 -10.03 35.18
C GLN A 77 -16.83 -8.72 35.21
N LYS A 78 -16.84 -8.01 34.08
CA LYS A 78 -16.12 -6.75 33.94
C LYS A 78 -16.73 -5.67 34.81
N PRO A 79 -15.89 -4.97 35.60
CA PRO A 79 -16.31 -3.77 36.34
C PRO A 79 -16.11 -2.50 35.54
N SER A 80 -17.15 -1.68 35.44
CA SER A 80 -17.07 -0.37 34.80
C SER A 80 -17.99 0.61 35.49
N GLN A 81 -17.41 1.73 35.94
CA GLN A 81 -18.16 2.77 36.64
C GLN A 81 -18.88 2.24 37.88
N GLY A 82 -18.24 1.31 38.58
CA GLY A 82 -18.77 0.76 39.81
C GLY A 82 -19.78 -0.36 39.65
N MET A 83 -20.02 -0.76 38.39
CA MET A 83 -21.06 -1.73 38.04
C MET A 83 -20.47 -3.01 37.43
N THR A 84 -21.15 -4.15 37.60
CA THR A 84 -20.74 -5.40 36.95
C THR A 84 -21.63 -5.70 35.73
N ALA A 85 -21.05 -6.36 34.72
CA ALA A 85 -21.79 -6.64 33.49
C ALA A 85 -23.06 -7.45 33.77
N ALA A 86 -24.09 -7.26 32.95
CA ALA A 86 -25.40 -7.87 33.20
C ALA A 86 -25.40 -9.41 33.03
N ASP A 87 -24.57 -9.90 32.12
CA ASP A 87 -24.43 -11.35 31.94
C ASP A 87 -23.29 -11.91 32.79
N ASP A 88 -23.64 -12.67 33.83
CA ASP A 88 -22.63 -13.31 34.68
C ASP A 88 -22.10 -14.57 34.02
N PHE A 89 -21.35 -15.37 34.79
CA PHE A 89 -20.76 -16.57 34.23
C PHE A 89 -21.76 -17.62 33.84
N PHE A 90 -22.82 -17.75 34.62
CA PHE A 90 -23.88 -18.67 34.23
C PHE A 90 -24.58 -18.19 32.94
N GLN A 91 -25.22 -17.03 33.02
CA GLN A 91 -26.04 -16.55 31.90
C GLN A 91 -25.21 -16.32 30.63
N GLY A 92 -23.98 -15.85 30.82
CA GLY A 92 -23.04 -15.63 29.73
C GLY A 92 -22.79 -16.91 28.92
N THR A 93 -22.31 -17.94 29.61
CA THR A 93 -21.94 -19.21 28.95
C THR A 93 -23.16 -20.00 28.47
N ARG A 94 -24.31 -19.75 29.09
CA ARG A 94 -25.58 -20.27 28.58
C ARG A 94 -25.81 -19.70 27.18
N ALA A 95 -25.56 -18.40 27.04
CA ALA A 95 -25.76 -17.71 25.76
C ALA A 95 -24.81 -18.23 24.70
N ALA A 96 -23.54 -18.41 25.10
CA ALA A 96 -22.47 -18.87 24.21
C ALA A 96 -22.82 -20.19 23.58
N LEU A 97 -23.23 -21.15 24.40
CA LEU A 97 -23.62 -22.48 23.93
C LEU A 97 -24.75 -22.46 22.89
N VAL A 98 -25.79 -21.68 23.15
CA VAL A 98 -26.89 -21.49 22.20
C VAL A 98 -26.37 -21.00 20.84
N GLY A 99 -25.37 -20.12 20.90
CA GLY A 99 -24.74 -19.59 19.70
C GLY A 99 -23.72 -20.46 18.97
N GLY A 100 -23.31 -21.56 19.59
CA GLY A 100 -22.33 -22.46 18.99
C GLY A 100 -20.97 -22.33 19.62
N THR A 101 -20.86 -21.52 20.66
CA THR A 101 -19.59 -21.34 21.35
C THR A 101 -19.55 -22.31 22.53
N THR A 102 -18.56 -23.19 22.55
CA THR A 102 -18.46 -24.22 23.59
C THR A 102 -17.31 -23.95 24.53
N MET A 103 -16.52 -22.94 24.23
CA MET A 103 -15.47 -22.52 25.13
C MET A 103 -15.23 -21.01 25.04
N ILE A 104 -14.96 -20.41 26.19
CA ILE A 104 -14.59 -19.00 26.27
C ILE A 104 -13.27 -18.81 27.02
N ILE A 105 -12.63 -17.67 26.77
CA ILE A 105 -11.50 -17.24 27.57
C ILE A 105 -11.83 -15.87 28.14
N ASP A 106 -12.14 -15.83 29.43
CA ASP A 106 -12.58 -14.62 30.11
C ASP A 106 -11.42 -13.79 30.66
N HIS A 107 -11.54 -12.47 30.54
CA HIS A 107 -10.57 -11.53 31.09
C HIS A 107 -10.82 -11.21 32.55
N VAL A 108 -9.84 -11.53 33.40
CA VAL A 108 -9.82 -11.17 34.81
C VAL A 108 -9.31 -9.74 34.96
N VAL A 109 -10.12 -8.88 35.58
CA VAL A 109 -9.78 -7.45 35.67
C VAL A 109 -9.56 -6.96 37.12
N PRO A 110 -8.30 -7.02 37.59
CA PRO A 110 -7.87 -6.59 38.92
C PRO A 110 -7.98 -5.10 39.14
N GLU A 111 -8.22 -4.68 40.38
CA GLU A 111 -8.12 -3.27 40.72
C GLU A 111 -6.65 -2.89 40.56
N PRO A 112 -6.38 -1.78 39.85
CA PRO A 112 -5.01 -1.28 39.73
C PRO A 112 -4.32 -1.11 41.07
N GLY A 113 -3.39 -2.01 41.39
CA GLY A 113 -2.63 -1.96 42.62
C GLY A 113 -2.87 -3.20 43.46
N SER A 114 -4.04 -3.79 43.26
CA SER A 114 -4.42 -5.03 43.90
C SER A 114 -3.72 -6.25 43.30
N SER A 115 -3.64 -7.30 44.10
CA SER A 115 -3.01 -8.57 43.73
C SER A 115 -3.72 -9.23 42.55
N LEU A 116 -2.91 -9.74 41.62
CA LEU A 116 -3.38 -10.52 40.48
C LEU A 116 -3.81 -11.89 40.95
N LEU A 117 -3.13 -12.42 41.97
CA LEU A 117 -3.47 -13.74 42.47
C LEU A 117 -4.85 -13.72 43.11
N THR A 118 -5.09 -12.70 43.94
CA THR A 118 -6.36 -12.62 44.67
C THR A 118 -7.52 -12.50 43.69
N SER A 119 -7.28 -11.74 42.63
CA SER A 119 -8.30 -11.45 41.64
C SER A 119 -8.53 -12.66 40.74
N PHE A 120 -7.47 -13.44 40.53
CA PHE A 120 -7.58 -14.67 39.78
C PHE A 120 -8.41 -15.73 40.50
N GLU A 121 -8.21 -15.86 41.80
CA GLU A 121 -8.95 -16.84 42.60
C GLU A 121 -10.43 -16.46 42.69
N LYS A 122 -10.71 -15.17 42.85
CA LYS A 122 -12.09 -14.68 42.88
C LYS A 122 -12.81 -15.04 41.59
N TRP A 123 -12.13 -14.83 40.46
CA TRP A 123 -12.70 -15.10 39.14
C TRP A 123 -12.88 -16.60 38.92
N HIS A 124 -11.89 -17.37 39.38
CA HIS A 124 -11.90 -18.82 39.21
C HIS A 124 -13.05 -19.42 40.02
N GLU A 125 -13.26 -18.89 41.22
CA GLU A 125 -14.32 -19.36 42.11
C GLU A 125 -15.70 -19.11 41.49
N ALA A 126 -15.92 -17.89 41.04
CA ALA A 126 -17.17 -17.49 40.40
C ALA A 126 -17.47 -18.30 39.14
N ALA A 127 -16.41 -18.65 38.40
CA ALA A 127 -16.57 -19.37 37.15
C ALA A 127 -16.85 -20.84 37.40
N ASP A 128 -16.14 -21.42 38.35
CA ASP A 128 -16.24 -22.86 38.58
C ASP A 128 -17.64 -23.26 39.10
N THR A 129 -18.27 -22.32 39.79
CA THR A 129 -19.61 -22.49 40.32
C THR A 129 -20.74 -22.07 39.37
N LYS A 130 -20.45 -21.23 38.37
CA LYS A 130 -21.51 -20.77 37.46
C LYS A 130 -21.36 -21.18 35.98
N SER A 131 -20.14 -21.38 35.52
CA SER A 131 -19.92 -21.55 34.08
C SER A 131 -20.56 -22.83 33.54
N CYS A 132 -21.25 -22.72 32.41
CA CYS A 132 -21.86 -23.89 31.76
C CYS A 132 -20.90 -24.66 30.85
N CYS A 133 -19.92 -23.95 30.30
CA CYS A 133 -18.95 -24.52 29.37
C CYS A 133 -17.51 -24.39 29.91
N ASP A 134 -16.59 -25.20 29.37
CA ASP A 134 -15.14 -25.06 29.65
C ASP A 134 -14.69 -23.60 29.44
N TYR A 135 -13.73 -23.16 30.24
CA TYR A 135 -13.28 -21.76 30.22
C TYR A 135 -11.79 -21.62 30.58
N SER A 136 -11.10 -20.64 29.99
CA SER A 136 -9.75 -20.30 30.42
C SER A 136 -9.78 -18.88 30.93
N LEU A 137 -8.68 -18.41 31.49
CA LEU A 137 -8.66 -17.02 31.92
C LEU A 137 -7.43 -16.24 31.43
N HIS A 138 -7.70 -15.01 30.98
CA HIS A 138 -6.68 -14.01 30.74
C HIS A 138 -6.54 -13.28 32.03
N VAL A 139 -5.36 -12.76 32.29
CA VAL A 139 -5.23 -11.78 33.34
C VAL A 139 -4.85 -10.44 32.75
N ASP A 140 -5.68 -9.44 33.04
CA ASP A 140 -5.42 -8.10 32.58
C ASP A 140 -4.54 -7.42 33.60
N ILE A 141 -3.35 -7.04 33.19
CA ILE A 141 -2.40 -6.37 34.07
C ILE A 141 -2.75 -4.88 34.09
N THR A 142 -3.43 -4.46 35.15
CA THR A 142 -3.96 -3.10 35.19
C THR A 142 -2.99 -2.07 35.76
N SER A 143 -1.95 -2.54 36.43
CA SER A 143 -0.86 -1.67 36.84
C SER A 143 0.42 -2.48 36.91
N TRP A 144 1.53 -1.82 36.63
CA TRP A 144 2.83 -2.46 36.73
C TRP A 144 3.44 -2.09 38.08
N TYR A 145 2.90 -2.70 39.14
CA TYR A 145 3.28 -2.36 40.52
C TYR A 145 4.44 -3.19 41.03
N ASP A 146 4.96 -2.79 42.18
CA ASP A 146 6.06 -3.53 42.78
C ASP A 146 5.59 -4.88 43.32
N GLY A 147 6.21 -5.94 42.81
CA GLY A 147 5.88 -7.30 43.20
C GLY A 147 4.98 -7.99 42.20
N VAL A 148 4.74 -7.33 41.07
CA VAL A 148 3.89 -7.90 40.02
C VAL A 148 4.57 -9.06 39.28
N ARG A 149 5.90 -8.97 39.13
CA ARG A 149 6.62 -10.01 38.42
C ARG A 149 6.55 -11.37 39.11
N GLU A 150 6.60 -11.41 40.44
CA GLU A 150 6.49 -12.69 41.14
C GLU A 150 5.08 -13.33 41.04
N GLU A 151 4.05 -12.48 41.01
CA GLU A 151 2.68 -12.98 40.84
C GLU A 151 2.45 -13.52 39.44
N LEU A 152 3.04 -12.85 38.44
CA LEU A 152 3.00 -13.35 37.07
C LEU A 152 3.64 -14.74 36.92
N GLU A 153 4.80 -14.91 37.54
CA GLU A 153 5.49 -16.21 37.50
C GLU A 153 4.61 -17.30 38.08
N VAL A 154 3.96 -17.01 39.20
CA VAL A 154 3.05 -17.98 39.81
C VAL A 154 1.86 -18.25 38.88
N LEU A 155 1.36 -17.19 38.24
CA LEU A 155 0.21 -17.37 37.36
C LEU A 155 0.54 -18.26 36.15
N VAL A 156 1.75 -18.17 35.62
CA VAL A 156 2.12 -18.98 34.45
C VAL A 156 2.42 -20.42 34.85
N GLN A 157 3.35 -20.60 35.81
CA GLN A 157 3.91 -21.90 36.20
C GLN A 157 3.02 -22.74 37.12
N ASP A 158 2.20 -22.08 37.93
CA ASP A 158 1.41 -22.82 38.92
C ASP A 158 -0.08 -22.83 38.58
N LYS A 159 -0.64 -21.66 38.28
CA LYS A 159 -2.08 -21.53 38.03
C LYS A 159 -2.58 -21.99 36.64
N GLY A 160 -1.76 -21.85 35.60
CA GLY A 160 -2.14 -22.29 34.26
C GLY A 160 -2.71 -21.22 33.33
N VAL A 161 -2.21 -19.99 33.49
CA VAL A 161 -2.60 -18.86 32.67
C VAL A 161 -1.43 -18.46 31.78
N ASN A 162 -1.65 -18.42 30.47
CA ASN A 162 -0.56 -18.07 29.57
C ASN A 162 -0.81 -16.82 28.74
N SER A 163 -1.81 -16.03 29.13
CA SER A 163 -2.12 -14.84 28.37
C SER A 163 -2.51 -13.64 29.23
N PHE A 164 -1.81 -12.54 29.01
CA PHE A 164 -1.94 -11.34 29.82
C PHE A 164 -2.21 -10.13 28.95
N GLN A 165 -3.14 -9.29 29.37
CA GLN A 165 -3.49 -8.12 28.60
C GLN A 165 -3.00 -6.83 29.24
N VAL A 166 -2.29 -6.02 28.46
CA VAL A 166 -1.88 -4.68 28.93
C VAL A 166 -2.66 -3.57 28.24
N TYR A 167 -2.73 -2.40 28.87
CA TYR A 167 -3.56 -1.32 28.37
C TYR A 167 -2.78 -0.09 27.90
N MET A 168 -3.09 0.40 26.70
CA MET A 168 -2.47 1.60 26.18
C MET A 168 -3.39 2.79 26.30
N ALA A 169 -4.68 2.49 26.54
CA ALA A 169 -5.74 3.45 26.78
C ALA A 169 -6.02 3.57 28.27
N TYR A 170 -7.04 4.34 28.62
CA TYR A 170 -7.40 4.59 30.04
C TYR A 170 -6.27 5.29 30.82
N LYS A 171 -6.08 6.58 30.56
CA LYS A 171 -4.99 7.33 31.16
C LYS A 171 -5.10 7.34 32.65
N ASP A 172 -4.00 7.05 33.33
CA ASP A 172 -3.88 7.20 34.78
C ASP A 172 -4.80 6.25 35.53
N VAL A 173 -5.41 5.32 34.79
CA VAL A 173 -6.22 4.27 35.39
C VAL A 173 -5.58 2.91 35.07
N TYR A 174 -5.62 2.49 33.81
CA TYR A 174 -5.05 1.22 33.40
C TYR A 174 -3.79 1.39 32.53
N GLN A 175 -3.64 2.57 31.91
CA GLN A 175 -2.60 2.81 30.91
C GLN A 175 -1.18 2.58 31.40
N MET A 176 -0.38 1.92 30.58
CA MET A 176 1.04 1.75 30.83
C MET A 176 1.85 2.69 29.93
N SER A 177 2.97 3.18 30.43
CA SER A 177 3.85 4.02 29.60
C SER A 177 4.64 3.17 28.59
N ASP A 178 5.37 3.84 27.72
CA ASP A 178 6.17 3.16 26.70
C ASP A 178 7.30 2.40 27.38
N SER A 179 7.81 2.98 28.46
CA SER A 179 8.83 2.28 29.24
C SER A 179 8.23 1.09 29.97
N GLN A 180 7.07 1.28 30.60
CA GLN A 180 6.39 0.16 31.26
C GLN A 180 5.97 -0.98 30.33
N LEU A 181 5.34 -0.64 29.20
CA LEU A 181 5.09 -1.62 28.14
C LEU A 181 6.35 -2.40 27.77
N TYR A 182 7.47 -1.70 27.52
CA TYR A 182 8.73 -2.41 27.18
C TYR A 182 9.11 -3.38 28.29
N GLU A 183 9.02 -2.93 29.54
CA GLU A 183 9.35 -3.76 30.68
C GLU A 183 8.51 -5.03 30.70
N ALA A 184 7.21 -4.87 30.46
CA ALA A 184 6.23 -5.95 30.55
C ALA A 184 6.26 -6.92 29.38
N PHE A 185 6.57 -6.41 28.19
CA PHE A 185 6.69 -7.29 27.02
C PHE A 185 7.90 -8.19 27.23
N THR A 186 9.02 -7.61 27.68
CA THR A 186 10.23 -8.41 27.86
C THR A 186 10.03 -9.51 28.89
N PHE A 187 9.46 -9.14 30.03
CA PHE A 187 9.19 -10.08 31.09
C PHE A 187 8.22 -11.23 30.72
N LEU A 188 7.09 -10.87 30.14
CA LEU A 188 6.14 -11.84 29.61
C LEU A 188 6.73 -12.72 28.50
N LYS A 189 7.58 -12.13 27.65
CA LYS A 189 8.33 -12.88 26.64
C LYS A 189 9.17 -13.98 27.30
N GLY A 190 9.73 -13.67 28.47
CA GLY A 190 10.57 -14.60 29.20
C GLY A 190 9.75 -15.75 29.75
N LEU A 191 8.50 -15.47 30.08
CA LEU A 191 7.57 -16.48 30.59
C LEU A 191 6.88 -17.24 29.48
N GLY A 192 7.13 -16.85 28.23
CA GLY A 192 6.53 -17.52 27.09
C GLY A 192 5.04 -17.32 27.03
N ALA A 193 4.57 -16.17 27.51
CA ALA A 193 3.15 -15.81 27.53
C ALA A 193 2.73 -15.13 26.23
N VAL A 194 1.44 -15.25 25.90
CA VAL A 194 0.84 -14.50 24.82
C VAL A 194 0.57 -13.08 25.33
N ILE A 195 1.10 -12.06 24.66
CA ILE A 195 0.87 -10.70 25.12
C ILE A 195 -0.31 -10.05 24.38
N LEU A 196 -1.40 -9.86 25.10
CA LEU A 196 -2.57 -9.18 24.57
C LEU A 196 -2.50 -7.68 24.83
N VAL A 197 -2.90 -6.89 23.85
CA VAL A 197 -2.88 -5.44 23.94
C VAL A 197 -4.22 -4.80 23.54
N HIS A 198 -4.78 -4.00 24.46
CA HIS A 198 -5.87 -3.08 24.15
C HIS A 198 -5.28 -1.77 23.63
N ALA A 199 -5.35 -1.56 22.32
CA ALA A 199 -4.53 -0.53 21.68
C ALA A 199 -5.27 0.72 21.23
N GLU A 200 -5.22 1.75 22.08
CA GLU A 200 -5.77 3.07 21.78
C GLU A 200 -4.90 4.07 22.52
N ASN A 201 -4.63 5.21 21.90
CA ASN A 201 -3.83 6.21 22.58
C ASN A 201 -4.61 6.92 23.71
N GLY A 202 -4.33 6.54 24.96
CA GLY A 202 -5.01 7.08 26.12
C GLY A 202 -4.78 8.54 26.47
N ASP A 203 -3.60 9.06 26.15
CA ASP A 203 -3.31 10.46 26.41
C ASP A 203 -4.19 11.32 25.51
N LEU A 204 -4.23 11.01 24.21
CA LEU A 204 -4.99 11.82 23.26
C LEU A 204 -6.48 11.70 23.51
N ILE A 205 -6.92 10.48 23.82
CA ILE A 205 -8.31 10.26 24.21
C ILE A 205 -8.71 11.17 25.38
N ALA A 206 -7.92 11.13 26.46
CA ALA A 206 -8.14 12.03 27.60
C ALA A 206 -8.29 13.52 27.23
N GLN A 207 -7.51 13.97 26.26
CA GLN A 207 -7.55 15.35 25.83
C GLN A 207 -8.79 15.61 24.99
N GLU A 208 -9.16 14.59 24.22
CA GLU A 208 -10.30 14.73 23.32
C GLU A 208 -11.65 14.64 24.06
N GLN A 209 -11.73 13.74 25.03
CA GLN A 209 -12.91 13.68 25.87
C GLN A 209 -13.15 15.03 26.54
N LYS A 210 -12.08 15.62 27.07
CA LYS A 210 -12.20 16.91 27.73
C LYS A 210 -12.75 17.97 26.79
N ARG A 211 -12.25 17.96 25.58
CA ARG A 211 -12.60 18.97 24.59
C ARG A 211 -14.03 18.80 24.09
N ILE A 212 -14.41 17.57 23.79
CA ILE A 212 -15.77 17.27 23.32
C ILE A 212 -16.86 17.62 24.37
N LEU A 213 -16.64 17.27 25.64
CA LEU A 213 -17.61 17.59 26.68
C LEU A 213 -17.81 19.10 26.83
N GLU A 214 -16.71 19.83 26.72
CA GLU A 214 -16.73 21.27 26.81
C GLU A 214 -17.35 21.92 25.56
N MET A 215 -17.52 21.13 24.51
CA MET A 215 -18.23 21.61 23.32
C MET A 215 -19.74 21.55 23.50
N GLY A 216 -20.19 20.76 24.48
CA GLY A 216 -21.60 20.63 24.76
C GLY A 216 -22.12 19.26 24.39
N ILE A 217 -21.28 18.47 23.72
CA ILE A 217 -21.62 17.13 23.25
C ILE A 217 -21.54 16.12 24.39
N THR A 218 -22.70 15.71 24.90
CA THR A 218 -22.79 14.81 26.05
C THR A 218 -23.30 13.44 25.63
N GLY A 219 -23.86 13.34 24.42
CA GLY A 219 -24.46 12.10 23.94
C GLY A 219 -23.48 11.01 23.56
N PRO A 220 -23.94 9.76 23.38
CA PRO A 220 -22.98 8.68 23.08
C PRO A 220 -22.14 8.91 21.82
N GLU A 221 -22.61 9.73 20.89
CA GLU A 221 -21.81 10.11 19.71
C GLU A 221 -20.45 10.66 20.12
N GLY A 222 -20.40 11.36 21.25
CA GLY A 222 -19.17 11.97 21.73
C GLY A 222 -18.12 10.95 22.15
N HIS A 223 -18.59 9.74 22.46
CA HIS A 223 -17.70 8.65 22.76
C HIS A 223 -16.92 8.27 21.50
N ALA A 224 -17.63 8.19 20.38
CA ALA A 224 -17.06 7.83 19.08
C ALA A 224 -16.19 8.93 18.45
N LEU A 225 -16.48 10.19 18.79
CA LEU A 225 -15.75 11.36 18.31
C LEU A 225 -14.46 11.60 19.11
N SER A 226 -14.48 11.17 20.37
CA SER A 226 -13.35 11.31 21.26
C SER A 226 -12.34 10.17 21.12
N ARG A 227 -12.68 9.19 20.29
CA ARG A 227 -11.81 8.05 20.09
C ARG A 227 -11.80 7.64 18.63
N PRO A 228 -11.54 8.57 17.70
CA PRO A 228 -11.58 8.18 16.28
C PRO A 228 -10.57 7.09 15.95
N GLU A 229 -10.74 6.43 14.81
CA GLU A 229 -9.93 5.27 14.48
C GLU A 229 -8.42 5.54 14.42
N GLU A 230 -8.04 6.76 14.03
CA GLU A 230 -6.64 7.22 14.05
C GLU A 230 -5.90 6.93 15.38
N LEU A 231 -6.57 7.17 16.50
CA LEU A 231 -6.01 6.89 17.83
C LEU A 231 -5.83 5.41 18.09
N GLU A 232 -6.61 4.59 17.40
CA GLU A 232 -6.42 3.15 17.52
C GLU A 232 -5.27 2.69 16.64
N ALA A 233 -5.28 3.15 15.38
CA ALA A 233 -4.19 2.86 14.44
C ALA A 233 -2.85 3.18 15.06
N GLU A 234 -2.72 4.35 15.67
CA GLU A 234 -1.47 4.75 16.32
C GLU A 234 -1.00 3.80 17.43
N ALA A 235 -1.89 3.46 18.35
CA ALA A 235 -1.52 2.56 19.44
C ALA A 235 -1.23 1.14 18.93
N VAL A 236 -1.96 0.70 17.93
CA VAL A 236 -1.65 -0.59 17.35
C VAL A 236 -0.21 -0.60 16.78
N PHE A 237 0.11 0.36 15.92
CA PHE A 237 1.47 0.48 15.38
C PHE A 237 2.54 0.58 16.46
N ARG A 238 2.25 1.35 17.51
CA ARG A 238 3.21 1.51 18.60
C ARG A 238 3.48 0.19 19.29
N ALA A 239 2.42 -0.60 19.51
CA ALA A 239 2.55 -1.91 20.14
C ALA A 239 3.31 -2.89 19.26
N ILE A 240 3.19 -2.75 17.96
CA ILE A 240 3.88 -3.68 17.07
C ILE A 240 5.34 -3.32 17.01
N THR A 241 5.61 -2.02 17.12
CA THR A 241 6.98 -1.53 17.07
C THR A 241 7.75 -2.05 18.26
N ILE A 242 7.23 -1.79 19.45
CA ILE A 242 7.77 -2.40 20.68
C ILE A 242 8.01 -3.91 20.56
N ALA A 243 6.98 -4.66 20.19
CA ALA A 243 7.12 -6.11 20.00
C ALA A 243 8.26 -6.54 19.03
N GLY A 244 8.46 -5.77 17.98
CA GLY A 244 9.48 -6.09 16.98
C GLY A 244 10.87 -5.78 17.49
N ARG A 245 10.97 -4.81 18.39
CA ARG A 245 12.26 -4.51 18.99
C ARG A 245 12.73 -5.63 19.92
N ILE A 246 11.77 -6.18 20.66
CA ILE A 246 12.00 -7.17 21.73
C ILE A 246 12.03 -8.57 21.14
N ASN A 247 11.45 -8.71 19.95
CA ASN A 247 11.19 -10.00 19.34
C ASN A 247 10.25 -10.86 20.17
N CYS A 248 9.04 -10.35 20.41
CA CYS A 248 8.04 -11.21 21.02
C CYS A 248 6.73 -11.08 20.28
N PRO A 249 5.93 -12.16 20.29
CA PRO A 249 4.62 -12.09 19.65
C PRO A 249 3.71 -11.07 20.35
N VAL A 250 2.89 -10.40 19.55
CA VAL A 250 1.94 -9.43 20.08
C VAL A 250 0.55 -9.68 19.45
N TYR A 251 -0.45 -9.62 20.31
CA TYR A 251 -1.83 -9.93 19.96
C TYR A 251 -2.70 -8.68 20.11
N ILE A 252 -3.32 -8.22 19.02
CA ILE A 252 -4.17 -7.02 19.10
C ILE A 252 -5.65 -7.34 19.34
N THR A 253 -6.12 -7.04 20.55
CA THR A 253 -7.53 -7.28 20.88
C THR A 253 -8.41 -6.15 20.35
N LYS A 254 -9.63 -6.53 19.97
CA LYS A 254 -10.70 -5.60 19.61
C LYS A 254 -10.32 -4.67 18.46
N VAL A 255 -9.97 -5.27 17.33
CA VAL A 255 -9.66 -4.52 16.13
C VAL A 255 -10.97 -3.97 15.55
N MET A 256 -11.12 -2.65 15.59
CA MET A 256 -12.41 -2.02 15.29
C MET A 256 -12.37 -1.21 14.02
N SER A 257 -11.18 -0.96 13.50
CA SER A 257 -11.04 -0.02 12.41
C SER A 257 -10.29 -0.58 11.21
N LYS A 258 -10.66 -0.11 10.02
CA LYS A 258 -9.96 -0.50 8.80
C LYS A 258 -8.52 -0.06 8.87
N SER A 259 -8.22 1.04 9.54
CA SER A 259 -6.86 1.56 9.50
C SER A 259 -5.94 0.84 10.48
N ALA A 260 -6.52 0.32 11.56
CA ALA A 260 -5.74 -0.51 12.46
C ALA A 260 -5.50 -1.86 11.83
N ALA A 261 -6.50 -2.40 11.15
CA ALA A 261 -6.32 -3.67 10.44
C ALA A 261 -5.24 -3.56 9.35
N ASP A 262 -5.21 -2.42 8.65
CA ASP A 262 -4.19 -2.16 7.63
C ASP A 262 -2.78 -2.14 8.20
N ILE A 263 -2.63 -1.51 9.37
CA ILE A 263 -1.38 -1.52 10.15
C ILE A 263 -0.88 -2.93 10.46
N ILE A 264 -1.80 -3.79 10.91
CA ILE A 264 -1.49 -5.18 11.24
C ILE A 264 -1.05 -5.91 9.97
N ALA A 265 -1.88 -5.84 8.94
CA ALA A 265 -1.55 -6.35 7.61
C ALA A 265 -0.12 -6.03 7.13
N LEU A 266 0.23 -4.75 7.12
CA LEU A 266 1.52 -4.24 6.65
C LEU A 266 2.70 -4.75 7.48
N ALA A 267 2.44 -4.90 8.77
CA ALA A 267 3.44 -5.37 9.72
C ALA A 267 3.72 -6.85 9.52
N ARG A 268 2.70 -7.63 9.21
CA ARG A 268 2.93 -9.03 8.88
C ARG A 268 3.81 -9.25 7.63
N LYS A 269 3.81 -8.33 6.66
CA LYS A 269 4.70 -8.45 5.48
C LYS A 269 6.15 -8.17 5.88
N LYS A 270 6.31 -7.29 6.88
CA LYS A 270 7.63 -6.80 7.27
C LYS A 270 8.40 -7.73 8.22
N GLY A 271 7.67 -8.58 8.95
CA GLY A 271 8.34 -9.49 9.87
C GLY A 271 7.73 -9.75 11.23
N PRO A 272 7.47 -8.69 12.01
CA PRO A 272 6.90 -8.79 13.37
C PRO A 272 5.73 -9.78 13.54
N LEU A 273 5.84 -10.67 14.54
CA LEU A 273 4.78 -11.61 14.85
C LEU A 273 3.54 -10.98 15.45
N VAL A 274 2.64 -10.50 14.61
CA VAL A 274 1.45 -9.82 15.11
C VAL A 274 0.17 -10.57 14.75
N PHE A 275 -0.76 -10.62 15.70
CA PHE A 275 -2.04 -11.28 15.52
C PHE A 275 -3.16 -10.30 15.79
N GLY A 276 -4.25 -10.41 15.04
CA GLY A 276 -5.35 -9.46 15.14
C GLY A 276 -6.64 -10.17 15.43
N GLU A 277 -7.45 -9.53 16.27
CA GLU A 277 -8.73 -10.08 16.70
C GLU A 277 -9.83 -9.05 16.58
N PRO A 278 -10.50 -9.03 15.42
CA PRO A 278 -11.77 -8.33 15.29
C PRO A 278 -12.80 -9.01 16.17
N ILE A 279 -13.80 -8.27 16.61
CA ILE A 279 -14.82 -8.92 17.42
C ILE A 279 -16.09 -8.86 16.61
N ALA A 280 -17.06 -9.69 17.00
CA ALA A 280 -18.33 -9.82 16.30
C ALA A 280 -18.94 -8.45 15.99
N ALA A 281 -18.91 -7.56 16.98
CA ALA A 281 -19.43 -6.20 16.84
C ALA A 281 -18.89 -5.47 15.59
N SER A 282 -17.57 -5.47 15.42
CA SER A 282 -16.93 -4.77 14.30
C SER A 282 -17.15 -5.45 12.95
N LEU A 283 -17.41 -6.76 12.97
CA LEU A 283 -17.63 -7.56 11.76
C LEU A 283 -19.10 -7.57 11.38
N GLY A 284 -19.95 -7.33 12.37
CA GLY A 284 -21.38 -7.35 12.19
C GLY A 284 -21.97 -6.00 11.85
N THR A 285 -21.82 -5.05 12.77
CA THR A 285 -22.46 -3.75 12.60
C THR A 285 -21.44 -2.60 12.45
N ASP A 286 -21.94 -1.38 12.33
CA ASP A 286 -21.07 -0.20 12.35
C ASP A 286 -21.51 0.77 13.44
N GLY A 287 -20.88 1.93 13.48
CA GLY A 287 -21.09 2.85 14.57
C GLY A 287 -22.02 4.00 14.25
N THR A 288 -22.67 4.00 13.08
CA THR A 288 -23.64 5.06 12.80
C THR A 288 -24.77 5.17 13.85
N HIS A 289 -24.99 4.11 14.61
CA HIS A 289 -26.06 4.10 15.60
C HIS A 289 -25.80 4.98 16.82
N TYR A 290 -24.58 5.49 16.95
CA TYR A 290 -24.25 6.39 18.04
C TYR A 290 -25.05 7.69 17.85
N TRP A 291 -25.32 8.02 16.59
CA TRP A 291 -26.07 9.22 16.24
C TRP A 291 -27.59 8.94 16.24
N SER A 292 -28.00 7.87 16.92
CA SER A 292 -29.43 7.54 17.00
C SER A 292 -30.14 8.51 17.92
N LYS A 293 -31.35 8.93 17.51
CA LYS A 293 -32.19 9.81 18.30
C LYS A 293 -32.53 9.16 19.63
N ASN A 294 -32.63 7.82 19.60
CA ASN A 294 -32.84 7.00 20.79
C ASN A 294 -31.58 6.84 21.65
N TRP A 295 -31.48 7.67 22.70
CA TRP A 295 -30.32 7.65 23.59
C TRP A 295 -29.95 6.27 24.11
N ALA A 296 -30.95 5.56 24.64
CA ALA A 296 -30.77 4.19 25.13
C ALA A 296 -30.12 3.26 24.12
N LYS A 297 -30.61 3.29 22.87
CA LYS A 297 -30.11 2.45 21.77
C LYS A 297 -28.67 2.82 21.46
N ALA A 298 -28.41 4.13 21.46
CA ALA A 298 -27.09 4.64 21.11
C ALA A 298 -26.08 4.28 22.19
N ALA A 299 -26.53 4.24 23.44
CA ALA A 299 -25.62 3.96 24.54
C ALA A 299 -25.32 2.47 24.67
N ALA A 300 -26.10 1.67 23.94
CA ALA A 300 -25.96 0.23 23.98
C ALA A 300 -24.81 -0.21 23.09
N PHE A 301 -24.49 0.64 22.11
CA PHE A 301 -23.36 0.43 21.21
C PHE A 301 -21.97 0.84 21.76
N VAL A 302 -21.97 1.60 22.86
CA VAL A 302 -20.76 2.10 23.51
C VAL A 302 -19.83 1.04 24.11
N THR A 303 -18.70 0.81 23.44
CA THR A 303 -17.63 -0.03 23.95
C THR A 303 -16.34 0.60 23.48
N SER A 304 -15.19 0.14 23.97
CA SER A 304 -13.88 0.67 23.55
C SER A 304 -12.96 -0.42 23.03
N PRO A 305 -12.35 -0.19 21.84
CA PRO A 305 -12.53 0.95 20.92
C PRO A 305 -13.95 0.94 20.35
N PRO A 306 -14.43 2.09 19.87
CA PRO A 306 -15.79 2.16 19.36
C PRO A 306 -15.96 1.50 17.99
N LEU A 307 -17.19 1.09 17.72
CA LEU A 307 -17.59 0.76 16.36
C LEU A 307 -17.32 1.96 15.45
N SER A 308 -16.71 1.70 14.29
CA SER A 308 -16.37 2.73 13.32
C SER A 308 -17.62 3.32 12.69
N PRO A 309 -17.72 4.65 12.62
CA PRO A 309 -18.85 5.28 11.92
C PRO A 309 -18.78 5.12 10.38
N ASP A 310 -17.68 4.57 9.86
CA ASP A 310 -17.54 4.23 8.44
C ASP A 310 -18.30 2.93 8.17
N PRO A 311 -19.44 2.98 7.47
CA PRO A 311 -20.17 1.71 7.26
C PRO A 311 -19.44 0.65 6.45
N THR A 312 -18.26 0.97 5.91
CA THR A 312 -17.56 0.05 5.00
C THR A 312 -16.61 -0.90 5.73
N THR A 313 -16.39 -0.61 7.01
CA THR A 313 -15.53 -1.37 7.91
C THR A 313 -15.88 -2.88 8.06
N PRO A 314 -17.16 -3.21 8.36
CA PRO A 314 -17.45 -4.64 8.51
C PRO A 314 -17.00 -5.52 7.35
N ASP A 315 -17.23 -5.08 6.12
CA ASP A 315 -16.86 -5.90 4.97
C ASP A 315 -15.34 -5.91 4.80
N TYR A 316 -14.72 -4.77 5.06
CA TYR A 316 -13.28 -4.64 4.94
C TYR A 316 -12.53 -5.53 5.95
N LEU A 317 -12.96 -5.52 7.21
CA LEU A 317 -12.43 -6.45 8.21
C LEU A 317 -12.64 -7.93 7.84
N THR A 318 -13.82 -8.27 7.34
CA THR A 318 -14.07 -9.66 6.92
C THR A 318 -13.19 -10.06 5.76
N SER A 319 -12.82 -9.11 4.91
CA SER A 319 -11.92 -9.43 3.80
C SER A 319 -10.53 -9.81 4.32
N LEU A 320 -10.07 -9.05 5.29
CA LEU A 320 -8.78 -9.26 5.93
C LEU A 320 -8.72 -10.53 6.75
N LEU A 321 -9.87 -10.90 7.31
CA LEU A 321 -10.01 -12.11 8.08
C LEU A 321 -9.93 -13.29 7.11
N ALA A 322 -10.44 -13.08 5.91
CA ALA A 322 -10.43 -14.09 4.85
C ALA A 322 -9.05 -14.38 4.24
N CYS A 323 -8.24 -13.34 4.02
CA CYS A 323 -6.92 -13.57 3.40
C CYS A 323 -5.82 -13.89 4.41
N GLY A 324 -6.14 -13.75 5.69
CA GLY A 324 -5.31 -14.24 6.75
C GLY A 324 -4.64 -13.19 7.60
N ASP A 325 -4.99 -11.93 7.36
CA ASP A 325 -4.34 -10.82 8.06
C ASP A 325 -4.88 -10.63 9.47
N LEU A 326 -6.16 -10.92 9.62
CA LEU A 326 -6.78 -11.11 10.94
C LEU A 326 -7.04 -12.61 11.14
N GLN A 327 -6.76 -13.11 12.33
CA GLN A 327 -6.68 -14.57 12.53
C GLN A 327 -7.74 -15.20 13.41
N VAL A 328 -8.24 -14.47 14.40
CA VAL A 328 -9.23 -15.03 15.31
C VAL A 328 -10.41 -14.08 15.42
N THR A 329 -11.55 -14.63 15.82
CA THR A 329 -12.71 -13.82 16.15
C THR A 329 -13.02 -13.90 17.62
N GLY A 330 -13.53 -12.81 18.16
CA GLY A 330 -14.05 -12.80 19.52
C GLY A 330 -15.36 -12.05 19.66
N SER A 331 -15.66 -11.68 20.89
CA SER A 331 -16.96 -11.14 21.24
C SER A 331 -16.80 -9.81 21.97
N GLY A 332 -15.92 -9.79 22.98
CA GLY A 332 -15.78 -8.61 23.83
C GLY A 332 -17.06 -8.37 24.60
N HIS A 333 -17.77 -9.47 24.86
CA HIS A 333 -19.08 -9.44 25.49
C HIS A 333 -19.01 -8.88 26.90
N CYS A 334 -19.60 -7.71 27.09
CA CYS A 334 -19.81 -7.17 28.43
C CYS A 334 -20.93 -6.14 28.42
N PRO A 335 -22.12 -6.52 27.88
CA PRO A 335 -23.18 -5.52 27.75
C PRO A 335 -23.62 -5.07 29.14
N TYR A 336 -24.14 -3.85 29.26
CA TYR A 336 -24.79 -3.42 30.50
C TYR A 336 -26.27 -3.19 30.24
N SER A 337 -27.05 -3.20 31.31
CA SER A 337 -28.49 -2.97 31.23
C SER A 337 -28.76 -1.48 31.03
N THR A 338 -29.88 -1.15 30.36
CA THR A 338 -30.23 0.25 30.05
C THR A 338 -30.23 1.14 31.28
N ALA A 339 -30.65 0.56 32.41
CA ALA A 339 -30.62 1.27 33.67
C ALA A 339 -29.19 1.54 34.10
N GLN A 340 -28.34 0.56 33.87
CA GLN A 340 -26.93 0.67 34.23
C GLN A 340 -26.26 1.75 33.41
N LYS A 341 -26.40 1.67 32.09
CA LYS A 341 -25.80 2.66 31.19
C LYS A 341 -26.26 4.10 31.45
N ALA A 342 -27.50 4.28 31.90
CA ALA A 342 -28.10 5.62 32.03
C ALA A 342 -27.47 6.43 33.15
N VAL A 343 -26.46 5.86 33.80
CA VAL A 343 -25.62 6.61 34.72
C VAL A 343 -24.93 7.75 33.96
N GLY A 344 -24.64 7.49 32.69
CA GLY A 344 -24.00 8.46 31.81
C GLY A 344 -24.94 9.23 30.90
N LYS A 345 -26.10 9.57 31.42
CA LYS A 345 -27.08 10.32 30.64
C LYS A 345 -26.63 11.73 30.25
N ASP A 346 -25.84 12.38 31.10
CA ASP A 346 -25.41 13.76 30.82
C ASP A 346 -23.92 13.84 30.57
N ASN A 347 -23.31 12.67 30.46
CA ASN A 347 -21.88 12.58 30.29
C ASN A 347 -21.51 11.19 29.75
N PHE A 348 -21.12 11.14 28.47
CA PHE A 348 -20.77 9.89 27.82
C PHE A 348 -19.59 9.10 28.47
N THR A 349 -18.66 9.80 29.12
CA THR A 349 -17.53 9.11 29.75
C THR A 349 -17.95 8.27 30.97
N LEU A 350 -19.18 8.51 31.44
CA LEU A 350 -19.73 7.83 32.62
C LEU A 350 -20.59 6.63 32.23
N ILE A 351 -20.80 6.45 30.95
CA ILE A 351 -21.45 5.26 30.45
C ILE A 351 -20.48 4.08 30.58
N PRO A 352 -20.98 2.94 31.10
CA PRO A 352 -20.31 1.65 31.14
C PRO A 352 -19.97 1.13 29.74
N GLU A 353 -18.72 0.82 29.48
CA GLU A 353 -18.33 0.35 28.15
C GLU A 353 -18.54 -1.15 28.01
N GLY A 354 -19.35 -1.55 27.03
CA GLY A 354 -19.52 -2.95 26.70
C GLY A 354 -20.72 -3.24 25.82
N VAL A 355 -20.57 -4.21 24.91
CA VAL A 355 -21.65 -4.60 23.99
C VAL A 355 -21.84 -6.11 23.98
N ASN A 356 -22.92 -6.57 23.37
CA ASN A 356 -23.14 -8.01 23.30
C ASN A 356 -22.46 -8.64 22.10
N GLY A 357 -22.37 -9.97 22.07
CA GLY A 357 -21.80 -10.64 20.91
C GLY A 357 -21.66 -12.12 21.14
N ILE A 358 -21.70 -12.53 22.41
CA ILE A 358 -21.31 -13.90 22.76
C ILE A 358 -22.18 -14.99 22.12
N GLU A 359 -23.48 -14.71 21.98
CA GLU A 359 -24.41 -15.66 21.38
C GLU A 359 -24.37 -15.61 19.85
N GLU A 360 -24.14 -14.39 19.36
CA GLU A 360 -24.24 -14.09 17.94
C GLU A 360 -22.94 -14.29 17.17
N ARG A 361 -21.82 -14.39 17.89
CA ARG A 361 -20.49 -14.40 17.26
C ARG A 361 -20.32 -15.35 16.08
N MET A 362 -20.67 -16.62 16.23
CA MET A 362 -20.45 -17.52 15.12
C MET A 362 -21.45 -17.29 14.00
N THR A 363 -22.70 -17.02 14.38
CA THR A 363 -23.74 -16.72 13.41
C THR A 363 -23.36 -15.50 12.55
N VAL A 364 -22.83 -14.46 13.20
CA VAL A 364 -22.42 -13.21 12.53
C VAL A 364 -21.20 -13.40 11.63
N VAL A 365 -20.18 -14.08 12.14
CA VAL A 365 -19.01 -14.35 11.30
C VAL A 365 -19.43 -15.14 10.07
N TRP A 366 -20.29 -16.12 10.27
CA TRP A 366 -20.78 -16.94 9.16
C TRP A 366 -21.47 -16.07 8.11
N ASP A 367 -22.38 -15.19 8.54
CA ASP A 367 -23.18 -14.40 7.61
C ASP A 367 -22.36 -13.41 6.78
N LYS A 368 -21.27 -12.90 7.35
CA LYS A 368 -20.49 -11.87 6.71
C LYS A 368 -19.40 -12.48 5.83
N ALA A 369 -18.91 -13.65 6.25
CA ALA A 369 -17.75 -14.27 5.64
C ALA A 369 -18.08 -15.43 4.71
N VAL A 370 -18.98 -16.31 5.14
CA VAL A 370 -19.29 -17.50 4.34
C VAL A 370 -20.48 -17.34 3.39
N ALA A 371 -21.59 -16.82 3.93
CA ALA A 371 -22.78 -16.58 3.13
C ALA A 371 -22.56 -15.58 1.98
N THR A 372 -21.51 -14.75 2.11
CA THR A 372 -21.15 -13.77 1.09
C THR A 372 -20.13 -14.34 0.14
N GLY A 373 -19.49 -15.44 0.52
CA GLY A 373 -18.55 -16.13 -0.35
C GLY A 373 -17.10 -15.76 -0.12
N LYS A 374 -16.84 -14.90 0.87
CA LYS A 374 -15.48 -14.42 1.13
C LYS A 374 -14.58 -15.57 1.58
N MET A 375 -15.14 -16.47 2.39
CA MET A 375 -14.38 -17.63 2.82
C MET A 375 -15.24 -18.87 2.82
N ASP A 376 -14.59 -20.03 2.86
CA ASP A 376 -15.32 -21.30 2.90
C ASP A 376 -15.52 -21.75 4.34
N GLU A 377 -16.18 -22.90 4.49
CA GLU A 377 -16.50 -23.45 5.81
C GLU A 377 -15.23 -23.93 6.57
N ASN A 378 -14.19 -24.31 5.84
CA ASN A 378 -12.91 -24.65 6.46
C ASN A 378 -12.23 -23.44 7.13
N GLN A 379 -12.40 -22.27 6.53
CA GLN A 379 -11.78 -21.04 7.02
C GLN A 379 -12.58 -20.53 8.21
N PHE A 380 -13.90 -20.68 8.11
CA PHE A 380 -14.81 -20.34 9.19
C PHE A 380 -14.40 -21.07 10.46
N VAL A 381 -14.06 -22.34 10.34
CA VAL A 381 -13.61 -23.10 11.52
C VAL A 381 -12.30 -22.54 12.11
N ALA A 382 -11.33 -22.23 11.25
CA ALA A 382 -10.08 -21.64 11.74
C ALA A 382 -10.34 -20.38 12.57
N VAL A 383 -11.00 -19.40 11.96
CA VAL A 383 -11.25 -18.11 12.61
C VAL A 383 -12.30 -18.09 13.74
N THR A 384 -13.01 -19.19 13.98
CA THR A 384 -13.93 -19.24 15.13
C THR A 384 -13.38 -20.07 16.28
N SER A 385 -12.53 -21.06 15.98
CA SER A 385 -11.99 -21.94 17.04
C SER A 385 -10.51 -22.33 16.90
N THR A 386 -10.14 -22.86 15.74
CA THR A 386 -8.80 -23.43 15.53
C THR A 386 -7.62 -22.46 15.72
N ASN A 387 -7.66 -21.30 15.07
CA ASN A 387 -6.56 -20.34 15.20
C ASN A 387 -6.41 -19.89 16.64
N ALA A 388 -7.54 -19.82 17.34
CA ALA A 388 -7.56 -19.41 18.73
C ALA A 388 -6.83 -20.44 19.60
N ALA A 389 -7.08 -21.72 19.33
CA ALA A 389 -6.46 -22.80 20.07
C ALA A 389 -4.95 -22.93 19.77
N LYS A 390 -4.56 -22.73 18.52
CA LYS A 390 -3.15 -22.76 18.17
C LYS A 390 -2.37 -21.63 18.85
N ILE A 391 -2.99 -20.46 18.91
CA ILE A 391 -2.41 -19.24 19.50
C ILE A 391 -2.27 -19.36 21.03
N PHE A 392 -3.29 -19.92 21.65
CA PHE A 392 -3.35 -19.96 23.11
C PHE A 392 -2.96 -21.33 23.68
N ASN A 393 -2.44 -22.18 22.80
CA ASN A 393 -1.94 -23.50 23.17
C ASN A 393 -3.03 -24.41 23.73
N LEU A 394 -4.00 -24.73 22.87
CA LEU A 394 -5.13 -25.59 23.19
C LEU A 394 -5.49 -26.45 21.99
N TYR A 395 -4.60 -26.50 20.98
CA TYR A 395 -4.99 -26.95 19.64
C TYR A 395 -5.47 -28.36 19.52
N PRO A 396 -4.67 -29.31 20.00
CA PRO A 396 -5.21 -30.62 19.63
C PRO A 396 -6.52 -30.80 20.43
N ARG A 397 -6.53 -30.30 21.67
CA ARG A 397 -7.63 -30.52 22.62
C ARG A 397 -8.95 -29.85 22.20
N LYS A 398 -8.86 -28.57 21.81
CA LYS A 398 -10.02 -27.76 21.43
C LYS A 398 -9.92 -27.32 19.96
N GLY A 399 -11.04 -27.08 19.30
CA GLY A 399 -11.00 -26.59 17.93
C GLY A 399 -10.54 -27.58 16.86
N ARG A 400 -10.70 -28.87 17.14
CA ARG A 400 -10.49 -29.89 16.12
C ARG A 400 -11.35 -31.12 16.37
N ILE A 401 -12.02 -31.57 15.31
CA ILE A 401 -12.74 -32.84 15.35
C ILE A 401 -11.74 -33.96 15.07
N ALA A 402 -11.14 -34.47 16.13
CA ALA A 402 -10.13 -35.53 16.01
C ALA A 402 -10.22 -36.49 17.19
N VAL A 403 -9.79 -37.72 16.95
CA VAL A 403 -9.67 -38.72 18.01
C VAL A 403 -8.72 -38.23 19.10
N GLY A 404 -9.27 -38.06 20.31
CA GLY A 404 -8.49 -37.66 21.46
C GLY A 404 -8.86 -36.29 21.95
N SER A 405 -9.49 -35.52 21.07
CA SER A 405 -9.89 -34.15 21.38
C SER A 405 -11.14 -34.16 22.24
N ASP A 406 -11.42 -33.04 22.89
CA ASP A 406 -12.62 -32.91 23.70
C ASP A 406 -13.87 -33.01 22.83
N ALA A 407 -14.96 -33.46 23.43
CA ALA A 407 -16.21 -33.66 22.72
C ALA A 407 -17.01 -32.37 22.80
N ASP A 408 -16.47 -31.35 22.15
CA ASP A 408 -17.16 -30.06 22.01
C ASP A 408 -17.43 -29.89 20.53
N VAL A 409 -18.63 -30.27 20.11
CA VAL A 409 -19.01 -30.35 18.69
C VAL A 409 -20.28 -29.57 18.46
N VAL A 410 -20.42 -29.03 17.25
CA VAL A 410 -21.62 -28.30 16.86
C VAL A 410 -22.09 -28.83 15.50
N ILE A 411 -23.39 -29.08 15.37
CA ILE A 411 -23.95 -29.43 14.07
C ILE A 411 -24.52 -28.17 13.43
N TRP A 412 -23.88 -27.73 12.36
CA TRP A 412 -24.13 -26.42 11.77
C TRP A 412 -24.91 -26.52 10.47
N ASP A 413 -26.03 -25.81 10.41
CA ASP A 413 -26.86 -25.78 9.21
C ASP A 413 -26.61 -24.49 8.38
N PRO A 414 -25.93 -24.61 7.23
CA PRO A 414 -25.56 -23.44 6.42
C PRO A 414 -26.76 -22.75 5.79
N ASP A 415 -27.95 -23.29 5.99
CA ASP A 415 -29.13 -22.78 5.32
C ASP A 415 -30.18 -22.32 6.30
N LYS A 416 -29.98 -22.65 7.57
CA LYS A 416 -30.95 -22.30 8.60
C LYS A 416 -31.00 -20.79 8.84
N LEU A 417 -32.17 -20.19 8.62
CA LEU A 417 -32.31 -18.73 8.76
C LEU A 417 -32.53 -18.29 10.21
N LYS A 418 -31.93 -17.16 10.58
CA LYS A 418 -32.13 -16.55 11.90
C LYS A 418 -32.03 -15.03 11.81
N THR A 419 -33.06 -14.33 12.27
CA THR A 419 -33.01 -12.88 12.38
C THR A 419 -32.72 -12.53 13.83
N ILE A 420 -31.60 -11.85 14.06
CA ILE A 420 -31.18 -11.50 15.41
C ILE A 420 -32.08 -10.40 15.99
N THR A 421 -32.71 -10.70 17.12
CA THR A 421 -33.54 -9.72 17.82
C THR A 421 -33.27 -9.75 19.33
N ALA A 422 -33.58 -8.64 19.99
CA ALA A 422 -33.43 -8.58 21.44
C ALA A 422 -34.64 -9.25 22.09
N LYS A 423 -35.61 -9.56 21.24
CA LYS A 423 -36.87 -10.16 21.64
C LYS A 423 -36.78 -11.67 21.80
N SER A 424 -35.65 -12.25 21.41
CA SER A 424 -35.45 -13.69 21.46
C SER A 424 -34.04 -14.07 21.88
N HIS A 425 -33.23 -13.10 22.24
CA HIS A 425 -31.81 -13.37 22.59
C HIS A 425 -31.61 -13.82 24.06
N LYS A 426 -30.57 -14.59 24.32
CA LYS A 426 -30.37 -15.19 25.65
C LYS A 426 -29.55 -14.30 26.60
N SER A 427 -29.64 -12.99 26.37
CA SER A 427 -28.94 -11.99 27.18
C SER A 427 -29.93 -11.27 28.09
N ALA A 428 -29.43 -10.58 29.12
CA ALA A 428 -30.28 -9.90 30.08
C ALA A 428 -30.63 -8.45 29.68
N VAL A 429 -29.91 -7.93 28.69
CA VAL A 429 -30.02 -6.54 28.26
C VAL A 429 -31.16 -6.33 27.26
N GLU A 430 -31.60 -5.08 27.21
CA GLU A 430 -32.78 -4.70 26.47
C GLU A 430 -32.50 -4.46 24.97
N TYR A 431 -31.25 -4.11 24.63
CA TYR A 431 -30.87 -3.83 23.24
C TYR A 431 -29.86 -4.82 22.66
N ASN A 432 -29.96 -5.09 21.36
CA ASN A 432 -29.01 -5.97 20.70
C ASN A 432 -28.45 -5.26 19.47
N ILE A 433 -27.13 -5.13 19.45
CA ILE A 433 -26.45 -4.32 18.45
C ILE A 433 -26.56 -4.87 17.03
N PHE A 434 -27.09 -6.10 16.90
CA PHE A 434 -27.30 -6.66 15.58
C PHE A 434 -28.78 -6.75 15.24
N GLU A 435 -29.61 -6.03 15.99
CA GLU A 435 -31.05 -6.02 15.79
C GLU A 435 -31.49 -6.01 14.33
N GLY A 436 -32.22 -7.04 13.96
CA GLY A 436 -32.85 -7.10 12.65
C GLY A 436 -31.96 -7.65 11.56
N MET A 437 -30.74 -8.03 11.92
CA MET A 437 -29.83 -8.64 10.98
C MET A 437 -30.32 -10.02 10.62
N GLU A 438 -30.58 -10.25 9.32
CA GLU A 438 -31.06 -11.53 8.83
C GLU A 438 -29.90 -12.40 8.39
N CYS A 439 -29.60 -13.42 9.19
CA CYS A 439 -28.42 -14.24 8.95
C CYS A 439 -28.74 -15.60 8.33
N HIS A 440 -27.85 -16.03 7.42
CA HIS A 440 -28.05 -17.22 6.60
C HIS A 440 -27.07 -18.34 7.02
N GLY A 441 -27.36 -18.97 8.15
CA GLY A 441 -26.53 -20.05 8.68
C GLY A 441 -26.51 -20.06 10.20
N SER A 442 -27.11 -21.10 10.80
CA SER A 442 -27.27 -21.22 12.25
C SER A 442 -26.93 -22.63 12.71
N PRO A 443 -26.59 -22.79 14.01
CA PRO A 443 -26.41 -24.13 14.59
C PRO A 443 -27.74 -24.84 14.91
N LEU A 444 -27.78 -26.16 14.74
CA LEU A 444 -28.93 -26.97 15.14
C LEU A 444 -28.69 -27.61 16.49
N VAL A 445 -27.59 -28.36 16.57
CA VAL A 445 -27.24 -29.10 17.76
C VAL A 445 -25.88 -28.66 18.27
N VAL A 446 -25.83 -28.32 19.55
CA VAL A 446 -24.58 -27.98 20.19
C VAL A 446 -24.29 -28.98 21.33
N ILE A 447 -23.07 -29.49 21.36
CA ILE A 447 -22.64 -30.51 22.33
C ILE A 447 -21.43 -30.06 23.14
N SER A 448 -21.58 -29.97 24.46
CA SER A 448 -20.47 -29.56 25.32
C SER A 448 -20.04 -30.61 26.36
N GLN A 449 -18.75 -30.95 26.31
CA GLN A 449 -18.16 -31.93 27.24
C GLN A 449 -18.74 -33.33 27.08
N GLY A 450 -19.27 -33.61 25.89
CA GLY A 450 -19.84 -34.92 25.61
C GLY A 450 -21.36 -34.99 25.72
N LYS A 451 -21.98 -33.99 26.37
CA LYS A 451 -23.44 -33.99 26.49
C LYS A 451 -24.12 -32.86 25.70
N ILE A 452 -25.32 -33.13 25.18
CA ILE A 452 -26.06 -32.16 24.38
C ILE A 452 -26.71 -31.08 25.25
N VAL A 453 -26.39 -29.83 24.92
CA VAL A 453 -26.89 -28.67 25.64
C VAL A 453 -27.93 -27.90 24.83
N PHE A 454 -27.92 -28.09 23.52
CA PHE A 454 -28.85 -27.37 22.66
C PHE A 454 -29.34 -28.22 21.49
N GLU A 455 -30.65 -28.38 21.41
CA GLU A 455 -31.24 -29.20 20.37
C GLU A 455 -32.67 -28.75 20.09
N ASP A 456 -32.96 -28.48 18.82
CA ASP A 456 -34.32 -28.18 18.38
C ASP A 456 -34.90 -26.96 19.08
N GLY A 457 -34.02 -26.05 19.52
CA GLY A 457 -34.46 -24.86 20.23
C GLY A 457 -34.56 -25.01 21.74
N ASN A 458 -34.33 -26.23 22.24
CA ASN A 458 -34.40 -26.52 23.68
C ASN A 458 -33.03 -26.47 24.37
N ILE A 459 -32.98 -25.79 25.50
CA ILE A 459 -31.73 -25.60 26.24
C ILE A 459 -31.63 -26.48 27.48
N ASN A 460 -30.59 -27.30 27.53
CA ASN A 460 -30.30 -28.15 28.69
C ASN A 460 -28.87 -27.95 29.17
N VAL A 461 -28.63 -26.86 29.89
CA VAL A 461 -27.30 -26.56 30.41
C VAL A 461 -27.23 -26.79 31.92
N ASN A 462 -26.06 -27.12 32.42
CA ASN A 462 -25.87 -27.32 33.86
C ASN A 462 -24.91 -26.29 34.47
N LYS A 463 -25.41 -25.53 35.43
CA LYS A 463 -24.60 -24.55 36.16
C LYS A 463 -23.44 -25.22 36.90
N GLY A 464 -22.21 -24.80 36.57
CA GLY A 464 -21.02 -25.24 37.28
C GLY A 464 -20.36 -26.45 36.64
N MET A 465 -20.91 -26.87 35.50
CA MET A 465 -20.50 -28.07 34.75
C MET A 465 -19.22 -27.88 33.92
N GLY A 466 -18.94 -26.63 33.56
CA GLY A 466 -17.70 -26.30 32.87
C GLY A 466 -16.46 -26.45 33.73
N ARG A 467 -15.38 -26.88 33.06
CA ARG A 467 -14.06 -27.04 33.68
C ARG A 467 -13.13 -25.90 33.30
N PHE A 468 -12.19 -25.58 34.19
CA PHE A 468 -11.13 -24.63 33.87
C PHE A 468 -10.05 -25.37 33.10
N ILE A 469 -9.67 -24.83 31.94
CA ILE A 469 -8.65 -25.45 31.14
C ILE A 469 -7.31 -24.72 31.36
N PRO A 470 -6.34 -25.42 31.96
CA PRO A 470 -5.01 -24.81 32.11
C PRO A 470 -4.22 -24.84 30.81
N ARG A 471 -3.44 -23.79 30.60
CA ARG A 471 -2.69 -23.64 29.36
C ARG A 471 -1.20 -23.53 29.62
N LYS A 472 -0.44 -24.31 28.86
CA LYS A 472 1.01 -24.38 29.04
C LYS A 472 1.69 -23.15 28.45
N ALA A 473 2.78 -22.69 29.06
CA ALA A 473 3.54 -21.59 28.49
C ALA A 473 4.26 -21.97 27.17
N PHE A 474 4.77 -20.96 26.47
CA PHE A 474 5.48 -21.10 25.19
C PHE A 474 4.73 -21.84 24.08
N PRO A 475 3.59 -21.28 23.62
CA PRO A 475 2.91 -21.89 22.48
C PRO A 475 3.74 -21.90 21.20
N GLU A 476 4.00 -23.10 20.66
CA GLU A 476 4.81 -23.28 19.45
C GLU A 476 4.39 -22.40 18.25
N HIS A 477 3.08 -22.13 18.10
CA HIS A 477 2.59 -21.34 16.97
C HIS A 477 3.23 -19.95 16.97
N LEU A 478 3.48 -19.45 18.17
CA LEU A 478 4.03 -18.12 18.38
C LEU A 478 5.54 -18.16 18.68
N TYR A 479 5.95 -19.02 19.61
CA TYR A 479 7.33 -18.95 20.08
C TYR A 479 8.39 -19.69 19.26
N GLN A 480 7.98 -20.60 18.38
CA GLN A 480 8.96 -21.31 17.53
C GLN A 480 9.78 -20.37 16.66
N ARG A 481 9.15 -19.31 16.19
CA ARG A 481 9.83 -18.29 15.40
C ARG A 481 10.62 -17.32 16.27
N VAL A 482 10.19 -17.20 17.53
CA VAL A 482 10.89 -16.33 18.47
C VAL A 482 12.26 -16.93 18.80
N LYS A 483 12.28 -18.20 19.19
CA LYS A 483 13.53 -18.90 19.54
C LYS A 483 14.60 -18.80 18.46
N ILE A 484 14.20 -18.89 17.20
CA ILE A 484 15.14 -18.82 16.08
C ILE A 484 15.68 -17.41 15.90
N ARG A 485 14.81 -16.42 16.07
CA ARG A 485 15.19 -15.03 15.88
C ARG A 485 16.07 -14.55 17.02
N ASN A 486 16.05 -15.24 18.15
CA ASN A 486 16.93 -14.90 19.26
C ASN A 486 18.40 -15.13 18.92
N LYS A 487 18.68 -16.23 18.23
CA LYS A 487 20.05 -16.65 17.94
C LYS A 487 20.59 -15.99 16.67
N VAL A 488 19.70 -15.47 15.84
CA VAL A 488 20.11 -14.71 14.65
C VAL A 488 20.50 -13.26 15.01
N PHE A 489 19.80 -12.72 16.01
CA PHE A 489 20.00 -11.35 16.51
C PHE A 489 21.44 -11.06 17.01
N GLY A 490 22.01 -11.99 17.78
CA GLY A 490 23.36 -11.85 18.28
C GLY A 490 24.35 -12.75 17.55
N ASP B 15 5.93 -53.04 3.65
CA ASP B 15 6.97 -53.52 4.61
C ASP B 15 7.08 -52.65 5.88
N ARG B 16 7.54 -53.27 6.97
CA ARG B 16 7.31 -52.75 8.33
C ARG B 16 8.51 -51.98 8.91
N LEU B 17 8.26 -50.76 9.40
CA LEU B 17 9.33 -49.81 9.76
C LEU B 17 8.91 -48.88 10.91
N LEU B 18 9.82 -48.57 11.80
CA LEU B 18 9.49 -47.74 12.95
C LEU B 18 10.50 -46.62 13.16
N ILE B 19 10.00 -45.41 13.37
CA ILE B 19 10.87 -44.25 13.59
C ILE B 19 10.79 -43.75 15.03
N LYS B 20 11.82 -44.01 15.83
CA LYS B 20 11.77 -43.65 17.25
C LYS B 20 12.42 -42.32 17.59
N GLY B 21 11.82 -41.63 18.57
CA GLY B 21 12.36 -40.41 19.16
C GLY B 21 12.50 -39.21 18.24
N GLY B 22 11.54 -39.05 17.35
CA GLY B 22 11.57 -37.95 16.40
C GLY B 22 10.55 -36.89 16.72
N ARG B 23 10.85 -35.67 16.31
CA ARG B 23 9.88 -34.61 16.45
C ARG B 23 9.10 -34.50 15.14
N ILE B 24 7.84 -34.94 15.18
CA ILE B 24 6.95 -34.94 14.03
C ILE B 24 6.50 -33.52 13.74
N ILE B 25 6.75 -33.05 12.52
CA ILE B 25 6.40 -31.69 12.14
C ILE B 25 5.36 -31.64 11.01
N ASN B 26 4.11 -31.34 11.36
CA ASN B 26 3.13 -30.99 10.32
C ASN B 26 2.95 -29.49 10.18
N ASP B 27 2.08 -29.08 9.26
CA ASP B 27 1.80 -27.67 9.07
C ASP B 27 0.98 -27.09 10.24
N ASP B 28 0.29 -27.96 10.98
CA ASP B 28 -0.62 -27.50 12.05
C ASP B 28 -0.05 -27.55 13.48
N GLN B 29 0.71 -28.60 13.79
CA GLN B 29 1.31 -28.75 15.11
C GLN B 29 2.59 -29.57 15.04
N SER B 30 3.31 -29.67 16.15
CA SER B 30 4.49 -30.53 16.26
C SER B 30 4.40 -31.37 17.52
N LEU B 31 4.66 -32.66 17.40
CA LEU B 31 4.64 -33.52 18.59
C LEU B 31 5.79 -34.50 18.60
N TYR B 32 6.22 -34.83 19.81
CA TYR B 32 7.21 -35.87 20.03
C TYR B 32 6.50 -37.20 20.12
N ALA B 33 6.68 -38.03 19.10
CA ALA B 33 6.03 -39.34 19.05
C ALA B 33 6.81 -40.23 18.09
N ASP B 34 6.56 -41.54 18.16
CA ASP B 34 7.15 -42.47 17.20
C ASP B 34 6.23 -42.62 16.00
N VAL B 35 6.80 -42.75 14.81
CA VAL B 35 6.01 -43.03 13.61
C VAL B 35 6.20 -44.46 13.11
N TYR B 36 5.10 -45.19 12.97
CA TYR B 36 5.14 -46.60 12.61
C TYR B 36 4.58 -46.83 11.20
N LEU B 37 5.43 -47.31 10.30
CA LEU B 37 5.07 -47.50 8.89
C LEU B 37 4.87 -48.98 8.50
N GLU B 38 3.86 -49.26 7.68
CA GLU B 38 3.68 -50.58 7.10
C GLU B 38 2.81 -50.49 5.85
N ASP B 39 3.14 -51.29 4.84
CA ASP B 39 2.32 -51.38 3.62
C ASP B 39 2.04 -50.05 2.92
N GLY B 40 3.07 -49.23 2.79
CA GLY B 40 3.00 -48.01 2.01
C GLY B 40 2.36 -46.83 2.70
N LEU B 41 1.94 -47.02 3.96
CA LEU B 41 1.17 -46.03 4.70
C LEU B 41 1.69 -45.85 6.14
N ILE B 42 1.33 -44.72 6.75
CA ILE B 42 1.58 -44.52 8.17
C ILE B 42 0.49 -45.26 8.95
N LYS B 43 0.89 -46.25 9.75
CA LYS B 43 -0.08 -47.08 10.47
C LYS B 43 -0.44 -46.57 11.87
N GLN B 44 0.54 -46.05 12.61
CA GLN B 44 0.32 -45.66 14.00
C GLN B 44 1.22 -44.49 14.39
N ILE B 45 0.75 -43.65 15.32
CA ILE B 45 1.57 -42.59 15.90
C ILE B 45 1.28 -42.50 17.40
N GLY B 46 2.35 -42.51 18.19
CA GLY B 46 2.24 -42.57 19.65
C GLY B 46 3.61 -42.52 20.29
N GLU B 47 3.65 -42.39 21.61
CA GLU B 47 4.93 -42.20 22.30
C GLU B 47 5.62 -43.52 22.64
N ASN B 48 4.86 -44.45 23.22
CA ASN B 48 5.38 -45.79 23.49
C ASN B 48 4.70 -46.84 22.65
N LEU B 49 5.19 -47.01 21.43
CA LEU B 49 4.56 -47.93 20.49
C LEU B 49 5.06 -49.34 20.69
N ILE B 50 4.11 -50.25 20.94
CA ILE B 50 4.44 -51.68 21.05
C ILE B 50 4.42 -52.38 19.67
N VAL B 51 5.63 -52.60 19.14
CA VAL B 51 5.81 -53.23 17.84
C VAL B 51 6.33 -54.65 18.02
N PRO B 52 6.09 -55.53 17.04
CA PRO B 52 6.69 -56.86 17.06
C PRO B 52 8.22 -56.83 17.24
N GLY B 53 8.74 -57.96 17.73
CA GLY B 53 10.17 -58.12 17.86
C GLY B 53 10.84 -58.18 16.51
N GLY B 54 11.92 -57.41 16.39
CA GLY B 54 12.82 -57.50 15.26
C GLY B 54 12.53 -56.49 14.18
N VAL B 55 11.48 -55.68 14.39
CA VAL B 55 11.04 -54.65 13.46
C VAL B 55 12.15 -53.64 13.17
N LYS B 56 12.40 -53.37 11.89
CA LYS B 56 13.45 -52.42 11.50
C LYS B 56 13.16 -51.03 12.08
N THR B 57 14.06 -50.56 12.93
CA THR B 57 13.86 -49.31 13.65
C THR B 57 14.89 -48.28 13.22
N ILE B 58 14.43 -47.05 13.03
CA ILE B 58 15.33 -45.93 12.80
C ILE B 58 15.23 -45.00 14.01
N GLU B 59 16.40 -44.59 14.51
CA GLU B 59 16.45 -43.61 15.58
C GLU B 59 16.59 -42.22 14.96
N ALA B 60 15.63 -41.35 15.25
CA ALA B 60 15.64 -40.00 14.69
C ALA B 60 16.44 -39.11 15.64
N ASN B 61 16.33 -39.42 16.94
CA ASN B 61 17.13 -38.78 18.00
C ASN B 61 16.91 -37.26 18.08
N GLY B 62 15.66 -36.84 18.23
CA GLY B 62 15.37 -35.43 18.34
C GLY B 62 15.30 -34.68 17.02
N ARG B 63 15.78 -35.31 15.94
CA ARG B 63 15.67 -34.71 14.61
C ARG B 63 14.20 -34.54 14.21
N MET B 64 13.95 -33.81 13.12
CA MET B 64 12.59 -33.50 12.71
C MET B 64 12.07 -34.54 11.74
N VAL B 65 10.82 -34.95 11.94
CA VAL B 65 10.17 -35.87 11.02
C VAL B 65 9.11 -35.09 10.24
N ILE B 66 9.42 -34.77 8.98
CA ILE B 66 8.52 -33.96 8.14
C ILE B 66 7.98 -34.73 6.93
N PRO B 67 6.78 -34.37 6.47
CA PRO B 67 6.30 -35.04 5.26
C PRO B 67 7.16 -34.64 4.07
N GLY B 68 7.44 -35.61 3.19
CA GLY B 68 8.32 -35.38 2.06
C GLY B 68 7.71 -34.35 1.15
N GLY B 69 8.56 -33.49 0.62
CA GLY B 69 8.13 -32.40 -0.22
C GLY B 69 7.40 -32.77 -1.49
N ILE B 70 6.65 -31.80 -2.02
CA ILE B 70 5.91 -31.94 -3.26
C ILE B 70 6.32 -30.77 -4.13
N ASP B 71 7.11 -31.05 -5.16
CA ASP B 71 7.56 -30.05 -6.12
C ASP B 71 6.49 -29.85 -7.18
N VAL B 72 5.84 -28.70 -7.18
CA VAL B 72 4.70 -28.47 -8.05
C VAL B 72 5.04 -28.10 -9.49
N ASN B 73 6.28 -27.70 -9.74
CA ASN B 73 6.62 -27.20 -11.06
C ASN B 73 7.89 -27.82 -11.60
N THR B 74 7.75 -28.91 -12.37
CA THR B 74 8.90 -29.58 -12.98
C THR B 74 8.76 -29.79 -14.48
N TYR B 75 9.86 -29.53 -15.19
CA TYR B 75 9.96 -29.78 -16.63
C TYR B 75 11.08 -30.79 -16.91
N LEU B 76 10.94 -32.01 -16.41
CA LEU B 76 11.97 -33.02 -16.62
C LEU B 76 12.05 -33.56 -18.06
N GLN B 77 10.89 -33.80 -18.68
CA GLN B 77 10.87 -34.46 -19.99
C GLN B 77 11.35 -33.63 -21.19
N LYS B 78 10.96 -32.36 -21.27
CA LYS B 78 11.39 -31.53 -22.41
C LYS B 78 12.91 -31.21 -22.42
N ALA B 86 19.93 -34.59 -21.58
CA ALA B 86 21.08 -34.74 -20.67
C ALA B 86 20.70 -35.44 -19.37
N ASP B 87 19.59 -35.00 -18.77
CA ASP B 87 19.05 -35.63 -17.56
C ASP B 87 17.66 -36.18 -17.82
N ASP B 88 17.51 -37.49 -17.67
CA ASP B 88 16.24 -38.15 -17.93
C ASP B 88 15.32 -38.09 -16.72
N PHE B 89 14.16 -38.70 -16.84
CA PHE B 89 13.17 -38.70 -15.78
C PHE B 89 13.60 -39.52 -14.57
N PHE B 90 14.48 -40.50 -14.79
CA PHE B 90 15.00 -41.30 -13.70
C PHE B 90 15.94 -40.46 -12.82
N GLN B 91 16.87 -39.77 -13.47
CA GLN B 91 17.88 -38.97 -12.79
C GLN B 91 17.26 -37.82 -12.03
N GLY B 92 16.15 -37.32 -12.57
CA GLY B 92 15.41 -36.22 -11.98
C GLY B 92 14.73 -36.58 -10.67
N THR B 93 13.90 -37.63 -10.69
CA THR B 93 13.27 -38.11 -9.45
C THR B 93 14.30 -38.63 -8.43
N ARG B 94 15.44 -39.12 -8.93
CA ARG B 94 16.54 -39.56 -8.06
C ARG B 94 17.10 -38.36 -7.26
N ALA B 95 17.40 -37.27 -7.96
CA ALA B 95 17.85 -36.03 -7.32
C ALA B 95 16.79 -35.40 -6.42
N ALA B 96 15.53 -35.45 -6.86
CA ALA B 96 14.42 -35.01 -6.03
C ALA B 96 14.51 -35.71 -4.68
N LEU B 97 14.51 -37.05 -4.71
CA LEU B 97 14.56 -37.86 -3.48
C LEU B 97 15.74 -37.54 -2.54
N VAL B 98 16.92 -37.34 -3.12
CA VAL B 98 18.10 -36.90 -2.38
C VAL B 98 17.87 -35.57 -1.61
N GLY B 99 17.14 -34.66 -2.24
CA GLY B 99 16.79 -33.37 -1.63
C GLY B 99 15.62 -33.34 -0.68
N GLY B 100 14.83 -34.43 -0.62
CA GLY B 100 13.71 -34.53 0.32
C GLY B 100 12.34 -34.44 -0.34
N THR B 101 12.34 -34.31 -1.67
CA THR B 101 11.10 -34.25 -2.44
C THR B 101 10.70 -35.65 -2.84
N THR B 102 9.58 -36.11 -2.28
CA THR B 102 9.08 -37.45 -2.57
C THR B 102 7.90 -37.44 -3.54
N MET B 103 7.53 -36.26 -4.01
CA MET B 103 6.56 -36.18 -5.10
C MET B 103 6.80 -34.99 -6.00
N ILE B 104 6.68 -35.21 -7.31
CA ILE B 104 6.73 -34.14 -8.30
C ILE B 104 5.47 -34.08 -9.15
N ILE B 105 5.25 -32.92 -9.74
CA ILE B 105 4.19 -32.75 -10.71
C ILE B 105 4.85 -32.17 -11.97
N ASP B 106 4.99 -33.00 -12.98
CA ASP B 106 5.71 -32.62 -14.17
C ASP B 106 4.74 -32.05 -15.21
N HIS B 107 5.24 -31.16 -16.06
CA HIS B 107 4.41 -30.49 -17.07
C HIS B 107 4.49 -31.18 -18.42
N VAL B 108 3.33 -31.54 -18.98
CA VAL B 108 3.25 -32.09 -20.34
C VAL B 108 3.25 -30.96 -21.35
N VAL B 109 4.19 -30.99 -22.28
CA VAL B 109 4.36 -29.92 -23.25
C VAL B 109 4.28 -30.51 -24.67
N PRO B 110 3.09 -30.43 -25.28
CA PRO B 110 2.79 -30.74 -26.67
C PRO B 110 3.17 -29.59 -27.61
N GLU B 111 3.42 -29.91 -28.88
CA GLU B 111 3.58 -28.88 -29.90
C GLU B 111 2.19 -28.33 -30.25
N PRO B 112 2.07 -27.01 -30.44
CA PRO B 112 0.78 -26.35 -30.67
C PRO B 112 0.01 -26.89 -31.90
N GLY B 113 -1.15 -27.49 -31.64
CA GLY B 113 -1.97 -28.08 -32.70
C GLY B 113 -2.16 -29.58 -32.54
N SER B 114 -1.16 -30.24 -31.93
CA SER B 114 -1.17 -31.70 -31.73
C SER B 114 -2.03 -32.11 -30.53
N SER B 115 -2.52 -33.34 -30.56
CA SER B 115 -3.42 -33.82 -29.52
C SER B 115 -2.80 -33.77 -28.13
N LEU B 116 -3.61 -33.39 -27.15
CA LEU B 116 -3.18 -33.35 -25.76
C LEU B 116 -3.09 -34.77 -25.24
N LEU B 117 -4.05 -35.60 -25.64
CA LEU B 117 -4.10 -37.01 -25.23
C LEU B 117 -2.86 -37.80 -25.66
N THR B 118 -2.42 -37.59 -26.90
CA THR B 118 -1.23 -38.28 -27.38
C THR B 118 0.02 -37.84 -26.61
N SER B 119 0.12 -36.55 -26.29
CA SER B 119 1.29 -36.05 -25.57
C SER B 119 1.28 -36.42 -24.08
N PHE B 120 0.08 -36.52 -23.52
CA PHE B 120 -0.09 -37.01 -22.16
C PHE B 120 0.31 -38.47 -22.04
N GLU B 121 -0.12 -39.27 -23.01
CA GLU B 121 0.15 -40.70 -23.00
C GLU B 121 1.64 -40.95 -23.18
N LYS B 122 2.26 -40.18 -24.07
CA LYS B 122 3.72 -40.21 -24.27
C LYS B 122 4.49 -39.86 -22.99
N TRP B 123 4.11 -38.76 -22.32
CA TRP B 123 4.72 -38.41 -21.02
C TRP B 123 4.49 -39.54 -20.00
N HIS B 124 3.22 -39.86 -19.77
CA HIS B 124 2.82 -40.90 -18.79
C HIS B 124 3.57 -42.21 -18.95
N GLU B 125 3.80 -42.63 -20.19
CA GLU B 125 4.53 -43.87 -20.43
C GLU B 125 5.99 -43.74 -19.99
N ALA B 126 6.66 -42.68 -20.45
CA ALA B 126 8.08 -42.44 -20.17
C ALA B 126 8.38 -42.31 -18.68
N ALA B 127 7.44 -41.71 -17.95
CA ALA B 127 7.58 -41.53 -16.51
C ALA B 127 7.35 -42.83 -15.76
N ASP B 128 6.34 -43.59 -16.17
CA ASP B 128 5.93 -44.78 -15.42
C ASP B 128 7.07 -45.82 -15.36
N THR B 129 7.92 -45.80 -16.40
CA THR B 129 9.06 -46.69 -16.51
C THR B 129 10.36 -46.12 -15.92
N LYS B 130 10.40 -44.83 -15.59
CA LYS B 130 11.64 -44.19 -15.14
C LYS B 130 11.59 -43.52 -13.75
N SER B 131 10.39 -43.19 -13.27
CA SER B 131 10.21 -42.39 -12.04
C SER B 131 10.51 -43.18 -10.76
N CYS B 132 11.35 -42.63 -9.88
CA CYS B 132 11.70 -43.30 -8.61
C CYS B 132 10.72 -42.96 -7.47
N CYS B 133 9.96 -41.89 -7.66
CA CYS B 133 9.03 -41.37 -6.65
C CYS B 133 7.65 -41.19 -7.27
N ASP B 134 6.63 -41.06 -6.42
CA ASP B 134 5.28 -40.77 -6.91
C ASP B 134 5.20 -39.47 -7.72
N TYR B 135 4.31 -39.42 -8.70
CA TYR B 135 4.24 -38.25 -9.60
C TYR B 135 2.81 -38.00 -10.08
N SER B 136 2.53 -36.74 -10.42
CA SER B 136 1.29 -36.37 -11.12
C SER B 136 1.70 -35.62 -12.36
N LEU B 137 0.72 -35.23 -13.18
CA LEU B 137 1.05 -34.52 -14.40
C LEU B 137 0.22 -33.25 -14.65
N HIS B 138 0.88 -32.13 -14.92
CA HIS B 138 0.24 -30.95 -15.48
C HIS B 138 0.22 -31.10 -16.98
N VAL B 139 -0.83 -30.62 -17.62
CA VAL B 139 -0.88 -30.54 -19.07
C VAL B 139 -0.94 -29.09 -19.51
N ASP B 140 0.05 -28.67 -20.30
CA ASP B 140 0.10 -27.31 -20.81
C ASP B 140 -0.72 -27.19 -22.10
N ILE B 141 -1.66 -26.26 -22.11
CA ILE B 141 -2.47 -25.98 -23.29
C ILE B 141 -1.78 -24.94 -24.14
N THR B 142 -0.82 -25.40 -24.94
CA THR B 142 -0.04 -24.55 -25.84
C THR B 142 -0.83 -23.85 -26.97
N SER B 143 -2.00 -24.38 -27.32
CA SER B 143 -2.85 -23.73 -28.31
C SER B 143 -4.31 -24.10 -28.11
N TRP B 144 -5.19 -23.12 -28.26
CA TRP B 144 -6.62 -23.34 -28.15
C TRP B 144 -7.22 -23.73 -29.50
N TYR B 145 -6.84 -24.90 -30.01
CA TYR B 145 -7.30 -25.34 -31.33
C TYR B 145 -8.70 -25.95 -31.25
N ASP B 146 -9.32 -26.09 -32.42
CA ASP B 146 -10.65 -26.68 -32.52
C ASP B 146 -10.58 -28.16 -32.13
N GLY B 147 -11.33 -28.52 -31.10
CA GLY B 147 -11.39 -29.91 -30.65
C GLY B 147 -10.61 -30.13 -29.36
N VAL B 148 -10.25 -29.05 -28.71
CA VAL B 148 -9.43 -29.12 -27.51
C VAL B 148 -10.30 -29.33 -26.28
N ARG B 149 -11.52 -28.81 -26.33
CA ARG B 149 -12.50 -28.93 -25.24
C ARG B 149 -12.83 -30.37 -24.91
N GLU B 150 -13.03 -31.17 -25.94
CA GLU B 150 -13.41 -32.57 -25.74
C GLU B 150 -12.27 -33.36 -25.12
N GLU B 151 -11.04 -33.08 -25.56
CA GLU B 151 -9.85 -33.73 -25.02
C GLU B 151 -9.65 -33.38 -23.56
N LEU B 152 -9.91 -32.12 -23.22
CA LEU B 152 -9.80 -31.64 -21.84
C LEU B 152 -10.79 -32.34 -20.91
N GLU B 153 -11.96 -32.68 -21.42
CA GLU B 153 -12.92 -33.41 -20.60
C GLU B 153 -12.37 -34.80 -20.33
N VAL B 154 -11.70 -35.37 -21.34
CA VAL B 154 -11.13 -36.70 -21.19
C VAL B 154 -9.98 -36.70 -20.18
N LEU B 155 -9.14 -35.68 -20.27
CA LEU B 155 -8.01 -35.56 -19.36
C LEU B 155 -8.44 -35.44 -17.92
N VAL B 156 -9.58 -34.82 -17.66
CA VAL B 156 -10.03 -34.58 -16.29
C VAL B 156 -10.77 -35.76 -15.69
N GLN B 157 -11.75 -36.28 -16.42
CA GLN B 157 -12.64 -37.31 -15.90
C GLN B 157 -12.02 -38.69 -16.01
N ASP B 158 -11.35 -38.95 -17.13
CA ASP B 158 -10.81 -40.27 -17.39
C ASP B 158 -9.36 -40.43 -16.94
N LYS B 159 -8.53 -39.43 -17.22
CA LYS B 159 -7.08 -39.57 -17.04
C LYS B 159 -6.50 -39.11 -15.68
N GLY B 160 -7.30 -38.46 -14.85
CA GLY B 160 -6.84 -38.05 -13.52
C GLY B 160 -5.92 -36.84 -13.49
N VAL B 161 -6.14 -35.90 -14.41
CA VAL B 161 -5.41 -34.64 -14.40
C VAL B 161 -6.39 -33.50 -14.10
N ASN B 162 -6.03 -32.67 -13.12
CA ASN B 162 -6.90 -31.57 -12.67
C ASN B 162 -6.21 -30.22 -12.72
N SER B 163 -5.06 -30.15 -13.39
CA SER B 163 -4.33 -28.89 -13.48
C SER B 163 -3.76 -28.69 -14.89
N PHE B 164 -3.86 -27.45 -15.37
CA PHE B 164 -3.48 -27.10 -16.73
C PHE B 164 -2.82 -25.73 -16.77
N GLN B 165 -1.77 -25.58 -17.56
CA GLN B 165 -1.14 -24.28 -17.71
C GLN B 165 -1.49 -23.63 -19.05
N VAL B 166 -1.80 -22.33 -19.01
CA VAL B 166 -1.94 -21.51 -20.22
C VAL B 166 -0.83 -20.47 -20.24
N TYR B 167 -0.42 -20.04 -21.43
CA TYR B 167 0.67 -19.06 -21.54
C TYR B 167 0.14 -17.70 -21.97
N MET B 168 0.76 -16.62 -21.50
CA MET B 168 0.52 -15.29 -22.07
C MET B 168 1.80 -14.76 -22.73
N ALA B 169 2.88 -15.53 -22.61
CA ALA B 169 4.13 -15.19 -23.28
C ALA B 169 4.33 -16.07 -24.51
N TYR B 170 5.42 -15.79 -25.23
CA TYR B 170 5.73 -16.47 -26.49
C TYR B 170 4.70 -16.14 -27.58
N LYS B 171 4.90 -15.01 -28.23
CA LYS B 171 4.01 -14.53 -29.28
C LYS B 171 3.97 -15.50 -30.47
N ASP B 172 2.77 -15.77 -30.98
CA ASP B 172 2.58 -16.62 -32.17
C ASP B 172 3.01 -18.09 -31.99
N VAL B 173 3.41 -18.45 -30.77
CA VAL B 173 3.85 -19.80 -30.47
C VAL B 173 2.90 -20.47 -29.47
N TYR B 174 2.89 -19.99 -28.24
CA TYR B 174 2.07 -20.55 -27.18
C TYR B 174 1.02 -19.56 -26.68
N GLN B 175 1.18 -18.28 -27.06
CA GLN B 175 0.42 -17.17 -26.48
C GLN B 175 -1.08 -17.16 -26.78
N MET B 176 -1.87 -16.90 -25.74
CA MET B 176 -3.32 -16.83 -25.86
C MET B 176 -3.79 -15.40 -25.73
N SER B 177 -4.65 -14.98 -26.65
CA SER B 177 -5.24 -13.65 -26.57
C SER B 177 -6.17 -13.53 -25.37
N ASP B 178 -6.59 -12.31 -25.08
CA ASP B 178 -7.44 -12.04 -23.94
C ASP B 178 -8.78 -12.76 -24.12
N SER B 179 -9.20 -12.87 -25.38
CA SER B 179 -10.46 -13.51 -25.73
C SER B 179 -10.33 -15.00 -25.48
N GLN B 180 -9.21 -15.56 -25.92
CA GLN B 180 -8.93 -16.98 -25.70
C GLN B 180 -8.80 -17.33 -24.22
N LEU B 181 -8.01 -16.56 -23.47
CA LEU B 181 -7.87 -16.75 -22.03
C LEU B 181 -9.22 -16.75 -21.29
N TYR B 182 -10.10 -15.79 -21.61
CA TYR B 182 -11.44 -15.78 -21.02
C TYR B 182 -12.22 -17.08 -21.30
N GLU B 183 -12.13 -17.57 -22.53
CA GLU B 183 -12.78 -18.81 -22.92
C GLU B 183 -12.19 -20.00 -22.16
N ALA B 184 -10.87 -20.12 -22.20
CA ALA B 184 -10.13 -21.16 -21.48
C ALA B 184 -10.44 -21.20 -19.97
N PHE B 185 -10.41 -20.04 -19.30
CA PHE B 185 -10.69 -19.96 -17.86
C PHE B 185 -12.13 -20.39 -17.52
N THR B 186 -13.08 -20.08 -18.41
CA THR B 186 -14.48 -20.38 -18.16
C THR B 186 -14.72 -21.87 -18.28
N PHE B 187 -14.16 -22.44 -19.33
CA PHE B 187 -14.29 -23.86 -19.61
C PHE B 187 -13.60 -24.74 -18.55
N LEU B 188 -12.40 -24.31 -18.13
CA LEU B 188 -11.64 -24.96 -17.07
C LEU B 188 -12.30 -24.80 -15.69
N LYS B 189 -13.03 -23.71 -15.46
CA LYS B 189 -13.79 -23.53 -14.24
C LYS B 189 -14.97 -24.51 -14.21
N GLY B 190 -15.45 -24.89 -15.39
CA GLY B 190 -16.60 -25.77 -15.53
C GLY B 190 -16.23 -27.20 -15.19
N LEU B 191 -14.97 -27.53 -15.47
CA LEU B 191 -14.38 -28.84 -15.20
C LEU B 191 -13.88 -29.04 -13.76
N GLY B 192 -13.74 -27.94 -13.01
CA GLY B 192 -13.20 -28.01 -11.67
C GLY B 192 -11.69 -28.18 -11.65
N ALA B 193 -11.05 -27.52 -12.61
CA ALA B 193 -9.61 -27.62 -12.83
C ALA B 193 -8.87 -26.46 -12.18
N VAL B 194 -7.60 -26.70 -11.81
CA VAL B 194 -6.69 -25.66 -11.31
C VAL B 194 -6.01 -25.05 -12.52
N ILE B 195 -6.19 -23.76 -12.70
CA ILE B 195 -5.66 -23.08 -13.88
C ILE B 195 -4.30 -22.44 -13.57
N LEU B 196 -3.24 -23.00 -14.14
CA LEU B 196 -1.92 -22.39 -13.93
C LEU B 196 -1.65 -21.41 -15.05
N VAL B 197 -0.93 -20.34 -14.73
CA VAL B 197 -0.64 -19.31 -15.72
C VAL B 197 0.85 -19.05 -15.82
N HIS B 198 1.38 -19.07 -17.04
CA HIS B 198 2.71 -18.54 -17.28
C HIS B 198 2.58 -17.06 -17.68
N ALA B 199 2.80 -16.16 -16.73
CA ALA B 199 2.46 -14.75 -16.88
C ALA B 199 3.60 -13.80 -17.26
N GLU B 200 3.73 -13.52 -18.55
CA GLU B 200 4.58 -12.43 -19.04
C GLU B 200 3.92 -11.88 -20.28
N ASN B 201 4.06 -10.59 -20.55
CA ASN B 201 3.44 -10.06 -21.76
C ASN B 201 4.20 -10.43 -23.03
N GLY B 202 3.71 -11.45 -23.75
CA GLY B 202 4.36 -11.98 -24.94
C GLY B 202 4.55 -10.99 -26.08
N ASP B 203 3.59 -10.07 -26.24
CA ASP B 203 3.61 -9.08 -27.31
C ASP B 203 4.69 -8.01 -27.07
N LEU B 204 4.75 -7.52 -25.84
CA LEU B 204 5.75 -6.51 -25.44
C LEU B 204 7.16 -7.08 -25.33
N ILE B 205 7.26 -8.34 -24.94
CA ILE B 205 8.56 -8.99 -24.85
C ILE B 205 9.16 -9.02 -26.26
N ALA B 206 8.30 -9.31 -27.24
CA ALA B 206 8.68 -9.39 -28.65
C ALA B 206 9.35 -8.10 -29.13
N GLN B 207 8.69 -6.98 -28.83
CA GLN B 207 9.18 -5.65 -29.16
C GLN B 207 10.49 -5.35 -28.45
N GLU B 208 10.62 -5.87 -27.23
CA GLU B 208 11.83 -5.68 -26.44
C GLU B 208 12.99 -6.58 -26.90
N GLN B 209 12.66 -7.77 -27.39
CA GLN B 209 13.67 -8.62 -28.02
C GLN B 209 14.26 -7.94 -29.27
N LYS B 210 13.41 -7.41 -30.14
CA LYS B 210 13.89 -6.74 -31.36
C LYS B 210 14.82 -5.57 -31.03
N ARG B 211 14.44 -4.80 -30.02
CA ARG B 211 15.21 -3.61 -29.66
C ARG B 211 16.61 -3.92 -29.11
N ILE B 212 16.68 -4.94 -28.25
CA ILE B 212 17.94 -5.33 -27.62
C ILE B 212 18.89 -5.98 -28.62
N LEU B 213 18.36 -6.80 -29.51
CA LEU B 213 19.14 -7.40 -30.58
C LEU B 213 19.71 -6.34 -31.54
N GLU B 214 18.93 -5.31 -31.83
CA GLU B 214 19.39 -4.22 -32.68
C GLU B 214 20.42 -3.33 -31.97
N MET B 215 20.55 -3.50 -30.66
CA MET B 215 21.52 -2.72 -29.88
C MET B 215 22.87 -3.44 -29.83
N GLY B 216 22.91 -4.65 -30.35
CA GLY B 216 24.15 -5.41 -30.41
C GLY B 216 24.38 -6.34 -29.23
N ILE B 217 23.44 -6.35 -28.29
CA ILE B 217 23.48 -7.25 -27.14
C ILE B 217 22.92 -8.62 -27.49
N THR B 218 23.75 -9.66 -27.37
CA THR B 218 23.39 -11.02 -27.83
C THR B 218 23.54 -12.05 -26.72
N GLY B 219 24.36 -11.71 -25.73
CA GLY B 219 24.63 -12.60 -24.60
C GLY B 219 23.39 -12.82 -23.75
N PRO B 220 23.49 -13.70 -22.75
CA PRO B 220 22.35 -14.08 -21.91
C PRO B 220 21.78 -12.91 -21.09
N GLU B 221 22.58 -11.87 -20.84
CA GLU B 221 22.09 -10.65 -20.19
C GLU B 221 20.94 -9.99 -20.97
N GLY B 222 20.89 -10.24 -22.27
CA GLY B 222 19.83 -9.72 -23.12
C GLY B 222 18.50 -10.42 -22.85
N HIS B 223 18.55 -11.61 -22.26
CA HIS B 223 17.35 -12.34 -21.91
C HIS B 223 16.61 -11.70 -20.72
N ALA B 224 17.38 -11.13 -19.79
CA ALA B 224 16.82 -10.40 -18.64
C ALA B 224 16.30 -9.00 -19.00
N LEU B 225 16.90 -8.38 -20.00
CA LEU B 225 16.49 -7.04 -20.43
C LEU B 225 15.31 -7.06 -21.39
N SER B 226 15.13 -8.19 -22.08
CA SER B 226 13.98 -8.33 -22.97
C SER B 226 12.75 -8.75 -22.15
N ARG B 227 12.99 -9.17 -20.92
CA ARG B 227 11.91 -9.62 -20.04
C ARG B 227 12.06 -8.95 -18.68
N PRO B 228 11.82 -7.62 -18.63
CA PRO B 228 11.89 -6.95 -17.33
C PRO B 228 10.69 -7.29 -16.46
N GLU B 229 10.83 -7.07 -15.15
CA GLU B 229 9.83 -7.50 -14.19
C GLU B 229 8.49 -6.81 -14.41
N GLU B 230 8.53 -5.62 -15.00
CA GLU B 230 7.31 -4.87 -15.32
C GLU B 230 6.31 -5.65 -16.18
N LEU B 231 6.84 -6.35 -17.18
CA LEU B 231 6.06 -7.13 -18.13
C LEU B 231 5.49 -8.38 -17.50
N GLU B 232 6.18 -8.86 -16.48
CA GLU B 232 5.69 -9.96 -15.66
C GLU B 232 4.50 -9.46 -14.83
N ALA B 233 4.73 -8.41 -14.04
CA ALA B 233 3.68 -7.84 -13.18
C ALA B 233 2.41 -7.51 -13.95
N GLU B 234 2.59 -7.05 -15.19
CA GLU B 234 1.47 -6.73 -16.07
C GLU B 234 0.61 -7.95 -16.43
N ALA B 235 1.22 -9.00 -16.98
CA ALA B 235 0.48 -10.20 -17.31
C ALA B 235 -0.14 -10.84 -16.07
N VAL B 236 0.59 -10.84 -14.95
CA VAL B 236 0.04 -11.35 -13.69
C VAL B 236 -1.29 -10.66 -13.37
N PHE B 237 -1.28 -9.33 -13.43
CA PHE B 237 -2.45 -8.52 -13.11
C PHE B 237 -3.61 -8.75 -14.09
N ARG B 238 -3.28 -8.93 -15.36
CA ARG B 238 -4.28 -9.21 -16.38
C ARG B 238 -4.90 -10.58 -16.12
N ALA B 239 -4.06 -11.49 -15.63
CA ALA B 239 -4.47 -12.87 -15.38
C ALA B 239 -5.45 -12.94 -14.21
N ILE B 240 -5.21 -12.09 -13.20
CA ILE B 240 -6.03 -12.05 -12.02
C ILE B 240 -7.36 -11.40 -12.36
N THR B 241 -7.32 -10.40 -13.23
CA THR B 241 -8.49 -9.61 -13.61
C THR B 241 -9.50 -10.52 -14.31
N ILE B 242 -8.99 -11.31 -15.25
CA ILE B 242 -9.81 -12.29 -15.96
C ILE B 242 -10.44 -13.31 -15.00
N ALA B 243 -9.63 -13.87 -14.12
CA ALA B 243 -10.11 -14.82 -13.10
C ALA B 243 -11.19 -14.25 -12.16
N GLY B 244 -11.06 -12.96 -11.80
CA GLY B 244 -11.97 -12.34 -10.87
C GLY B 244 -13.33 -12.09 -11.49
N ARG B 245 -13.34 -11.90 -12.81
CA ARG B 245 -14.59 -11.69 -13.54
C ARG B 245 -15.37 -12.99 -13.72
N ILE B 246 -14.64 -14.07 -13.98
CA ILE B 246 -15.28 -15.34 -14.26
C ILE B 246 -15.67 -16.05 -12.96
N ASN B 247 -14.98 -15.68 -11.88
CA ASN B 247 -15.04 -16.35 -10.58
C ASN B 247 -14.38 -17.71 -10.58
N CYS B 248 -13.11 -17.74 -10.91
CA CYS B 248 -12.38 -19.01 -10.90
C CYS B 248 -11.02 -18.83 -10.26
N PRO B 249 -10.46 -19.90 -9.68
CA PRO B 249 -9.12 -19.71 -9.10
C PRO B 249 -8.06 -19.58 -10.19
N VAL B 250 -7.01 -18.82 -9.92
CA VAL B 250 -5.91 -18.71 -10.85
C VAL B 250 -4.62 -18.98 -10.06
N TYR B 251 -3.68 -19.63 -10.73
CA TYR B 251 -2.45 -20.06 -10.09
C TYR B 251 -1.27 -19.50 -10.90
N ILE B 252 -0.45 -18.69 -10.27
CA ILE B 252 0.62 -18.01 -10.97
C ILE B 252 1.94 -18.75 -10.86
N THR B 253 2.38 -19.32 -11.96
CA THR B 253 3.60 -20.11 -11.95
C THR B 253 4.82 -19.22 -12.03
N LYS B 254 5.89 -19.66 -11.36
CA LYS B 254 7.19 -19.03 -11.42
C LYS B 254 7.19 -17.55 -11.05
N VAL B 255 6.81 -17.24 -9.82
CA VAL B 255 6.94 -15.86 -9.37
C VAL B 255 8.42 -15.53 -9.14
N MET B 256 8.93 -14.55 -9.89
CA MET B 256 10.35 -14.25 -9.93
C MET B 256 10.68 -12.85 -9.48
N SER B 257 9.65 -11.99 -9.34
CA SER B 257 9.88 -10.55 -9.11
C SER B 257 9.05 -9.93 -7.98
N LYS B 258 9.65 -8.95 -7.29
CA LYS B 258 8.97 -8.22 -6.24
C LYS B 258 7.63 -7.66 -6.74
N SER B 259 7.67 -6.92 -7.85
CA SER B 259 6.48 -6.25 -8.37
C SER B 259 5.29 -7.18 -8.68
N ALA B 260 5.57 -8.35 -9.24
CA ALA B 260 4.55 -9.37 -9.52
C ALA B 260 3.97 -9.93 -8.23
N ALA B 261 4.88 -10.23 -7.30
CA ALA B 261 4.51 -10.71 -5.98
C ALA B 261 3.54 -9.76 -5.29
N ASP B 262 3.82 -8.46 -5.39
CA ASP B 262 2.99 -7.44 -4.76
C ASP B 262 1.59 -7.38 -5.37
N ILE B 263 1.51 -7.48 -6.70
CA ILE B 263 0.24 -7.65 -7.42
C ILE B 263 -0.59 -8.81 -6.83
N ILE B 264 0.06 -9.94 -6.56
CA ILE B 264 -0.64 -11.10 -5.99
C ILE B 264 -1.04 -10.85 -4.54
N ALA B 265 -0.14 -10.28 -3.75
CA ALA B 265 -0.45 -9.95 -2.36
C ALA B 265 -1.62 -8.97 -2.23
N LEU B 266 -1.76 -8.05 -3.20
CA LEU B 266 -2.82 -7.04 -3.16
C LEU B 266 -4.18 -7.60 -3.60
N ALA B 267 -4.16 -8.55 -4.54
CA ALA B 267 -5.38 -9.10 -5.12
C ALA B 267 -6.04 -10.07 -4.15
N ARG B 268 -5.22 -10.68 -3.30
CA ARG B 268 -5.70 -11.61 -2.29
C ARG B 268 -6.58 -10.83 -1.32
N LYS B 269 -6.16 -9.61 -1.01
CA LYS B 269 -6.83 -8.79 -0.02
C LYS B 269 -8.18 -8.35 -0.53
N LYS B 270 -8.28 -8.16 -1.84
CA LYS B 270 -9.48 -7.62 -2.47
C LYS B 270 -10.61 -8.66 -2.62
N GLY B 271 -10.26 -9.89 -2.95
CA GLY B 271 -11.27 -10.89 -3.24
C GLY B 271 -10.79 -12.12 -4.00
N PRO B 272 -10.47 -11.95 -5.31
CA PRO B 272 -10.10 -13.04 -6.23
C PRO B 272 -9.16 -14.11 -5.65
N LEU B 273 -9.33 -15.34 -6.14
CA LEU B 273 -8.67 -16.51 -5.59
C LEU B 273 -7.37 -16.80 -6.28
N VAL B 274 -6.33 -16.08 -5.91
CA VAL B 274 -5.07 -16.15 -6.61
C VAL B 274 -3.98 -16.76 -5.74
N PHE B 275 -3.19 -17.66 -6.34
CA PHE B 275 -2.14 -18.38 -5.64
C PHE B 275 -0.82 -18.15 -6.35
N GLY B 276 0.22 -17.96 -5.56
CA GLY B 276 1.53 -17.67 -6.11
C GLY B 276 2.51 -18.78 -5.82
N GLU B 277 3.38 -19.05 -6.79
CA GLU B 277 4.41 -20.07 -6.63
C GLU B 277 5.80 -19.52 -6.99
N PRO B 278 6.56 -19.07 -5.98
CA PRO B 278 7.97 -18.80 -6.25
C PRO B 278 8.65 -20.14 -6.46
N ILE B 279 9.72 -20.15 -7.25
CA ILE B 279 10.53 -21.34 -7.39
C ILE B 279 11.81 -21.12 -6.62
N ALA B 280 12.43 -22.22 -6.21
CA ALA B 280 13.70 -22.20 -5.47
C ALA B 280 14.70 -21.16 -6.01
N ALA B 281 14.93 -21.16 -7.33
CA ALA B 281 15.81 -20.20 -7.99
C ALA B 281 15.60 -18.76 -7.53
N SER B 282 14.34 -18.32 -7.50
CA SER B 282 14.03 -16.92 -7.21
C SER B 282 14.14 -16.59 -5.72
N LEU B 283 14.01 -17.62 -4.87
CA LEU B 283 14.22 -17.49 -3.41
C LEU B 283 15.67 -17.56 -3.00
N GLY B 284 16.47 -18.29 -3.77
CA GLY B 284 17.83 -18.59 -3.38
C GLY B 284 18.86 -17.66 -3.97
N THR B 285 18.71 -17.32 -5.25
CA THR B 285 19.65 -16.44 -5.94
C THR B 285 18.93 -15.39 -6.77
N ASP B 286 19.69 -14.40 -7.24
CA ASP B 286 19.15 -13.37 -8.12
C ASP B 286 19.72 -13.44 -9.52
N GLY B 287 19.43 -12.44 -10.33
CA GLY B 287 19.83 -12.46 -11.73
C GLY B 287 20.97 -11.54 -12.09
N THR B 288 21.91 -11.34 -11.17
CA THR B 288 23.07 -10.51 -11.50
C THR B 288 24.09 -11.33 -12.26
N HIS B 289 23.88 -12.64 -12.27
CA HIS B 289 24.81 -13.61 -12.85
C HIS B 289 24.71 -13.68 -14.36
N TYR B 290 23.67 -13.06 -14.90
CA TYR B 290 23.54 -12.90 -16.34
C TYR B 290 24.66 -11.98 -16.89
N TRP B 291 25.24 -11.15 -16.03
CA TRP B 291 26.23 -10.18 -16.46
C TRP B 291 27.68 -10.67 -16.29
N SER B 292 27.83 -11.97 -16.05
CA SER B 292 29.15 -12.62 -15.85
C SER B 292 29.97 -12.71 -17.13
N LYS B 293 31.29 -12.64 -17.02
CA LYS B 293 32.17 -12.69 -18.17
C LYS B 293 32.11 -14.08 -18.78
N ASN B 294 31.85 -15.07 -17.92
CA ASN B 294 31.68 -16.46 -18.30
C ASN B 294 30.31 -16.75 -18.95
N TRP B 295 30.31 -16.86 -20.28
CA TRP B 295 29.08 -17.13 -21.03
C TRP B 295 28.36 -18.41 -20.56
N ALA B 296 29.10 -19.46 -20.21
CA ALA B 296 28.46 -20.73 -19.86
C ALA B 296 27.74 -20.64 -18.51
N LYS B 297 28.27 -19.76 -17.65
CA LYS B 297 27.69 -19.54 -16.33
C LYS B 297 26.44 -18.69 -16.45
N ALA B 298 26.50 -17.66 -17.28
CA ALA B 298 25.37 -16.77 -17.48
C ALA B 298 24.20 -17.52 -18.10
N ALA B 299 24.53 -18.43 -19.01
CA ALA B 299 23.51 -19.12 -19.80
C ALA B 299 22.73 -20.10 -18.94
N ALA B 300 23.39 -20.66 -17.94
CA ALA B 300 22.77 -21.65 -17.04
C ALA B 300 21.62 -21.08 -16.24
N PHE B 301 21.65 -19.76 -16.07
CA PHE B 301 20.64 -19.01 -15.31
C PHE B 301 19.43 -18.66 -16.18
N VAL B 302 19.55 -18.90 -17.47
CA VAL B 302 18.48 -18.48 -18.37
C VAL B 302 17.23 -19.33 -18.19
N THR B 303 16.19 -18.69 -17.68
CA THR B 303 14.87 -19.31 -17.58
C THR B 303 13.82 -18.23 -17.83
N SER B 304 12.56 -18.64 -18.00
CA SER B 304 11.48 -17.68 -18.14
C SER B 304 10.31 -17.99 -17.21
N PRO B 305 9.81 -16.95 -16.51
CA PRO B 305 10.41 -15.60 -16.46
C PRO B 305 11.77 -15.58 -15.75
N PRO B 306 12.61 -14.57 -16.06
CA PRO B 306 14.00 -14.49 -15.58
C PRO B 306 14.12 -14.10 -14.11
N LEU B 307 15.21 -14.56 -13.49
CA LEU B 307 15.62 -14.08 -12.17
C LEU B 307 15.80 -12.56 -12.18
N SER B 308 15.27 -11.88 -11.17
CA SER B 308 15.34 -10.42 -11.13
C SER B 308 16.77 -9.96 -10.82
N PRO B 309 17.30 -9.02 -11.62
CA PRO B 309 18.65 -8.47 -11.37
C PRO B 309 18.71 -7.69 -10.05
N ASP B 310 17.55 -7.47 -9.40
CA ASP B 310 17.48 -6.81 -8.10
C ASP B 310 17.84 -7.77 -6.95
N PRO B 311 19.02 -7.59 -6.33
CA PRO B 311 19.47 -8.54 -5.29
C PRO B 311 18.57 -8.64 -4.07
N THR B 312 17.68 -7.66 -3.90
CA THR B 312 16.77 -7.63 -2.75
C THR B 312 15.57 -8.54 -2.96
N THR B 313 15.45 -9.09 -4.17
CA THR B 313 14.31 -9.92 -4.57
C THR B 313 14.19 -11.23 -3.79
N PRO B 314 15.28 -12.02 -3.70
CA PRO B 314 15.09 -13.28 -2.95
C PRO B 314 14.65 -13.14 -1.49
N ASP B 315 15.02 -12.06 -0.79
CA ASP B 315 14.53 -11.87 0.58
C ASP B 315 13.06 -11.49 0.58
N TYR B 316 12.70 -10.51 -0.24
CA TYR B 316 11.32 -9.99 -0.30
C TYR B 316 10.33 -11.12 -0.56
N LEU B 317 10.58 -11.90 -1.62
CA LEU B 317 9.81 -13.11 -1.94
C LEU B 317 9.65 -14.07 -0.74
N THR B 318 10.74 -14.33 -0.05
CA THR B 318 10.68 -15.18 1.12
C THR B 318 9.77 -14.58 2.21
N SER B 319 9.71 -13.24 2.27
CA SER B 319 8.93 -12.56 3.30
C SER B 319 7.45 -12.77 3.09
N LEU B 320 7.08 -12.80 1.80
CA LEU B 320 5.70 -13.00 1.36
C LEU B 320 5.27 -14.46 1.50
N LEU B 321 6.25 -15.34 1.41
CA LEU B 321 6.06 -16.75 1.72
C LEU B 321 5.74 -16.92 3.22
N ALA B 322 6.44 -16.16 4.06
CA ALA B 322 6.28 -16.23 5.50
C ALA B 322 4.94 -15.72 5.99
N CYS B 323 4.41 -14.67 5.35
CA CYS B 323 3.13 -14.10 5.80
C CYS B 323 1.92 -14.79 5.20
N GLY B 324 2.01 -15.19 3.94
CA GLY B 324 1.01 -16.09 3.40
C GLY B 324 0.48 -15.69 2.06
N ASP B 325 1.24 -14.80 1.42
CA ASP B 325 0.87 -14.19 0.15
C ASP B 325 1.34 -15.04 -1.02
N LEU B 326 2.48 -15.69 -0.83
CA LEU B 326 2.86 -16.81 -1.66
C LEU B 326 2.58 -18.12 -0.87
N GLN B 327 2.07 -19.15 -1.55
CA GLN B 327 1.59 -20.34 -0.85
C GLN B 327 2.48 -21.57 -1.01
N VAL B 328 2.88 -21.85 -2.25
CA VAL B 328 3.65 -23.07 -2.57
C VAL B 328 5.03 -22.77 -3.16
N THR B 329 5.97 -23.68 -2.96
CA THR B 329 7.29 -23.59 -3.58
C THR B 329 7.49 -24.70 -4.62
N GLY B 330 8.13 -24.32 -5.72
CA GLY B 330 8.45 -25.25 -6.78
C GLY B 330 9.93 -25.13 -7.11
N SER B 331 10.32 -25.67 -8.25
CA SER B 331 11.73 -25.64 -8.65
C SER B 331 11.90 -25.13 -10.09
N GLY B 332 10.91 -25.40 -10.95
CA GLY B 332 10.94 -25.04 -12.35
C GLY B 332 12.08 -25.76 -13.04
N HIS B 333 12.39 -26.94 -12.50
CA HIS B 333 13.57 -27.71 -12.89
C HIS B 333 13.48 -28.11 -14.37
N CYS B 334 14.52 -27.76 -15.12
CA CYS B 334 14.60 -28.08 -16.55
C CYS B 334 16.07 -28.09 -16.92
N PRO B 335 16.68 -29.27 -16.87
CA PRO B 335 18.13 -29.46 -17.05
C PRO B 335 18.60 -29.37 -18.50
N TYR B 336 19.52 -28.44 -18.79
CA TYR B 336 20.17 -28.37 -20.09
C TYR B 336 21.69 -28.31 -19.93
N SER B 337 22.42 -29.12 -20.71
CA SER B 337 23.88 -29.16 -20.62
C SER B 337 24.49 -27.92 -21.26
N THR B 338 25.79 -27.70 -21.06
CA THR B 338 26.42 -26.48 -21.58
C THR B 338 26.42 -26.52 -23.10
N ALA B 339 26.62 -27.72 -23.63
CA ALA B 339 26.58 -27.93 -25.06
C ALA B 339 25.19 -27.67 -25.62
N GLN B 340 24.17 -28.16 -24.92
CA GLN B 340 22.79 -27.88 -25.33
C GLN B 340 22.46 -26.38 -25.28
N LYS B 341 23.04 -25.67 -24.28
CA LYS B 341 22.84 -24.23 -24.10
C LYS B 341 23.60 -23.41 -25.14
N ALA B 342 24.75 -23.92 -25.55
CA ALA B 342 25.62 -23.23 -26.52
C ALA B 342 24.93 -22.97 -27.87
N VAL B 343 23.77 -23.60 -28.10
CA VAL B 343 22.92 -23.32 -29.27
C VAL B 343 22.67 -21.82 -29.44
N GLY B 344 22.46 -21.14 -28.32
CA GLY B 344 22.20 -19.71 -28.35
C GLY B 344 23.44 -18.88 -28.06
N LYS B 345 24.60 -19.34 -28.53
CA LYS B 345 25.85 -18.62 -28.30
C LYS B 345 25.89 -17.25 -28.96
N ASP B 346 25.10 -17.08 -30.03
CA ASP B 346 25.08 -15.84 -30.80
C ASP B 346 23.72 -15.15 -30.78
N ASN B 347 22.76 -15.78 -30.11
CA ASN B 347 21.43 -15.22 -29.95
C ASN B 347 20.76 -15.78 -28.70
N PHE B 348 20.60 -14.95 -27.68
CA PHE B 348 19.98 -15.34 -26.41
C PHE B 348 18.54 -15.94 -26.51
N THR B 349 17.78 -15.55 -27.52
CA THR B 349 16.42 -16.09 -27.69
C THR B 349 16.40 -17.55 -28.12
N LEU B 350 17.58 -18.06 -28.47
CA LEU B 350 17.72 -19.44 -28.94
C LEU B 350 18.21 -20.34 -27.82
N ILE B 351 18.72 -19.72 -26.75
CA ILE B 351 19.13 -20.47 -25.55
C ILE B 351 17.94 -21.22 -24.95
N PRO B 352 18.09 -22.54 -24.73
CA PRO B 352 17.05 -23.33 -24.08
C PRO B 352 16.72 -22.76 -22.68
N GLU B 353 15.43 -22.74 -22.34
CA GLU B 353 15.01 -22.16 -21.08
C GLU B 353 14.86 -23.21 -19.98
N GLY B 354 15.66 -23.07 -18.93
CA GLY B 354 15.54 -23.91 -17.76
C GLY B 354 16.70 -23.74 -16.79
N VAL B 355 16.40 -23.97 -15.50
CA VAL B 355 17.45 -24.02 -14.49
C VAL B 355 17.34 -25.30 -13.66
N ASN B 356 18.26 -25.46 -12.71
CA ASN B 356 18.21 -26.56 -11.76
C ASN B 356 17.49 -26.18 -10.48
N GLY B 357 17.22 -27.16 -9.62
CA GLY B 357 16.60 -26.86 -8.34
C GLY B 357 15.75 -27.95 -7.74
N ILE B 358 15.46 -28.99 -8.51
CA ILE B 358 14.70 -30.14 -8.02
C ILE B 358 15.34 -30.77 -6.75
N GLU B 359 16.67 -30.78 -6.69
CA GLU B 359 17.40 -31.33 -5.55
C GLU B 359 17.49 -30.32 -4.39
N GLU B 360 17.84 -29.10 -4.76
CA GLU B 360 18.15 -28.03 -3.82
C GLU B 360 16.93 -27.43 -3.15
N ARG B 361 15.75 -27.63 -3.74
CA ARG B 361 14.56 -26.91 -3.32
C ARG B 361 14.30 -26.89 -1.82
N MET B 362 14.28 -28.04 -1.17
CA MET B 362 13.92 -28.02 0.25
C MET B 362 15.00 -27.43 1.15
N THR B 363 16.26 -27.66 0.76
CA THR B 363 17.43 -27.07 1.42
C THR B 363 17.56 -25.54 1.28
N VAL B 364 17.31 -25.03 0.08
CA VAL B 364 17.28 -23.58 -0.18
C VAL B 364 16.14 -22.89 0.56
N VAL B 365 14.93 -23.46 0.49
CA VAL B 365 13.78 -22.87 1.19
C VAL B 365 14.01 -22.85 2.68
N TRP B 366 14.48 -23.95 3.23
CA TRP B 366 14.82 -23.97 4.65
C TRP B 366 15.85 -22.87 5.04
N ASP B 367 16.95 -22.77 4.30
CA ASP B 367 18.00 -21.80 4.63
C ASP B 367 17.55 -20.33 4.57
N LYS B 368 16.67 -19.99 3.64
CA LYS B 368 16.25 -18.62 3.39
C LYS B 368 15.06 -18.20 4.24
N ALA B 369 14.30 -19.18 4.72
CA ALA B 369 13.04 -18.92 5.39
C ALA B 369 12.98 -19.38 6.84
N VAL B 370 13.69 -20.47 7.16
CA VAL B 370 13.64 -21.00 8.52
C VAL B 370 14.91 -20.71 9.31
N ALA B 371 16.05 -20.80 8.63
CA ALA B 371 17.34 -20.48 9.24
C ALA B 371 17.45 -19.00 9.59
N THR B 372 16.83 -18.15 8.77
CA THR B 372 16.82 -16.69 8.97
C THR B 372 15.82 -16.24 10.04
N GLY B 373 14.75 -17.02 10.22
CA GLY B 373 13.78 -16.76 11.28
C GLY B 373 12.44 -16.30 10.74
N LYS B 374 12.36 -16.14 9.43
CA LYS B 374 11.17 -15.60 8.80
C LYS B 374 9.92 -16.44 9.11
N MET B 375 10.10 -17.75 9.08
CA MET B 375 9.04 -18.69 9.44
C MET B 375 9.56 -19.86 10.27
N ASP B 376 8.62 -20.62 10.83
CA ASP B 376 8.98 -21.79 11.64
C ASP B 376 8.97 -23.07 10.80
N GLU B 377 9.17 -24.21 11.46
CA GLU B 377 9.23 -25.50 10.78
C GLU B 377 7.86 -25.96 10.32
N ASN B 378 6.80 -25.55 11.02
CA ASN B 378 5.44 -25.89 10.62
C ASN B 378 5.06 -25.25 9.30
N GLN B 379 5.37 -23.96 9.14
CA GLN B 379 5.06 -23.25 7.90
C GLN B 379 5.97 -23.72 6.77
N PHE B 380 7.15 -24.22 7.15
CA PHE B 380 8.10 -24.82 6.19
C PHE B 380 7.49 -26.02 5.50
N VAL B 381 6.76 -26.80 6.29
CA VAL B 381 6.11 -28.00 5.79
C VAL B 381 4.97 -27.57 4.89
N ALA B 382 4.30 -26.48 5.30
CA ALA B 382 3.18 -25.95 4.54
C ALA B 382 3.62 -25.48 3.17
N VAL B 383 4.68 -24.67 3.12
CA VAL B 383 5.18 -24.21 1.83
C VAL B 383 5.90 -25.29 0.98
N THR B 384 6.45 -26.33 1.62
CA THR B 384 7.13 -27.38 0.84
C THR B 384 6.27 -28.58 0.43
N SER B 385 5.24 -28.90 1.22
CA SER B 385 4.33 -29.99 0.87
C SER B 385 2.86 -29.64 1.07
N THR B 386 2.44 -29.44 2.32
CA THR B 386 1.01 -29.38 2.67
C THR B 386 0.12 -28.46 1.82
N ASN B 387 0.55 -27.23 1.57
CA ASN B 387 -0.25 -26.31 0.77
C ASN B 387 -0.45 -26.82 -0.65
N ALA B 388 0.62 -27.31 -1.29
CA ALA B 388 0.50 -27.88 -2.64
C ALA B 388 -0.51 -29.04 -2.71
N ALA B 389 -0.49 -29.89 -1.68
CA ALA B 389 -1.45 -30.98 -1.58
C ALA B 389 -2.89 -30.46 -1.56
N LYS B 390 -3.16 -29.50 -0.70
CA LYS B 390 -4.50 -28.96 -0.55
C LYS B 390 -4.99 -28.35 -1.85
N ILE B 391 -4.05 -27.75 -2.58
CA ILE B 391 -4.37 -27.06 -3.81
C ILE B 391 -4.70 -28.06 -4.93
N PHE B 392 -3.83 -29.04 -5.13
CA PHE B 392 -4.00 -29.93 -6.29
C PHE B 392 -4.82 -31.21 -5.98
N ASN B 393 -5.51 -31.21 -4.84
CA ASN B 393 -6.33 -32.33 -4.39
C ASN B 393 -5.49 -33.60 -4.12
N LEU B 394 -4.62 -33.53 -3.11
CA LEU B 394 -3.73 -34.63 -2.73
C LEU B 394 -3.69 -34.83 -1.23
N TYR B 395 -4.53 -34.09 -0.50
CA TYR B 395 -4.53 -34.06 0.97
C TYR B 395 -5.77 -34.81 1.50
N PRO B 396 -5.61 -35.53 2.62
CA PRO B 396 -4.39 -35.65 3.42
C PRO B 396 -3.48 -36.80 3.00
N ARG B 397 -3.63 -37.31 1.79
CA ARG B 397 -2.83 -38.44 1.32
C ARG B 397 -1.33 -38.14 1.30
N LYS B 398 -1.00 -36.92 0.86
CA LYS B 398 0.38 -36.42 0.81
C LYS B 398 0.45 -35.17 1.65
N GLY B 399 1.65 -34.82 2.11
CA GLY B 399 1.86 -33.58 2.82
C GLY B 399 1.38 -33.58 4.25
N ARG B 400 1.20 -34.77 4.83
CA ARG B 400 0.87 -34.87 6.25
C ARG B 400 1.39 -36.18 6.88
N ILE B 401 1.90 -36.09 8.11
CA ILE B 401 2.20 -37.29 8.89
C ILE B 401 1.03 -37.59 9.82
N ALA B 402 0.12 -38.44 9.34
CA ALA B 402 -1.06 -38.80 10.10
C ALA B 402 -1.49 -40.22 9.72
N VAL B 403 -2.16 -40.92 10.62
CA VAL B 403 -2.55 -42.30 10.37
C VAL B 403 -3.39 -42.44 9.10
N GLY B 404 -2.86 -43.19 8.12
CA GLY B 404 -3.60 -43.47 6.89
C GLY B 404 -3.01 -42.77 5.68
N SER B 405 -2.14 -41.79 5.94
CA SER B 405 -1.53 -41.03 4.87
C SER B 405 -0.39 -41.87 4.30
N ASP B 406 0.05 -41.53 3.10
CA ASP B 406 1.15 -42.24 2.46
C ASP B 406 2.40 -42.06 3.28
N ALA B 407 3.23 -43.08 3.29
CA ALA B 407 4.48 -43.05 4.02
C ALA B 407 5.57 -42.35 3.19
N ASP B 408 5.40 -41.04 2.97
CA ASP B 408 6.41 -40.22 2.32
C ASP B 408 7.00 -39.31 3.38
N VAL B 409 8.08 -39.75 4.02
CA VAL B 409 8.58 -39.15 5.25
C VAL B 409 10.06 -38.79 5.16
N VAL B 410 10.42 -37.58 5.60
CA VAL B 410 11.81 -37.16 5.65
C VAL B 410 12.27 -36.91 7.09
N ILE B 411 13.38 -37.52 7.47
CA ILE B 411 14.05 -37.22 8.73
C ILE B 411 14.97 -36.03 8.50
N TRP B 412 14.49 -34.85 8.87
CA TRP B 412 15.18 -33.60 8.55
C TRP B 412 16.11 -33.21 9.68
N ASP B 413 17.35 -32.87 9.35
CA ASP B 413 18.27 -32.39 10.37
C ASP B 413 18.55 -30.90 10.20
N PRO B 414 17.98 -30.07 11.09
CA PRO B 414 18.09 -28.61 11.00
C PRO B 414 19.51 -28.08 11.14
N ASP B 415 20.41 -28.89 11.68
CA ASP B 415 21.78 -28.42 11.96
C ASP B 415 22.82 -29.07 11.05
N LYS B 416 22.38 -30.01 10.21
CA LYS B 416 23.30 -30.67 9.30
C LYS B 416 23.73 -29.76 8.16
N LEU B 417 25.04 -29.57 8.02
CA LEU B 417 25.59 -28.68 7.01
C LEU B 417 25.56 -29.28 5.60
N LYS B 418 25.21 -28.45 4.62
CA LYS B 418 25.27 -28.85 3.23
C LYS B 418 25.78 -27.67 2.43
N THR B 419 26.80 -27.90 1.61
CA THR B 419 27.25 -26.89 0.65
C THR B 419 26.86 -27.34 -0.76
N ILE B 420 26.19 -26.45 -1.47
CA ILE B 420 25.70 -26.77 -2.80
C ILE B 420 26.81 -26.51 -3.82
N THR B 421 27.13 -27.54 -4.61
CA THR B 421 28.19 -27.45 -5.61
C THR B 421 27.80 -28.23 -6.86
N ALA B 422 28.50 -27.96 -7.96
CA ALA B 422 28.32 -28.71 -9.20
C ALA B 422 29.08 -30.06 -9.21
N LYS B 423 29.93 -30.29 -8.21
CA LYS B 423 30.68 -31.53 -8.14
C LYS B 423 29.88 -32.66 -7.52
N SER B 424 29.14 -32.34 -6.46
CA SER B 424 28.48 -33.37 -5.66
C SER B 424 27.01 -33.57 -6.02
N HIS B 425 26.43 -32.65 -6.76
CA HIS B 425 24.99 -32.73 -7.06
C HIS B 425 24.66 -33.83 -8.06
N LYS B 426 23.44 -34.37 -7.94
CA LYS B 426 23.01 -35.53 -8.72
C LYS B 426 22.45 -35.13 -10.09
N SER B 427 23.27 -34.46 -10.87
CA SER B 427 22.89 -34.08 -12.23
C SER B 427 24.12 -34.00 -13.14
N ALA B 428 23.87 -34.08 -14.44
CA ALA B 428 24.92 -34.09 -15.45
C ALA B 428 25.25 -32.70 -15.98
N VAL B 429 24.50 -31.68 -15.53
CA VAL B 429 24.80 -30.29 -15.89
C VAL B 429 26.08 -29.82 -15.22
N GLU B 430 26.85 -29.01 -15.94
CA GLU B 430 28.17 -28.54 -15.49
C GLU B 430 28.10 -27.41 -14.44
N TYR B 431 27.00 -26.64 -14.45
CA TYR B 431 26.85 -25.45 -13.61
C TYR B 431 25.64 -25.57 -12.67
N ASN B 432 25.77 -25.08 -11.43
CA ASN B 432 24.66 -25.01 -10.48
C ASN B 432 24.38 -23.53 -10.08
N ILE B 433 23.12 -23.12 -10.12
CA ILE B 433 22.76 -21.72 -9.88
C ILE B 433 22.82 -21.35 -8.40
N PHE B 434 22.96 -22.35 -7.54
CA PHE B 434 23.11 -22.12 -6.10
C PHE B 434 24.53 -22.48 -5.67
N GLU B 435 25.45 -22.46 -6.62
CA GLU B 435 26.84 -22.82 -6.39
C GLU B 435 27.48 -21.99 -5.27
N GLY B 436 28.00 -22.69 -4.25
CA GLY B 436 28.71 -22.04 -3.15
C GLY B 436 27.85 -21.74 -1.94
N MET B 437 26.55 -21.95 -2.08
CA MET B 437 25.59 -21.65 -1.02
C MET B 437 25.71 -22.62 0.16
N GLU B 438 26.02 -22.08 1.34
CA GLU B 438 26.11 -22.89 2.55
C GLU B 438 24.80 -22.85 3.32
N CYS B 439 24.17 -24.01 3.43
CA CYS B 439 22.86 -24.15 4.05
C CYS B 439 22.98 -24.87 5.38
N HIS B 440 22.13 -24.51 6.33
CA HIS B 440 22.11 -25.20 7.63
C HIS B 440 20.79 -25.92 7.84
N GLY B 441 20.71 -27.16 7.38
CA GLY B 441 19.51 -27.97 7.49
C GLY B 441 19.28 -28.74 6.21
N SER B 442 19.35 -30.06 6.29
CA SER B 442 19.25 -30.91 5.11
C SER B 442 18.62 -32.28 5.47
N PRO B 443 18.32 -33.14 4.47
CA PRO B 443 17.68 -34.40 4.86
C PRO B 443 18.67 -35.44 5.35
N LEU B 444 18.32 -36.25 6.36
CA LEU B 444 19.22 -37.32 6.79
C LEU B 444 18.80 -38.67 6.23
N VAL B 445 17.50 -38.93 6.30
CA VAL B 445 16.90 -40.16 5.82
C VAL B 445 15.65 -39.79 5.03
N VAL B 446 15.47 -40.40 3.88
CA VAL B 446 14.28 -40.19 3.05
C VAL B 446 13.54 -41.50 2.80
N ILE B 447 12.23 -41.50 3.08
CA ILE B 447 11.35 -42.67 2.94
C ILE B 447 10.24 -42.42 1.92
N SER B 448 10.22 -43.22 0.85
CA SER B 448 9.18 -43.12 -0.19
C SER B 448 8.44 -44.45 -0.41
N GLN B 449 7.14 -44.42 -0.13
CA GLN B 449 6.26 -45.59 -0.25
C GLN B 449 6.61 -46.66 0.77
N GLY B 450 6.90 -46.25 2.00
CA GLY B 450 7.28 -47.19 3.05
C GLY B 450 8.72 -47.73 3.03
N LYS B 451 9.50 -47.34 2.01
CA LYS B 451 10.86 -47.86 1.81
C LYS B 451 11.93 -46.78 1.85
N ILE B 452 13.07 -47.09 2.48
CA ILE B 452 14.18 -46.16 2.61
C ILE B 452 15.00 -46.01 1.33
N VAL B 453 15.00 -44.80 0.78
CA VAL B 453 15.66 -44.52 -0.50
C VAL B 453 16.90 -43.66 -0.34
N PHE B 454 17.10 -43.12 0.87
CA PHE B 454 18.28 -42.29 1.16
C PHE B 454 18.62 -42.42 2.65
N GLU B 455 19.88 -42.71 2.92
CA GLU B 455 20.33 -42.96 4.28
C GLU B 455 21.85 -42.92 4.29
N ASP B 456 22.41 -42.09 5.17
CA ASP B 456 23.87 -41.98 5.32
C ASP B 456 24.62 -41.62 4.02
N GLY B 457 23.97 -40.87 3.13
CA GLY B 457 24.57 -40.47 1.88
C GLY B 457 24.47 -41.52 0.78
N ASN B 458 23.81 -42.63 1.10
CA ASN B 458 23.62 -43.74 0.16
C ASN B 458 22.23 -43.71 -0.50
N ILE B 459 22.21 -43.62 -1.83
CA ILE B 459 20.98 -43.64 -2.59
C ILE B 459 20.62 -45.05 -3.01
N ASN B 460 19.39 -45.46 -2.70
CA ASN B 460 18.89 -46.78 -3.05
C ASN B 460 17.49 -46.69 -3.71
N VAL B 461 17.44 -46.20 -4.95
CA VAL B 461 16.18 -45.98 -5.68
C VAL B 461 15.93 -47.04 -6.77
N ASN B 462 14.64 -47.31 -7.00
CA ASN B 462 14.23 -48.29 -8.01
C ASN B 462 13.68 -47.64 -9.28
N LYS B 463 14.35 -47.83 -10.41
CA LYS B 463 13.89 -47.26 -11.68
C LYS B 463 12.49 -47.74 -12.07
N GLY B 464 11.55 -46.81 -12.17
CA GLY B 464 10.16 -47.13 -12.51
C GLY B 464 9.26 -47.51 -11.33
N MET B 465 9.77 -47.33 -10.10
CA MET B 465 9.02 -47.62 -8.88
C MET B 465 7.87 -46.63 -8.62
N GLY B 466 8.07 -45.38 -9.01
CA GLY B 466 7.05 -44.35 -8.84
C GLY B 466 5.71 -44.65 -9.52
N ARG B 467 4.64 -44.39 -8.78
CA ARG B 467 3.27 -44.54 -9.29
C ARG B 467 2.71 -43.20 -9.76
N PHE B 468 1.92 -43.22 -10.82
CA PHE B 468 1.14 -42.04 -11.19
C PHE B 468 0.01 -41.84 -10.18
N ILE B 469 -0.11 -40.62 -9.66
CA ILE B 469 -1.21 -40.30 -8.75
C ILE B 469 -2.29 -39.50 -9.45
N PRO B 470 -3.50 -40.06 -9.56
CA PRO B 470 -4.59 -39.31 -10.19
C PRO B 470 -5.19 -38.31 -9.22
N ARG B 471 -5.54 -37.12 -9.72
CA ARG B 471 -6.14 -36.05 -8.93
C ARG B 471 -7.55 -35.69 -9.37
N LYS B 472 -8.52 -35.79 -8.45
CA LYS B 472 -9.91 -35.50 -8.78
C LYS B 472 -10.12 -34.03 -9.12
N ALA B 473 -11.20 -33.72 -9.81
CA ALA B 473 -11.51 -32.32 -10.07
C ALA B 473 -12.22 -31.71 -8.87
N PHE B 474 -12.22 -30.37 -8.82
CA PHE B 474 -12.84 -29.56 -7.77
C PHE B 474 -12.20 -29.66 -6.37
N PRO B 475 -10.89 -29.36 -6.25
CA PRO B 475 -10.27 -29.29 -4.90
C PRO B 475 -11.02 -28.36 -3.94
N GLU B 476 -11.44 -28.93 -2.81
CA GLU B 476 -12.26 -28.22 -1.82
C GLU B 476 -11.60 -26.89 -1.38
N HIS B 477 -10.29 -26.92 -1.15
CA HIS B 477 -9.51 -25.74 -0.83
C HIS B 477 -9.76 -24.56 -1.79
N LEU B 478 -9.83 -24.84 -3.11
CA LEU B 478 -10.10 -23.78 -4.08
C LEU B 478 -11.59 -23.54 -4.32
N TYR B 479 -12.33 -24.61 -4.63
CA TYR B 479 -13.65 -24.50 -5.27
C TYR B 479 -14.89 -24.37 -4.39
N GLN B 480 -14.73 -24.62 -3.09
CA GLN B 480 -15.81 -24.39 -2.13
C GLN B 480 -16.26 -22.93 -2.07
N ARG B 481 -15.29 -22.01 -2.16
CA ARG B 481 -15.57 -20.58 -2.24
C ARG B 481 -16.19 -20.21 -3.59
N VAL B 482 -15.65 -20.81 -4.64
CA VAL B 482 -16.15 -20.59 -5.99
C VAL B 482 -17.64 -20.95 -6.02
N LYS B 483 -18.00 -22.14 -5.53
CA LYS B 483 -19.40 -22.61 -5.48
C LYS B 483 -20.38 -21.63 -4.82
N ILE B 484 -19.94 -21.02 -3.70
CA ILE B 484 -20.73 -20.04 -2.95
C ILE B 484 -20.82 -18.72 -3.71
N ARG B 485 -19.73 -18.37 -4.37
CA ARG B 485 -19.67 -17.13 -5.13
C ARG B 485 -20.57 -17.16 -6.39
N ASN B 486 -20.78 -18.35 -6.94
CA ASN B 486 -21.63 -18.52 -8.11
C ASN B 486 -23.06 -18.21 -7.77
N LYS B 487 -23.44 -18.46 -6.51
CA LYS B 487 -24.80 -18.26 -6.01
C LYS B 487 -25.02 -16.79 -5.67
N VAL B 488 -23.96 -16.15 -5.19
CA VAL B 488 -24.01 -14.76 -4.70
C VAL B 488 -23.99 -13.73 -5.83
N PHE B 489 -23.04 -13.92 -6.75
CA PHE B 489 -22.88 -13.02 -7.89
C PHE B 489 -23.86 -13.36 -9.00
N GLY B 490 -25.15 -13.19 -8.71
CA GLY B 490 -26.21 -13.47 -9.68
C GLY B 490 -27.54 -13.77 -9.00
N ASP C 15 26.40 46.08 -6.15
CA ASP C 15 25.68 47.36 -6.29
C ASP C 15 24.67 47.30 -7.45
N ARG C 16 25.16 47.18 -8.69
CA ARG C 16 24.33 47.05 -9.89
C ARG C 16 24.89 45.96 -10.79
N LEU C 17 24.04 45.10 -11.33
CA LEU C 17 24.49 43.87 -11.98
C LEU C 17 23.54 43.40 -13.09
N LEU C 18 24.07 42.78 -14.14
CA LEU C 18 23.22 42.31 -15.23
C LEU C 18 23.61 40.96 -15.79
N ILE C 19 22.68 40.01 -15.73
CA ILE C 19 22.91 38.68 -16.25
C ILE C 19 22.27 38.51 -17.62
N LYS C 20 23.09 38.33 -18.65
CA LYS C 20 22.57 38.17 -20.01
C LYS C 20 22.69 36.75 -20.54
N GLY C 21 21.81 36.43 -21.47
CA GLY C 21 21.90 35.20 -22.25
C GLY C 21 21.47 33.96 -21.50
N GLY C 22 20.90 34.17 -20.31
CA GLY C 22 20.60 33.08 -19.41
C GLY C 22 19.22 32.48 -19.58
N ARG C 23 19.08 31.24 -19.12
CA ARG C 23 17.80 30.55 -19.11
C ARG C 23 17.23 30.52 -17.70
N ILE C 24 16.41 31.51 -17.33
CA ILE C 24 15.84 31.54 -15.98
C ILE C 24 14.96 30.33 -15.67
N ILE C 25 15.27 29.68 -14.57
CA ILE C 25 14.53 28.51 -14.12
C ILE C 25 13.75 28.80 -12.84
N ASN C 26 12.44 28.82 -12.93
CA ASN C 26 11.61 28.91 -11.74
C ASN C 26 10.95 27.55 -11.50
N ASP C 27 10.21 27.42 -10.42
CA ASP C 27 9.50 26.18 -10.16
C ASP C 27 8.41 25.87 -11.22
N ASP C 28 7.86 26.94 -11.81
CA ASP C 28 6.66 26.86 -12.68
C ASP C 28 6.93 26.83 -14.18
N GLN C 29 7.97 27.52 -14.62
CA GLN C 29 8.31 27.58 -16.03
C GLN C 29 9.78 27.94 -16.21
N SER C 30 10.25 27.82 -17.46
CA SER C 30 11.58 28.27 -17.81
C SER C 30 11.44 29.29 -18.93
N LEU C 31 12.22 30.35 -18.84
CA LEU C 31 12.13 31.46 -19.76
C LEU C 31 13.52 32.01 -20.08
N TYR C 32 13.87 32.11 -21.36
CA TYR C 32 15.11 32.78 -21.75
C TYR C 32 14.91 34.30 -21.71
N ALA C 33 15.67 34.95 -20.83
CA ALA C 33 15.59 36.39 -20.62
C ALA C 33 16.72 36.90 -19.74
N ASP C 34 16.92 38.20 -19.74
CA ASP C 34 17.97 38.80 -18.94
C ASP C 34 17.41 39.27 -17.60
N VAL C 35 18.28 39.37 -16.60
CA VAL C 35 17.88 39.79 -15.27
C VAL C 35 18.72 40.98 -14.84
N TYR C 36 18.09 42.02 -14.33
CA TYR C 36 18.81 43.19 -13.84
C TYR C 36 18.61 43.37 -12.33
N LEU C 37 19.71 43.42 -11.59
CA LEU C 37 19.68 43.57 -10.12
C LEU C 37 20.17 44.94 -9.63
N GLU C 38 19.47 45.51 -8.65
CA GLU C 38 19.81 46.82 -8.09
C GLU C 38 19.25 46.92 -6.67
N ASP C 39 20.03 47.49 -5.76
CA ASP C 39 19.58 47.67 -4.38
C ASP C 39 19.12 46.39 -3.67
N GLY C 40 19.69 45.25 -4.05
CA GLY C 40 19.45 43.97 -3.38
C GLY C 40 18.19 43.25 -3.83
N LEU C 41 17.58 43.75 -4.91
CA LEU C 41 16.33 43.24 -5.45
C LEU C 41 16.48 42.92 -6.93
N ILE C 42 15.43 42.34 -7.49
CA ILE C 42 15.36 42.05 -8.92
C ILE C 42 14.48 43.13 -9.52
N LYS C 43 15.05 43.95 -10.40
CA LYS C 43 14.34 45.11 -10.92
C LYS C 43 13.70 44.90 -12.29
N GLN C 44 14.45 44.29 -13.22
CA GLN C 44 13.91 44.04 -14.55
C GLN C 44 14.18 42.63 -15.06
N ILE C 45 13.23 42.09 -15.82
CA ILE C 45 13.41 40.82 -16.52
C ILE C 45 12.80 40.95 -17.90
N GLY C 46 13.63 40.82 -18.92
CA GLY C 46 13.23 41.08 -20.30
C GLY C 46 14.35 40.75 -21.24
N GLU C 47 14.30 41.27 -22.47
CA GLU C 47 15.29 40.91 -23.49
C GLU C 47 16.23 42.07 -23.87
N ASN C 48 15.67 43.25 -24.09
CA ASN C 48 16.48 44.45 -24.29
C ASN C 48 16.17 45.46 -23.21
N LEU C 49 16.95 45.42 -22.13
CA LEU C 49 16.64 46.23 -20.96
C LEU C 49 17.33 47.59 -20.99
N ILE C 50 16.57 48.63 -20.66
CA ILE C 50 17.12 49.97 -20.54
C ILE C 50 17.77 50.14 -19.15
N VAL C 51 19.09 50.26 -19.15
CA VAL C 51 19.85 50.30 -17.91
C VAL C 51 20.79 51.50 -17.82
N PRO C 52 21.14 51.90 -16.60
CA PRO C 52 22.20 52.90 -16.39
C PRO C 52 23.55 52.46 -16.99
N GLY C 53 24.48 53.41 -17.12
CA GLY C 53 25.75 53.16 -17.81
C GLY C 53 26.77 52.34 -17.04
N GLY C 54 26.94 52.66 -15.76
CA GLY C 54 27.90 51.96 -14.92
C GLY C 54 27.36 50.67 -14.34
N VAL C 55 27.29 49.62 -15.16
CA VAL C 55 26.83 48.31 -14.71
C VAL C 55 27.75 47.17 -15.13
N LYS C 56 27.89 46.19 -14.25
CA LYS C 56 28.67 45.00 -14.54
C LYS C 56 27.79 43.98 -15.27
N THR C 57 28.35 43.37 -16.30
CA THR C 57 27.59 42.45 -17.15
C THR C 57 28.15 41.06 -17.06
N ILE C 58 27.30 40.09 -16.70
CA ILE C 58 27.73 38.70 -16.65
C ILE C 58 27.04 37.89 -17.73
N GLU C 59 27.83 37.29 -18.60
CA GLU C 59 27.28 36.47 -19.66
C GLU C 59 27.01 35.06 -19.14
N ALA C 60 25.76 34.62 -19.25
CA ALA C 60 25.40 33.30 -18.73
C ALA C 60 25.64 32.20 -19.77
N ASN C 61 25.65 32.58 -21.05
CA ASN C 61 26.02 31.67 -22.14
C ASN C 61 25.13 30.44 -22.23
N GLY C 62 23.85 30.62 -21.96
CA GLY C 62 22.86 29.56 -22.09
C GLY C 62 22.77 28.70 -20.84
N ARG C 63 23.37 29.19 -19.76
CA ARG C 63 23.34 28.45 -18.52
C ARG C 63 22.12 28.79 -17.67
N MET C 64 21.85 27.93 -16.70
CA MET C 64 20.69 28.07 -15.84
C MET C 64 20.83 29.19 -14.82
N VAL C 65 19.84 30.06 -14.79
CA VAL C 65 19.73 31.09 -13.78
C VAL C 65 18.61 30.72 -12.82
N ILE C 66 18.98 30.19 -11.66
CA ILE C 66 17.99 29.74 -10.70
C ILE C 66 18.03 30.58 -9.43
N PRO C 67 16.96 30.52 -8.63
CA PRO C 67 16.98 31.18 -7.34
C PRO C 67 17.98 30.51 -6.41
N GLY C 68 18.64 31.30 -5.57
CA GLY C 68 19.51 30.72 -4.57
C GLY C 68 18.74 29.82 -3.63
N GLY C 69 19.43 28.78 -3.15
CA GLY C 69 18.82 27.81 -2.27
C GLY C 69 18.42 28.27 -0.88
N ILE C 70 17.50 27.53 -0.28
CA ILE C 70 17.13 27.76 1.11
C ILE C 70 17.33 26.47 1.89
N ASP C 71 18.37 26.45 2.73
CA ASP C 71 18.60 25.30 3.59
C ASP C 71 17.75 25.47 4.82
N VAL C 72 16.71 24.65 4.94
CA VAL C 72 15.77 24.78 6.03
C VAL C 72 16.25 24.13 7.33
N ASN C 73 17.37 23.42 7.31
CA ASN C 73 17.79 22.69 8.51
C ASN C 73 19.28 22.82 8.82
N THR C 74 19.63 23.82 9.60
CA THR C 74 21.02 23.99 9.99
C THR C 74 21.18 24.16 11.50
N TYR C 75 22.28 23.62 12.01
CA TYR C 75 22.64 23.70 13.43
C TYR C 75 24.05 24.24 13.61
N LEU C 76 24.31 25.43 13.09
CA LEU C 76 25.64 26.04 13.11
C LEU C 76 26.18 26.41 14.49
N GLN C 77 25.31 26.91 15.36
CA GLN C 77 25.75 27.35 16.68
C GLN C 77 25.78 26.23 17.72
N LYS C 78 25.06 25.14 17.46
CA LYS C 78 25.09 23.98 18.36
C LYS C 78 26.34 23.11 18.18
N ASP C 87 34.35 25.27 13.40
CA ASP C 87 33.33 25.90 12.57
C ASP C 87 32.40 26.84 13.35
N ASP C 88 32.19 28.05 12.82
CA ASP C 88 31.23 28.97 13.43
C ASP C 88 30.14 29.38 12.44
N PHE C 89 29.44 30.46 12.76
CA PHE C 89 28.37 30.94 11.86
C PHE C 89 28.94 31.47 10.56
N PHE C 90 30.13 32.06 10.61
CA PHE C 90 30.72 32.67 9.43
C PHE C 90 31.18 31.60 8.43
N GLN C 91 31.88 30.59 8.92
CA GLN C 91 32.43 29.57 8.03
C GLN C 91 31.34 28.71 7.40
N GLY C 92 30.19 28.63 8.08
CA GLY C 92 29.05 27.87 7.59
C GLY C 92 28.32 28.56 6.44
N THR C 93 27.85 29.78 6.68
CA THR C 93 27.22 30.58 5.64
C THR C 93 28.15 30.92 4.49
N ARG C 94 29.46 30.87 4.73
CA ARG C 94 30.44 30.95 3.66
C ARG C 94 30.31 29.69 2.81
N ALA C 95 30.30 28.54 3.48
CA ALA C 95 30.24 27.22 2.85
C ALA C 95 28.93 27.02 2.10
N ALA C 96 27.85 27.50 2.72
CA ALA C 96 26.55 27.54 2.08
C ALA C 96 26.56 28.32 0.76
N LEU C 97 27.11 29.54 0.81
CA LEU C 97 27.19 30.39 -0.38
C LEU C 97 27.91 29.70 -1.52
N VAL C 98 29.12 29.24 -1.25
CA VAL C 98 29.87 28.42 -2.19
C VAL C 98 29.02 27.28 -2.77
N GLY C 99 28.12 26.74 -1.95
CA GLY C 99 27.33 25.57 -2.31
C GLY C 99 26.10 25.85 -3.16
N GLY C 100 25.67 27.12 -3.20
CA GLY C 100 24.51 27.54 -3.97
C GLY C 100 23.39 28.10 -3.09
N THR C 101 23.58 27.94 -1.78
CA THR C 101 22.57 28.26 -0.78
C THR C 101 22.77 29.67 -0.28
N THR C 102 21.78 30.50 -0.48
CA THR C 102 21.88 31.93 -0.19
C THR C 102 21.08 32.31 1.04
N MET C 103 20.40 31.32 1.60
CA MET C 103 19.71 31.52 2.86
C MET C 103 19.57 30.22 3.62
N ILE C 104 19.82 30.32 4.92
CA ILE C 104 19.65 29.19 5.80
C ILE C 104 18.70 29.56 6.89
N ILE C 105 18.09 28.53 7.48
CA ILE C 105 17.26 28.74 8.66
C ILE C 105 17.85 27.94 9.81
N ASP C 106 18.55 28.62 10.70
CA ASP C 106 19.26 27.94 11.78
C ASP C 106 18.40 27.68 13.01
N HIS C 107 18.61 26.51 13.62
CA HIS C 107 17.91 26.13 14.84
C HIS C 107 18.50 26.72 16.12
N VAL C 108 17.71 27.53 16.83
CA VAL C 108 18.11 28.01 18.15
C VAL C 108 17.84 26.93 19.19
N VAL C 109 18.89 26.40 19.78
CA VAL C 109 18.77 25.33 20.76
C VAL C 109 19.18 25.81 22.16
N PRO C 110 18.19 26.01 23.05
CA PRO C 110 18.37 26.37 24.46
C PRO C 110 18.72 25.17 25.31
N GLU C 111 19.14 25.45 26.55
CA GLU C 111 19.17 24.46 27.62
C GLU C 111 17.74 24.25 28.15
N PRO C 112 17.40 23.02 28.61
CA PRO C 112 16.16 22.84 29.39
C PRO C 112 16.24 23.52 30.78
N GLY C 113 17.20 24.42 30.93
CA GLY C 113 17.33 25.33 32.07
C GLY C 113 17.68 26.75 31.62
N SER C 114 17.33 27.10 30.37
CA SER C 114 17.45 28.47 29.82
C SER C 114 16.17 28.93 29.12
N SER C 115 15.98 30.25 29.05
CA SER C 115 14.80 30.86 28.43
C SER C 115 14.89 30.91 26.91
N LEU C 116 13.74 30.74 26.26
CA LEU C 116 13.67 30.85 24.80
C LEU C 116 14.02 32.26 24.33
N LEU C 117 13.63 33.28 25.10
CA LEU C 117 13.90 34.66 24.73
C LEU C 117 15.40 34.97 24.74
N THR C 118 16.08 34.43 25.74
CA THR C 118 17.50 34.65 25.91
C THR C 118 18.34 33.82 24.93
N SER C 119 17.92 32.59 24.66
CA SER C 119 18.66 31.77 23.71
C SER C 119 18.50 32.34 22.32
N PHE C 120 17.31 32.87 22.05
CA PHE C 120 17.08 33.57 20.79
C PHE C 120 18.05 34.74 20.58
N GLU C 121 18.13 35.67 21.54
CA GLU C 121 18.96 36.86 21.36
C GLU C 121 20.45 36.52 21.34
N LYS C 122 20.83 35.47 22.06
CA LYS C 122 22.18 34.92 21.99
C LYS C 122 22.46 34.36 20.57
N TRP C 123 21.49 33.68 19.98
CA TRP C 123 21.64 33.23 18.60
C TRP C 123 21.64 34.42 17.62
N HIS C 124 20.71 35.36 17.83
CA HIS C 124 20.54 36.51 16.94
C HIS C 124 21.78 37.43 16.88
N GLU C 125 22.38 37.72 18.04
CA GLU C 125 23.56 38.59 18.12
C GLU C 125 24.82 37.96 17.53
N ALA C 126 24.93 36.63 17.65
CA ALA C 126 26.05 35.90 17.08
C ALA C 126 26.00 35.89 15.56
N ALA C 127 24.80 35.71 15.03
CA ALA C 127 24.61 35.55 13.60
C ALA C 127 24.70 36.88 12.90
N ASP C 128 24.25 37.93 13.57
CA ASP C 128 24.11 39.19 12.88
C ASP C 128 25.47 39.83 12.63
N THR C 129 26.43 39.41 13.44
CA THR C 129 27.80 39.89 13.32
C THR C 129 28.72 38.89 12.58
N LYS C 130 28.20 37.72 12.24
CA LYS C 130 29.02 36.72 11.54
C LYS C 130 28.50 36.28 10.17
N SER C 131 27.19 36.36 9.97
CA SER C 131 26.57 35.74 8.80
C SER C 131 26.98 36.40 7.49
N CYS C 132 27.22 35.59 6.47
CA CYS C 132 27.56 36.06 5.13
C CYS C 132 26.31 36.22 4.25
N CYS C 133 25.33 35.36 4.52
CA CYS C 133 24.08 35.34 3.76
C CYS C 133 22.90 35.63 4.68
N ASP C 134 21.74 35.90 4.09
CA ASP C 134 20.52 36.13 4.86
C ASP C 134 20.18 34.88 5.67
N TYR C 135 19.55 35.05 6.83
CA TYR C 135 19.25 33.89 7.67
C TYR C 135 17.93 34.10 8.40
N SER C 136 17.28 33.01 8.76
CA SER C 136 16.13 33.04 9.65
C SER C 136 16.40 32.07 10.78
N LEU C 137 15.57 32.13 11.83
CA LEU C 137 15.77 31.26 12.98
C LEU C 137 14.56 30.40 13.35
N HIS C 138 14.81 29.11 13.56
CA HIS C 138 13.89 28.20 14.23
C HIS C 138 14.22 28.29 15.69
N VAL C 139 13.20 28.15 16.52
CA VAL C 139 13.43 28.03 17.94
C VAL C 139 13.01 26.64 18.38
N ASP C 140 13.94 25.87 18.93
CA ASP C 140 13.63 24.54 19.43
C ASP C 140 13.14 24.58 20.87
N ILE C 141 11.91 24.12 21.08
CA ILE C 141 11.31 24.03 22.42
C ILE C 141 11.76 22.74 23.12
N THR C 142 12.73 22.88 24.02
CA THR C 142 13.33 21.70 24.63
C THR C 142 12.56 21.15 25.84
N SER C 143 11.73 22.00 26.43
CA SER C 143 10.88 21.59 27.55
C SER C 143 9.61 22.43 27.51
N TRP C 144 8.49 21.80 27.86
CA TRP C 144 7.23 22.53 27.97
C TRP C 144 7.00 22.98 29.41
N TYR C 145 7.67 24.08 29.79
CA TYR C 145 7.62 24.56 31.16
C TYR C 145 6.52 25.61 31.36
N ASP C 146 6.23 25.89 32.62
CA ASP C 146 5.22 26.89 32.96
C ASP C 146 5.82 28.27 32.76
N GLY C 147 5.26 29.00 31.80
CA GLY C 147 5.77 30.30 31.44
C GLY C 147 6.22 30.33 29.99
N VAL C 148 6.23 29.16 29.36
CA VAL C 148 6.71 29.04 27.99
C VAL C 148 5.77 29.76 27.01
N ARG C 149 4.48 29.74 27.30
CA ARG C 149 3.47 30.28 26.38
C ARG C 149 3.62 31.78 26.13
N GLU C 150 4.21 32.50 27.08
CA GLU C 150 4.38 33.95 26.93
C GLU C 150 5.58 34.24 26.06
N GLU C 151 6.65 33.52 26.31
CA GLU C 151 7.84 33.64 25.50
C GLU C 151 7.53 33.37 24.03
N LEU C 152 6.79 32.31 23.75
CA LEU C 152 6.38 32.00 22.37
C LEU C 152 5.59 33.13 21.68
N GLU C 153 4.71 33.79 22.43
CA GLU C 153 3.96 34.91 21.86
C GLU C 153 4.88 36.07 21.52
N VAL C 154 5.97 36.22 22.28
CA VAL C 154 6.95 37.26 21.96
C VAL C 154 7.71 36.91 20.68
N LEU C 155 8.12 35.65 20.58
CA LEU C 155 8.88 35.20 19.44
C LEU C 155 8.13 35.35 18.13
N VAL C 156 6.84 35.02 18.11
CA VAL C 156 6.05 35.16 16.87
C VAL C 156 5.78 36.63 16.49
N GLN C 157 5.21 37.38 17.44
CA GLN C 157 4.68 38.71 17.18
C GLN C 157 5.71 39.82 17.15
N ASP C 158 6.72 39.71 18.01
CA ASP C 158 7.72 40.77 18.17
C ASP C 158 9.06 40.49 17.50
N LYS C 159 9.46 39.21 17.49
CA LYS C 159 10.80 38.79 17.05
C LYS C 159 10.91 38.19 15.64
N GLY C 160 9.79 37.81 15.03
CA GLY C 160 9.80 37.36 13.64
C GLY C 160 10.06 35.88 13.39
N VAL C 161 9.71 35.03 14.36
CA VAL C 161 9.85 33.58 14.24
C VAL C 161 8.49 32.89 14.08
N ASN C 162 8.34 32.10 13.02
CA ASN C 162 7.10 31.38 12.76
C ASN C 162 7.28 29.85 12.74
N SER C 163 8.44 29.39 13.21
CA SER C 163 8.72 27.96 13.19
C SER C 163 9.43 27.53 14.45
N PHE C 164 9.02 26.37 14.94
CA PHE C 164 9.43 25.87 16.22
C PHE C 164 9.54 24.38 16.12
N GLN C 165 10.47 23.79 16.84
CA GLN C 165 10.67 22.35 16.79
C GLN C 165 10.52 21.75 18.17
N VAL C 166 9.67 20.73 18.25
CA VAL C 166 9.48 19.99 19.49
C VAL C 166 10.17 18.64 19.32
N TYR C 167 10.46 17.96 20.43
CA TYR C 167 11.18 16.68 20.37
C TYR C 167 10.38 15.51 20.96
N MET C 168 10.50 14.35 20.32
CA MET C 168 9.92 13.11 20.85
C MET C 168 11.03 12.14 21.28
N ALA C 169 12.27 12.51 21.01
CA ALA C 169 13.43 11.72 21.44
C ALA C 169 14.20 12.41 22.59
N TYR C 170 15.28 11.77 23.03
CA TYR C 170 16.08 12.23 24.19
C TYR C 170 15.25 12.25 25.49
N LYS C 171 15.04 11.06 26.06
CA LYS C 171 14.23 10.91 27.27
C LYS C 171 14.77 11.77 28.42
N ASP C 172 13.87 12.43 29.13
CA ASP C 172 14.21 13.22 30.33
C ASP C 172 15.12 14.42 30.08
N VAL C 173 15.30 14.77 28.83
CA VAL C 173 16.10 15.93 28.47
C VAL C 173 15.27 16.86 27.58
N TYR C 174 14.93 16.38 26.38
CA TYR C 174 14.22 17.14 25.36
C TYR C 174 12.78 16.65 25.13
N GLN C 175 12.56 15.37 25.45
CA GLN C 175 11.31 14.66 25.14
C GLN C 175 10.04 15.23 25.80
N MET C 176 9.02 15.48 24.98
CA MET C 176 7.70 15.83 25.47
C MET C 176 6.77 14.63 25.47
N SER C 177 5.97 14.48 26.52
CA SER C 177 4.92 13.46 26.54
C SER C 177 3.84 13.78 25.50
N ASP C 178 3.04 12.76 25.20
CA ASP C 178 1.98 12.95 24.23
C ASP C 178 1.10 14.12 24.67
N SER C 179 0.78 14.19 25.96
CA SER C 179 -0.07 15.27 26.46
C SER C 179 0.55 16.64 26.24
N GLN C 180 1.86 16.73 26.44
CA GLN C 180 2.60 17.97 26.15
C GLN C 180 2.60 18.30 24.63
N LEU C 181 2.79 17.31 23.77
CA LEU C 181 2.64 17.51 22.33
C LEU C 181 1.27 18.08 21.96
N TYR C 182 0.22 17.46 22.49
CA TYR C 182 -1.13 17.93 22.29
C TYR C 182 -1.26 19.39 22.69
N GLU C 183 -0.78 19.72 23.89
CA GLU C 183 -0.79 21.08 24.42
C GLU C 183 -0.03 22.03 23.51
N ALA C 184 1.18 21.62 23.16
CA ALA C 184 2.07 22.39 22.29
C ALA C 184 1.56 22.60 20.87
N PHE C 185 1.09 21.53 20.21
CA PHE C 185 0.54 21.65 18.86
C PHE C 185 -0.62 22.62 18.84
N THR C 186 -1.46 22.55 19.88
CA THR C 186 -2.64 23.40 19.94
C THR C 186 -2.29 24.88 20.08
N PHE C 187 -1.36 25.17 20.97
CA PHE C 187 -0.94 26.54 21.20
C PHE C 187 -0.34 27.12 19.94
N LEU C 188 0.60 26.37 19.35
CA LEU C 188 1.31 26.77 18.15
C LEU C 188 0.37 26.99 16.98
N LYS C 189 -0.65 26.15 16.86
CA LYS C 189 -1.66 26.34 15.82
C LYS C 189 -2.42 27.66 16.02
N GLY C 190 -2.70 28.00 17.27
CA GLY C 190 -3.33 29.27 17.63
C GLY C 190 -2.46 30.48 17.30
N LEU C 191 -1.15 30.27 17.35
CA LEU C 191 -0.18 31.31 16.99
C LEU C 191 0.11 31.37 15.48
N GLY C 192 -0.29 30.35 14.71
CA GLY C 192 -0.13 30.38 13.25
C GLY C 192 1.26 30.01 12.78
N ALA C 193 1.94 29.23 13.61
CA ALA C 193 3.30 28.79 13.36
C ALA C 193 3.38 27.52 12.52
N VAL C 194 4.59 27.24 12.02
CA VAL C 194 4.94 25.96 11.42
C VAL C 194 5.45 25.07 12.55
N ILE C 195 4.87 23.89 12.73
CA ILE C 195 5.28 22.99 13.82
C ILE C 195 6.24 21.90 13.32
N LEU C 196 7.51 21.98 13.74
CA LEU C 196 8.52 21.00 13.34
C LEU C 196 8.71 19.93 14.41
N VAL C 197 8.90 18.70 13.97
CA VAL C 197 9.02 17.58 14.90
C VAL C 197 10.31 16.80 14.65
N HIS C 198 11.07 16.58 15.70
CA HIS C 198 12.14 15.57 15.68
C HIS C 198 11.50 14.25 16.13
N ALA C 199 11.31 13.33 15.19
CA ALA C 199 10.44 12.18 15.44
C ALA C 199 11.13 10.83 15.57
N GLU C 200 11.55 10.53 16.80
CA GLU C 200 12.10 9.23 17.18
C GLU C 200 11.55 8.93 18.56
N ASN C 201 11.29 7.65 18.87
CA ASN C 201 10.73 7.33 20.19
C ASN C 201 11.78 7.24 21.29
N GLY C 202 11.89 8.28 22.12
CA GLY C 202 12.94 8.39 23.12
C GLY C 202 12.95 7.28 24.16
N ASP C 203 11.75 6.84 24.54
CA ASP C 203 11.55 5.80 25.56
C ASP C 203 12.06 4.44 25.10
N LEU C 204 11.89 4.17 23.83
CA LEU C 204 12.38 2.95 23.23
C LEU C 204 13.84 3.03 22.87
N ILE C 205 14.32 4.22 22.48
CA ILE C 205 15.74 4.38 22.15
C ILE C 205 16.61 4.07 23.36
N ALA C 206 16.25 4.66 24.50
CA ALA C 206 16.96 4.45 25.75
C ALA C 206 17.10 2.96 26.07
N GLN C 207 16.03 2.21 25.88
CA GLN C 207 16.04 0.77 26.14
C GLN C 207 16.87 0.04 25.09
N GLU C 208 16.84 0.52 23.85
CA GLU C 208 17.65 -0.11 22.79
C GLU C 208 19.15 0.20 22.90
N GLN C 209 19.47 1.40 23.38
CA GLN C 209 20.84 1.71 23.77
C GLN C 209 21.38 0.66 24.71
N LYS C 210 20.72 0.47 25.86
CA LYS C 210 21.12 -0.54 26.82
C LYS C 210 21.25 -1.92 26.17
N ARG C 211 20.30 -2.28 25.32
CA ARG C 211 20.30 -3.62 24.71
C ARG C 211 21.52 -3.86 23.84
N ILE C 212 21.93 -2.81 23.13
CA ILE C 212 23.09 -2.85 22.24
C ILE C 212 24.43 -2.74 22.98
N LEU C 213 24.45 -1.94 24.05
CA LEU C 213 25.64 -1.82 24.87
C LEU C 213 25.97 -3.16 25.55
N GLU C 214 24.93 -3.87 25.98
CA GLU C 214 25.11 -5.17 26.65
C GLU C 214 25.38 -6.32 25.68
N MET C 215 25.34 -6.05 24.38
CA MET C 215 25.86 -6.97 23.38
C MET C 215 27.34 -6.68 23.07
N GLY C 216 27.89 -5.68 23.76
CA GLY C 216 29.28 -5.28 23.58
C GLY C 216 29.59 -4.48 22.33
N ILE C 217 28.59 -3.79 21.81
CA ILE C 217 28.80 -2.92 20.68
C ILE C 217 28.88 -1.50 21.21
N THR C 218 30.05 -0.88 21.05
CA THR C 218 30.28 0.46 21.58
C THR C 218 30.60 1.43 20.45
N GLY C 219 30.90 0.86 19.28
CA GLY C 219 31.29 1.66 18.12
C GLY C 219 30.14 2.44 17.50
N PRO C 220 30.44 3.33 16.54
CA PRO C 220 29.39 4.14 15.91
C PRO C 220 28.28 3.27 15.34
N GLU C 221 28.56 2.00 15.04
CA GLU C 221 27.54 1.13 14.45
C GLU C 221 26.44 0.92 15.49
N GLY C 222 26.83 1.08 16.75
CA GLY C 222 25.86 1.03 17.85
C GLY C 222 24.83 2.15 17.81
N HIS C 223 25.16 3.25 17.17
CA HIS C 223 24.21 4.36 17.00
C HIS C 223 23.09 3.96 16.04
N ALA C 224 23.47 3.38 14.90
CA ALA C 224 22.49 2.92 13.89
C ALA C 224 21.59 1.80 14.40
N LEU C 225 22.15 0.93 15.24
CA LEU C 225 21.44 -0.24 15.73
C LEU C 225 20.50 0.08 16.90
N SER C 226 20.76 1.20 17.56
CA SER C 226 20.03 1.58 18.77
C SER C 226 18.88 2.53 18.39
N ARG C 227 18.94 3.01 17.15
CA ARG C 227 17.89 3.81 16.58
C ARG C 227 17.46 3.21 15.24
N PRO C 228 16.88 1.99 15.24
CA PRO C 228 16.43 1.46 13.95
C PRO C 228 15.27 2.27 13.35
N GLU C 229 15.01 2.08 12.06
CA GLU C 229 14.05 2.94 11.41
C GLU C 229 12.62 2.79 11.96
N GLU C 230 12.29 1.61 12.46
CA GLU C 230 10.98 1.37 13.08
C GLU C 230 10.62 2.39 14.19
N LEU C 231 11.63 2.82 14.96
CA LEU C 231 11.48 3.80 16.04
C LEU C 231 11.27 5.23 15.53
N GLU C 232 11.71 5.48 14.29
CA GLU C 232 11.49 6.78 13.69
C GLU C 232 10.11 6.80 13.09
N ALA C 233 9.81 5.81 12.23
CA ALA C 233 8.47 5.67 11.65
C ALA C 233 7.37 5.71 12.70
N GLU C 234 7.52 4.97 13.82
CA GLU C 234 6.59 5.08 14.93
C GLU C 234 6.37 6.52 15.37
N ALA C 235 7.46 7.24 15.68
CA ALA C 235 7.32 8.60 16.20
C ALA C 235 6.73 9.58 15.21
N VAL C 236 7.11 9.45 13.95
CA VAL C 236 6.48 10.19 12.88
C VAL C 236 4.98 9.93 12.82
N PHE C 237 4.58 8.66 12.83
CA PHE C 237 3.16 8.33 12.73
C PHE C 237 2.40 8.91 13.90
N ARG C 238 2.95 8.78 15.10
CA ARG C 238 2.34 9.40 16.28
C ARG C 238 2.28 10.91 16.19
N ALA C 239 3.33 11.55 15.68
CA ALA C 239 3.30 12.99 15.46
C ALA C 239 2.19 13.41 14.47
N ILE C 240 2.08 12.67 13.36
CA ILE C 240 1.03 12.96 12.38
C ILE C 240 -0.32 12.77 13.00
N THR C 241 -0.50 11.66 13.73
CA THR C 241 -1.77 11.35 14.38
C THR C 241 -2.25 12.47 15.30
N ILE C 242 -1.37 12.99 16.15
CA ILE C 242 -1.72 14.14 16.99
C ILE C 242 -2.22 15.33 16.18
N ALA C 243 -1.45 15.73 15.18
CA ALA C 243 -1.74 16.90 14.37
C ALA C 243 -3.08 16.83 13.62
N GLY C 244 -3.50 15.61 13.27
CA GLY C 244 -4.75 15.40 12.59
C GLY C 244 -5.94 15.60 13.52
N ARG C 245 -5.73 15.36 14.81
CA ARG C 245 -6.81 15.54 15.78
C ARG C 245 -7.03 17.02 16.08
N ILE C 246 -5.93 17.75 16.09
CA ILE C 246 -5.87 19.17 16.45
C ILE C 246 -6.18 20.02 15.23
N ASN C 247 -6.05 19.40 14.05
CA ASN C 247 -6.09 20.10 12.76
C ASN C 247 -5.02 21.20 12.62
N CYS C 248 -3.76 20.82 12.78
CA CYS C 248 -2.71 21.76 12.50
C CYS C 248 -1.75 21.11 11.52
N PRO C 249 -1.05 21.94 10.74
CA PRO C 249 0.03 21.46 9.87
C PRO C 249 1.23 20.97 10.71
N VAL C 250 1.77 19.80 10.36
CA VAL C 250 2.92 19.22 11.03
C VAL C 250 4.06 18.97 10.03
N TYR C 251 5.30 19.17 10.48
CA TYR C 251 6.49 19.09 9.62
C TYR C 251 7.56 18.14 10.22
N ILE C 252 7.88 17.08 9.49
CA ILE C 252 8.85 16.07 9.95
C ILE C 252 10.27 16.37 9.47
N THR C 253 11.12 16.79 10.41
CA THR C 253 12.51 17.06 10.08
C THR C 253 13.33 15.79 9.99
N LYS C 254 14.32 15.84 9.10
CA LYS C 254 15.34 14.82 8.96
C LYS C 254 14.74 13.46 8.63
N VAL C 255 13.99 13.38 7.54
CA VAL C 255 13.51 12.09 7.10
C VAL C 255 14.69 11.26 6.58
N MET C 256 14.97 10.17 7.29
CA MET C 256 16.16 9.38 7.06
C MET C 256 15.83 7.98 6.54
N SER C 257 14.57 7.55 6.66
CA SER C 257 14.18 6.17 6.41
C SER C 257 13.06 6.00 5.36
N LYS C 258 13.10 4.90 4.61
CA LYS C 258 12.00 4.57 3.69
C LYS C 258 10.74 4.39 4.51
N SER C 259 10.85 3.60 5.58
CA SER C 259 9.69 3.34 6.44
C SER C 259 9.00 4.62 6.99
N ALA C 260 9.75 5.65 7.38
CA ALA C 260 9.13 6.90 7.81
C ALA C 260 8.53 7.61 6.61
N ALA C 261 9.27 7.59 5.50
CA ALA C 261 8.86 8.33 4.30
C ALA C 261 7.55 7.78 3.74
N ASP C 262 7.36 6.48 3.89
CA ASP C 262 6.11 5.85 3.48
C ASP C 262 4.97 6.29 4.38
N ILE C 263 5.23 6.36 5.69
CA ILE C 263 4.25 6.82 6.68
C ILE C 263 3.67 8.17 6.27
N ILE C 264 4.57 9.11 5.93
CA ILE C 264 4.27 10.45 5.46
C ILE C 264 3.46 10.42 4.17
N ALA C 265 3.91 9.60 3.23
CA ALA C 265 3.28 9.43 1.93
C ALA C 265 1.82 9.02 2.07
N LEU C 266 1.60 8.02 2.93
CA LEU C 266 0.28 7.45 3.16
C LEU C 266 -0.65 8.46 3.85
N ALA C 267 -0.13 9.20 4.82
CA ALA C 267 -0.91 10.23 5.50
C ALA C 267 -1.33 11.33 4.54
N ARG C 268 -0.47 11.71 3.60
CA ARG C 268 -0.80 12.84 2.73
C ARG C 268 -2.08 12.60 1.92
N LYS C 269 -2.29 11.35 1.52
CA LYS C 269 -3.44 11.02 0.70
C LYS C 269 -4.70 10.82 1.55
N LYS C 270 -4.52 10.59 2.85
CA LYS C 270 -5.67 10.40 3.73
C LYS C 270 -6.26 11.70 4.26
N GLY C 271 -5.49 12.79 4.21
CA GLY C 271 -6.00 14.06 4.69
C GLY C 271 -5.05 15.01 5.41
N PRO C 272 -4.49 14.58 6.57
CA PRO C 272 -3.58 15.36 7.42
C PRO C 272 -2.54 16.16 6.64
N LEU C 273 -2.28 17.39 7.09
CA LEU C 273 -1.34 18.29 6.42
C LEU C 273 0.09 18.03 6.90
N VAL C 274 0.75 17.10 6.24
CA VAL C 274 2.06 16.68 6.64
C VAL C 274 3.11 17.01 5.57
N PHE C 275 4.25 17.52 6.03
CA PHE C 275 5.39 17.88 5.19
C PHE C 275 6.62 17.14 5.69
N GLY C 276 7.48 16.70 4.77
CA GLY C 276 8.64 15.90 5.12
C GLY C 276 9.89 16.49 4.52
N GLU C 277 10.96 16.48 5.30
CA GLU C 277 12.20 17.10 4.90
C GLU C 277 13.37 16.10 4.94
N PRO C 278 13.63 15.43 3.81
CA PRO C 278 14.86 14.64 3.78
C PRO C 278 16.02 15.63 3.77
N ILE C 279 17.17 15.21 4.26
CA ILE C 279 18.34 16.08 4.22
C ILE C 279 19.32 15.45 3.25
N ALA C 280 20.25 16.27 2.74
CA ALA C 280 21.26 15.83 1.76
C ALA C 280 21.88 14.47 2.07
N ALA C 281 22.25 14.26 3.33
CA ALA C 281 22.83 12.99 3.78
C ALA C 281 22.00 11.76 3.38
N SER C 282 20.72 11.76 3.74
CA SER C 282 19.84 10.61 3.48
C SER C 282 19.52 10.45 2.00
N LEU C 283 19.77 11.50 1.24
CA LEU C 283 19.56 11.50 -0.22
C LEU C 283 20.82 11.08 -0.97
N GLY C 284 21.98 11.38 -0.39
CA GLY C 284 23.25 11.18 -1.05
C GLY C 284 24.10 10.00 -0.61
N THR C 285 23.96 9.59 0.65
CA THR C 285 24.71 8.42 1.14
C THR C 285 23.83 7.55 2.06
N ASP C 286 24.40 6.47 2.59
CA ASP C 286 23.67 5.57 3.48
C ASP C 286 24.48 5.30 4.72
N GLY C 287 23.94 4.49 5.61
CA GLY C 287 24.63 4.21 6.86
C GLY C 287 25.45 2.92 6.90
N THR C 288 26.00 2.52 5.75
CA THR C 288 26.87 1.35 5.75
C THR C 288 28.23 1.77 6.28
N HIS C 289 28.47 3.08 6.31
CA HIS C 289 29.74 3.65 6.75
C HIS C 289 29.91 3.66 8.27
N TYR C 290 28.86 3.32 9.00
CA TYR C 290 28.97 3.13 10.44
C TYR C 290 29.81 1.88 10.75
N TRP C 291 29.91 0.98 9.78
CA TRP C 291 30.65 -0.28 9.95
C TRP C 291 32.10 -0.17 9.43
N SER C 292 32.57 1.06 9.22
CA SER C 292 33.94 1.28 8.77
C SER C 292 34.96 0.94 9.86
N LYS C 293 36.06 0.33 9.42
CA LYS C 293 37.16 -0.05 10.30
C LYS C 293 37.76 1.19 10.95
N ASN C 294 37.75 2.29 10.22
CA ASN C 294 38.26 3.56 10.73
C ASN C 294 37.24 4.26 11.62
N TRP C 295 37.45 4.16 12.93
CA TRP C 295 36.50 4.71 13.90
C TRP C 295 36.22 6.18 13.64
N ALA C 296 37.21 6.94 13.22
CA ALA C 296 37.03 8.39 13.10
C ALA C 296 36.02 8.73 12.00
N LYS C 297 36.08 7.94 10.93
CA LYS C 297 35.22 8.14 9.77
C LYS C 297 33.79 7.78 10.10
N ALA C 298 33.57 6.56 10.58
CA ALA C 298 32.25 6.12 11.01
C ALA C 298 31.62 7.06 12.06
N ALA C 299 32.43 7.57 12.98
CA ALA C 299 31.89 8.52 13.94
C ALA C 299 31.39 9.81 13.25
N ALA C 300 32.06 10.18 12.15
CA ALA C 300 31.72 11.39 11.40
C ALA C 300 30.31 11.30 10.81
N PHE C 301 29.82 10.09 10.65
CA PHE C 301 28.48 9.84 10.12
C PHE C 301 27.40 9.83 11.19
N VAL C 302 27.73 10.15 12.43
CA VAL C 302 26.74 10.00 13.50
C VAL C 302 25.85 11.21 13.65
N THR C 303 24.57 10.99 13.38
CA THR C 303 23.59 12.05 13.45
C THR C 303 22.29 11.36 13.84
N SER C 304 21.30 12.15 14.27
CA SER C 304 20.01 11.60 14.69
C SER C 304 18.79 12.27 14.04
N PRO C 305 17.93 11.46 13.38
CA PRO C 305 18.02 10.00 13.23
C PRO C 305 19.24 9.58 12.41
N PRO C 306 19.68 8.32 12.54
CA PRO C 306 20.87 7.85 11.83
C PRO C 306 20.63 7.64 10.35
N LEU C 307 21.71 7.64 9.56
CA LEU C 307 21.63 7.23 8.17
C LEU C 307 21.26 5.75 8.10
N SER C 308 20.25 5.40 7.30
CA SER C 308 19.84 3.99 7.17
C SER C 308 20.96 3.08 6.65
N PRO C 309 21.15 1.93 7.30
CA PRO C 309 22.02 0.83 6.84
C PRO C 309 21.52 0.20 5.55
N ASP C 310 20.24 0.40 5.23
CA ASP C 310 19.69 -0.05 3.95
C ASP C 310 20.27 0.84 2.85
N PRO C 311 20.97 0.24 1.88
CA PRO C 311 21.56 1.06 0.82
C PRO C 311 20.58 1.37 -0.30
N THR C 312 19.33 0.91 -0.16
CA THR C 312 18.30 1.28 -1.13
C THR C 312 17.64 2.60 -0.73
N THR C 313 17.91 3.06 0.50
CA THR C 313 17.25 4.24 1.06
C THR C 313 17.38 5.56 0.26
N PRO C 314 18.61 6.05 0.02
CA PRO C 314 18.75 7.30 -0.75
C PRO C 314 18.02 7.32 -2.09
N ASP C 315 17.98 6.17 -2.78
CA ASP C 315 17.27 6.11 -4.04
C ASP C 315 15.80 6.28 -3.77
N TYR C 316 15.24 5.44 -2.90
CA TYR C 316 13.84 5.51 -2.49
C TYR C 316 13.41 6.92 -2.08
N LEU C 317 14.15 7.52 -1.15
CA LEU C 317 13.88 8.89 -0.71
C LEU C 317 13.88 9.95 -1.82
N THR C 318 14.72 9.79 -2.82
CA THR C 318 14.80 10.79 -3.89
C THR C 318 13.59 10.66 -4.80
N SER C 319 13.16 9.42 -5.05
CA SER C 319 11.91 9.17 -5.76
C SER C 319 10.73 9.84 -5.06
N LEU C 320 10.69 9.75 -3.73
CA LEU C 320 9.56 10.33 -3.00
C LEU C 320 9.63 11.83 -3.05
N LEU C 321 10.81 12.38 -3.26
CA LEU C 321 10.96 13.81 -3.41
C LEU C 321 10.42 14.25 -4.77
N ALA C 322 10.56 13.34 -5.73
CA ALA C 322 10.20 13.59 -7.12
C ALA C 322 8.72 13.60 -7.33
N CYS C 323 8.02 12.64 -6.75
CA CYS C 323 6.58 12.54 -6.99
C CYS C 323 5.77 13.50 -6.12
N GLY C 324 6.41 14.06 -5.09
CA GLY C 324 5.82 15.14 -4.33
C GLY C 324 5.53 14.82 -2.88
N ASP C 325 5.82 13.58 -2.47
CA ASP C 325 5.57 13.12 -1.09
C ASP C 325 6.56 13.67 -0.06
N LEU C 326 7.75 14.03 -0.50
CA LEU C 326 8.65 14.89 0.27
C LEU C 326 8.79 16.22 -0.48
N GLN C 327 8.95 17.32 0.26
CA GLN C 327 8.74 18.64 -0.34
C GLN C 327 9.96 19.56 -0.30
N VAL C 328 10.73 19.51 0.78
CA VAL C 328 11.87 20.42 0.95
C VAL C 328 13.14 19.62 1.25
N THR C 329 14.30 20.22 1.00
CA THR C 329 15.57 19.59 1.33
C THR C 329 16.30 20.44 2.33
N GLY C 330 16.82 19.80 3.36
CA GLY C 330 17.71 20.48 4.29
C GLY C 330 19.09 19.84 4.28
N SER C 331 19.87 20.15 5.31
CA SER C 331 21.22 19.60 5.42
C SER C 331 21.50 19.07 6.80
N GLY C 332 20.77 19.58 7.80
CA GLY C 332 20.99 19.20 9.18
C GLY C 332 22.45 19.41 9.61
N HIS C 333 23.10 20.38 8.97
CA HIS C 333 24.53 20.62 9.11
C HIS C 333 24.94 20.91 10.54
N CYS C 334 25.72 20.02 11.15
CA CYS C 334 26.15 20.17 12.52
C CYS C 334 27.59 19.70 12.67
N PRO C 335 28.52 20.65 12.58
CA PRO C 335 29.92 20.30 12.40
C PRO C 335 30.67 20.09 13.71
N TYR C 336 31.27 18.91 13.83
CA TYR C 336 32.10 18.55 14.97
C TYR C 336 33.43 18.01 14.46
N SER C 337 34.53 18.50 15.03
CA SER C 337 35.85 18.03 14.68
C SER C 337 36.04 16.60 15.18
N THR C 338 37.03 15.89 14.65
CA THR C 338 37.28 14.52 15.10
C THR C 338 37.60 14.46 16.60
N ALA C 339 38.22 15.52 17.13
CA ALA C 339 38.54 15.56 18.55
C ALA C 339 37.28 15.68 19.41
N GLN C 340 36.29 16.44 18.91
CA GLN C 340 35.01 16.57 19.60
C GLN C 340 34.17 15.29 19.50
N LYS C 341 34.33 14.56 18.41
CA LYS C 341 33.66 13.28 18.26
C LYS C 341 34.34 12.23 19.12
N ALA C 342 35.65 12.38 19.32
CA ALA C 342 36.43 11.39 20.05
C ALA C 342 35.92 11.13 21.48
N VAL C 343 35.21 12.10 22.08
CA VAL C 343 34.64 11.94 23.44
C VAL C 343 33.86 10.64 23.65
N GLY C 344 33.27 10.12 22.58
CA GLY C 344 32.55 8.85 22.65
C GLY C 344 33.29 7.69 21.99
N LYS C 345 34.60 7.65 22.19
CA LYS C 345 35.40 6.57 21.61
C LYS C 345 35.05 5.22 22.23
N ASP C 346 34.49 5.23 23.44
CA ASP C 346 34.24 3.98 24.16
C ASP C 346 32.76 3.74 24.41
N ASN C 347 31.94 4.72 24.04
CA ASN C 347 30.50 4.64 24.16
C ASN C 347 29.89 5.49 23.05
N PHE C 348 29.16 4.85 22.13
CA PHE C 348 28.55 5.59 21.01
C PHE C 348 27.58 6.67 21.51
N THR C 349 26.94 6.46 22.66
CA THR C 349 25.95 7.42 23.18
C THR C 349 26.49 8.83 23.55
N LEU C 350 27.81 8.97 23.58
CA LEU C 350 28.48 10.21 23.97
C LEU C 350 29.07 10.96 22.77
N ILE C 351 29.15 10.26 21.62
CA ILE C 351 29.50 10.89 20.35
C ILE C 351 28.49 11.96 20.04
N PRO C 352 28.94 13.20 19.75
CA PRO C 352 28.06 14.30 19.37
C PRO C 352 27.40 14.02 18.02
N GLU C 353 26.09 14.23 17.96
CA GLU C 353 25.31 13.93 16.77
C GLU C 353 25.29 15.10 15.79
N GLY C 354 25.85 14.86 14.62
CA GLY C 354 25.93 15.87 13.59
C GLY C 354 26.75 15.43 12.41
N VAL C 355 26.24 15.73 11.22
CA VAL C 355 27.02 15.54 9.99
C VAL C 355 27.20 16.86 9.24
N ASN C 356 27.80 16.79 8.06
CA ASN C 356 28.01 17.99 7.27
C ASN C 356 27.04 17.92 6.12
N GLY C 357 26.77 19.05 5.47
CA GLY C 357 25.92 18.99 4.30
C GLY C 357 25.49 20.33 3.77
N ILE C 358 25.83 21.40 4.48
CA ILE C 358 25.42 22.75 4.07
C ILE C 358 26.00 23.19 2.70
N GLU C 359 27.23 22.77 2.39
CA GLU C 359 27.90 23.16 1.15
C GLU C 359 27.44 22.25 0.01
N GLU C 360 27.23 20.98 0.35
CA GLU C 360 26.95 19.93 -0.62
C GLU C 360 25.48 19.79 -1.01
N ARG C 361 24.57 20.26 -0.16
CA ARG C 361 23.14 20.02 -0.34
C ARG C 361 22.59 20.13 -1.77
N MET C 362 22.86 21.24 -2.46
CA MET C 362 22.27 21.43 -3.79
C MET C 362 22.89 20.51 -4.83
N THR C 363 24.23 20.48 -4.84
CA THR C 363 25.03 19.65 -5.72
C THR C 363 24.63 18.16 -5.65
N VAL C 364 24.56 17.63 -4.44
CA VAL C 364 24.09 16.27 -4.15
C VAL C 364 22.66 16.02 -4.64
N VAL C 365 21.74 16.92 -4.28
CA VAL C 365 20.35 16.82 -4.73
C VAL C 365 20.25 16.84 -6.26
N TRP C 366 21.04 17.68 -6.92
CA TRP C 366 21.11 17.69 -8.38
C TRP C 366 21.55 16.33 -8.93
N ASP C 367 22.60 15.80 -8.34
CA ASP C 367 23.19 14.54 -8.75
C ASP C 367 22.26 13.34 -8.59
N LYS C 368 21.48 13.33 -7.52
CA LYS C 368 20.69 12.15 -7.20
C LYS C 368 19.28 12.21 -7.79
N ALA C 369 18.85 13.45 -8.10
CA ALA C 369 17.49 13.74 -8.54
C ALA C 369 17.38 14.19 -10.00
N VAL C 370 18.22 15.13 -10.41
CA VAL C 370 18.15 15.66 -11.77
C VAL C 370 19.00 14.84 -12.74
N ALA C 371 20.25 14.57 -12.36
CA ALA C 371 21.15 13.83 -13.24
C ALA C 371 20.66 12.40 -13.51
N THR C 372 19.95 11.81 -12.54
CA THR C 372 19.35 10.48 -12.69
C THR C 372 18.04 10.52 -13.49
N GLY C 373 17.44 11.69 -13.64
CA GLY C 373 16.25 11.86 -14.45
C GLY C 373 14.93 11.70 -13.70
N LYS C 374 15.04 11.55 -12.38
CA LYS C 374 13.86 11.45 -11.53
C LYS C 374 13.06 12.74 -11.56
N MET C 375 13.75 13.88 -11.70
CA MET C 375 13.08 15.17 -11.77
C MET C 375 13.80 16.16 -12.67
N ASP C 376 13.08 17.20 -13.10
CA ASP C 376 13.63 18.21 -14.00
C ASP C 376 14.04 19.45 -13.25
N GLU C 377 14.79 20.34 -13.91
CA GLU C 377 15.37 21.51 -13.24
C GLU C 377 14.34 22.34 -12.48
N ASN C 378 13.10 22.35 -13.00
CA ASN C 378 12.02 23.09 -12.36
C ASN C 378 11.69 22.53 -10.98
N GLN C 379 11.40 21.24 -10.93
CA GLN C 379 11.25 20.53 -9.65
C GLN C 379 12.46 20.72 -8.75
N PHE C 380 13.65 20.72 -9.34
CA PHE C 380 14.87 21.00 -8.59
C PHE C 380 14.79 22.32 -7.84
N VAL C 381 14.32 23.38 -8.50
CA VAL C 381 14.20 24.66 -7.82
C VAL C 381 13.17 24.58 -6.69
N ALA C 382 12.11 23.83 -6.94
CA ALA C 382 11.05 23.63 -5.95
C ALA C 382 11.65 23.08 -4.64
N VAL C 383 12.32 21.95 -4.73
CA VAL C 383 12.83 21.24 -3.55
C VAL C 383 14.09 21.83 -2.92
N THR C 384 14.71 22.79 -3.59
CA THR C 384 15.88 23.47 -3.03
C THR C 384 15.57 24.86 -2.49
N SER C 385 14.52 25.51 -3.00
CA SER C 385 14.13 26.84 -2.50
C SER C 385 12.64 27.13 -2.38
N THR C 386 11.91 27.02 -3.48
CA THR C 386 10.53 27.51 -3.56
C THR C 386 9.57 26.95 -2.49
N ASN C 387 9.44 25.63 -2.46
CA ASN C 387 8.67 24.93 -1.42
C ASN C 387 9.01 25.35 0.00
N ALA C 388 10.30 25.46 0.29
CA ALA C 388 10.74 26.04 1.56
C ALA C 388 10.12 27.42 1.76
N ALA C 389 10.24 28.27 0.74
CA ALA C 389 9.73 29.63 0.81
C ALA C 389 8.22 29.64 1.07
N LYS C 390 7.48 28.76 0.41
CA LYS C 390 6.04 28.70 0.62
C LYS C 390 5.66 28.30 2.05
N ILE C 391 6.36 27.31 2.57
CA ILE C 391 6.06 26.72 3.87
C ILE C 391 6.38 27.65 5.03
N PHE C 392 7.49 28.40 4.90
CA PHE C 392 7.94 29.24 6.00
C PHE C 392 7.63 30.70 5.74
N ASN C 393 6.81 30.97 4.75
CA ASN C 393 6.33 32.33 4.44
C ASN C 393 7.42 33.35 4.02
N LEU C 394 8.23 32.94 3.04
CA LEU C 394 9.32 33.73 2.47
C LEU C 394 9.19 33.81 0.96
N TYR C 395 8.02 33.44 0.43
CA TYR C 395 7.70 33.52 -1.01
C TYR C 395 6.80 34.73 -1.20
N PRO C 396 7.01 35.49 -2.28
CA PRO C 396 7.96 35.27 -3.37
C PRO C 396 9.24 36.09 -3.26
N ARG C 397 9.51 36.63 -2.07
CA ARG C 397 10.77 37.32 -1.77
C ARG C 397 12.00 36.42 -2.01
N LYS C 398 11.91 35.19 -1.50
CA LYS C 398 12.89 34.13 -1.76
C LYS C 398 12.27 33.04 -2.64
N GLY C 399 13.11 32.24 -3.28
CA GLY C 399 12.65 31.08 -4.03
C GLY C 399 11.97 31.40 -5.35
N ARG C 400 12.17 32.62 -5.86
CA ARG C 400 11.65 33.00 -7.17
C ARG C 400 12.44 34.11 -7.85
N ILE C 401 12.81 33.85 -9.11
CA ILE C 401 13.30 34.91 -9.97
C ILE C 401 12.11 35.67 -10.56
N ALA C 402 11.78 36.78 -9.89
CA ALA C 402 10.71 37.65 -10.34
C ALA C 402 10.99 39.11 -9.96
N VAL C 403 10.33 40.03 -10.66
CA VAL C 403 10.54 41.43 -10.35
C VAL C 403 10.01 41.76 -8.95
N GLY C 404 10.84 42.44 -8.17
CA GLY C 404 10.53 42.78 -6.80
C GLY C 404 11.13 41.81 -5.79
N SER C 405 11.49 40.60 -6.23
CA SER C 405 12.06 39.58 -5.33
C SER C 405 13.51 39.87 -4.98
N ASP C 406 14.00 39.28 -3.90
CA ASP C 406 15.39 39.51 -3.48
C ASP C 406 16.42 38.98 -4.48
N ALA C 407 17.54 39.68 -4.57
CA ALA C 407 18.61 39.34 -5.52
C ALA C 407 19.49 38.21 -4.98
N ASP C 408 18.90 37.04 -4.78
CA ASP C 408 19.60 35.83 -4.38
C ASP C 408 19.55 34.88 -5.57
N VAL C 409 20.47 35.08 -6.51
CA VAL C 409 20.49 34.36 -7.77
C VAL C 409 21.71 33.46 -7.85
N VAL C 410 21.54 32.31 -8.47
CA VAL C 410 22.67 31.41 -8.74
C VAL C 410 22.71 31.05 -10.23
N ILE C 411 23.89 31.13 -10.82
CA ILE C 411 24.07 30.67 -12.20
C ILE C 411 24.55 29.22 -12.15
N TRP C 412 23.73 28.29 -12.63
CA TRP C 412 23.96 26.86 -12.40
C TRP C 412 24.44 26.19 -13.68
N ASP C 413 25.60 25.54 -13.59
CA ASP C 413 26.14 24.80 -14.72
C ASP C 413 25.87 23.30 -14.58
N PRO C 414 25.01 22.74 -15.45
CA PRO C 414 24.65 21.32 -15.30
C PRO C 414 25.76 20.36 -15.71
N ASP C 415 26.89 20.89 -16.19
CA ASP C 415 27.97 20.04 -16.67
C ASP C 415 29.22 20.15 -15.81
N LYS C 416 29.32 21.22 -15.02
CA LYS C 416 30.47 21.51 -14.19
C LYS C 416 30.67 20.44 -13.13
N LEU C 417 31.83 19.78 -13.17
CA LEU C 417 32.16 18.77 -12.18
C LEU C 417 32.55 19.38 -10.82
N LYS C 418 32.02 18.79 -9.76
CA LYS C 418 32.44 19.08 -8.39
C LYS C 418 32.53 17.73 -7.70
N THR C 419 33.76 17.34 -7.39
CA THR C 419 34.02 16.13 -6.61
C THR C 419 34.23 16.54 -5.15
N ILE C 420 33.61 15.81 -4.24
CA ILE C 420 33.57 16.20 -2.84
C ILE C 420 34.64 15.51 -2.00
N THR C 421 35.46 16.31 -1.33
CA THR C 421 36.57 15.78 -0.53
C THR C 421 36.83 16.65 0.70
N ALA C 422 37.38 16.04 1.74
CA ALA C 422 37.66 16.77 2.97
C ALA C 422 38.82 17.76 2.79
N LYS C 423 39.66 17.53 1.78
CA LYS C 423 40.77 18.43 1.48
C LYS C 423 40.27 19.75 0.91
N SER C 424 39.22 19.64 0.09
CA SER C 424 38.69 20.76 -0.67
C SER C 424 37.63 21.60 0.07
N HIS C 425 36.89 20.97 0.99
CA HIS C 425 35.75 21.62 1.62
C HIS C 425 36.10 22.77 2.58
N LYS C 426 35.13 23.67 2.74
CA LYS C 426 35.30 24.86 3.56
C LYS C 426 34.88 24.61 5.01
N SER C 427 35.41 23.54 5.60
CA SER C 427 35.12 23.17 6.99
C SER C 427 36.40 22.68 7.71
N ALA C 428 36.45 22.89 9.03
CA ALA C 428 37.59 22.46 9.84
C ALA C 428 37.48 21.01 10.30
N VAL C 429 36.45 20.31 9.83
CA VAL C 429 36.32 18.88 10.11
C VAL C 429 37.25 18.10 9.19
N GLU C 430 37.64 16.92 9.66
CA GLU C 430 38.63 16.09 9.01
C GLU C 430 37.98 15.12 8.01
N TYR C 431 36.70 14.85 8.20
CA TYR C 431 35.96 13.87 7.37
C TYR C 431 34.70 14.48 6.72
N ASN C 432 34.47 14.12 5.47
CA ASN C 432 33.26 14.53 4.76
C ASN C 432 32.39 13.29 4.50
N ILE C 433 31.10 13.35 4.78
CA ILE C 433 30.28 12.17 4.62
C ILE C 433 29.97 11.88 3.16
N PHE C 434 30.26 12.84 2.29
CA PHE C 434 30.12 12.62 0.86
C PHE C 434 31.47 12.46 0.21
N GLU C 435 32.42 11.92 0.96
CA GLU C 435 33.78 11.76 0.46
C GLU C 435 33.87 10.97 -0.85
N GLY C 436 34.38 11.64 -1.88
CA GLY C 436 34.71 10.98 -3.13
C GLY C 436 33.53 10.77 -4.04
N MET C 437 32.46 11.49 -3.76
CA MET C 437 31.30 11.48 -4.64
C MET C 437 31.59 12.42 -5.79
N GLU C 438 31.39 11.93 -7.02
CA GLU C 438 31.62 12.70 -8.24
C GLU C 438 30.32 13.25 -8.79
N CYS C 439 30.14 14.56 -8.67
CA CYS C 439 28.90 15.22 -9.04
C CYS C 439 29.02 16.02 -10.33
N HIS C 440 28.07 15.82 -11.24
CA HIS C 440 28.00 16.62 -12.44
C HIS C 440 26.89 17.62 -12.29
N GLY C 441 27.25 18.88 -12.10
CA GLY C 441 26.26 19.92 -11.88
C GLY C 441 26.55 20.65 -10.59
N SER C 442 26.83 21.95 -10.73
CA SER C 442 27.41 22.71 -9.65
C SER C 442 27.20 24.18 -10.00
N PRO C 443 27.24 25.07 -8.99
CA PRO C 443 27.20 26.53 -9.20
C PRO C 443 28.44 27.11 -9.89
N LEU C 444 28.18 28.09 -10.75
CA LEU C 444 29.20 28.81 -11.50
C LEU C 444 29.39 30.18 -10.89
N VAL C 445 28.30 30.95 -10.80
CA VAL C 445 28.27 32.21 -10.05
C VAL C 445 27.19 32.14 -8.96
N VAL C 446 27.46 32.75 -7.80
CA VAL C 446 26.51 32.86 -6.70
C VAL C 446 26.37 34.32 -6.22
N ILE C 447 25.18 34.87 -6.40
CA ILE C 447 24.87 36.24 -6.06
C ILE C 447 23.97 36.27 -4.81
N SER C 448 24.33 37.08 -3.83
CA SER C 448 23.58 37.19 -2.60
C SER C 448 23.47 38.65 -2.30
N GLN C 449 22.22 39.12 -2.18
CA GLN C 449 21.94 40.52 -1.90
C GLN C 449 22.43 41.43 -3.00
N GLY C 450 22.42 40.89 -4.23
CA GLY C 450 22.88 41.62 -5.40
C GLY C 450 24.38 41.81 -5.45
N LYS C 451 25.13 40.99 -4.71
CA LYS C 451 26.60 41.02 -4.74
C LYS C 451 27.12 39.65 -5.15
N ILE C 452 28.16 39.62 -5.99
CA ILE C 452 28.77 38.35 -6.35
C ILE C 452 29.67 37.86 -5.21
N VAL C 453 29.31 36.72 -4.61
CA VAL C 453 30.11 36.20 -3.50
C VAL C 453 30.94 34.99 -3.92
N PHE C 454 30.57 34.38 -5.04
CA PHE C 454 31.27 33.24 -5.59
C PHE C 454 31.23 33.33 -7.10
N GLU C 455 32.41 33.30 -7.71
CA GLU C 455 32.51 33.35 -9.18
C GLU C 455 33.57 32.39 -9.69
N ASP C 456 33.17 31.13 -9.85
CA ASP C 456 34.06 30.09 -10.38
C ASP C 456 35.31 30.00 -9.54
N GLY C 457 35.15 29.50 -8.31
CA GLY C 457 36.28 29.32 -7.40
C GLY C 457 36.64 30.54 -6.57
N ASN C 458 36.37 31.72 -7.12
CA ASN C 458 36.78 32.95 -6.44
C ASN C 458 35.75 33.38 -5.40
N ILE C 459 36.14 33.34 -4.12
CA ILE C 459 35.18 33.67 -3.06
C ILE C 459 35.43 35.06 -2.50
N ASN C 460 34.34 35.80 -2.31
CA ASN C 460 34.39 37.17 -1.80
C ASN C 460 33.19 37.45 -0.93
N VAL C 461 33.28 37.04 0.33
CA VAL C 461 32.16 37.19 1.25
C VAL C 461 32.48 38.27 2.27
N ASN C 462 31.46 38.78 2.95
CA ASN C 462 31.64 39.77 4.00
C ASN C 462 30.99 39.31 5.30
N LYS C 463 31.77 39.22 6.36
CA LYS C 463 31.27 38.83 7.68
C LYS C 463 30.28 39.88 8.22
N GLY C 464 29.05 39.45 8.48
CA GLY C 464 28.04 40.31 9.09
C GLY C 464 27.06 40.98 8.12
N MET C 465 27.28 40.75 6.83
CA MET C 465 26.48 41.33 5.75
C MET C 465 25.09 40.66 5.64
N GLY C 466 25.02 39.40 6.07
CA GLY C 466 23.75 38.67 6.14
C GLY C 466 22.75 39.30 7.09
N ARG C 467 21.52 39.42 6.60
CA ARG C 467 20.40 39.99 7.36
C ARG C 467 19.52 38.92 8.01
N PHE C 468 18.97 39.24 9.18
CA PHE C 468 17.91 38.43 9.74
C PHE C 468 16.59 38.77 9.06
N ILE C 469 15.93 37.75 8.56
CA ILE C 469 14.65 37.91 7.86
C ILE C 469 13.47 37.47 8.72
N PRO C 470 12.69 38.42 9.20
CA PRO C 470 11.52 38.06 10.01
C PRO C 470 10.42 37.43 9.14
N ARG C 471 9.71 36.45 9.72
CA ARG C 471 8.63 35.76 9.01
C ARG C 471 7.31 35.89 9.75
N LYS C 472 6.25 36.16 8.98
CA LYS C 472 4.91 36.35 9.55
C LYS C 472 4.27 35.01 9.95
N ALA C 473 3.31 35.09 10.88
CA ALA C 473 2.56 33.90 11.28
C ALA C 473 1.53 33.56 10.21
N PHE C 474 0.89 32.40 10.35
CA PHE C 474 -0.13 31.94 9.40
C PHE C 474 0.28 31.94 7.92
N PRO C 475 1.29 31.14 7.55
CA PRO C 475 1.62 31.05 6.12
C PRO C 475 0.50 30.40 5.31
N GLU C 476 0.01 31.10 4.30
CA GLU C 476 -1.15 30.64 3.55
C GLU C 476 -0.96 29.25 2.95
N HIS C 477 0.27 28.83 2.71
CA HIS C 477 0.47 27.53 2.07
C HIS C 477 -0.07 26.41 2.97
N LEU C 478 -0.03 26.69 4.27
CA LEU C 478 -0.35 25.72 5.31
C LEU C 478 -1.68 26.06 5.94
N TYR C 479 -1.97 27.34 6.07
CA TYR C 479 -3.09 27.69 6.93
C TYR C 479 -4.39 27.98 6.21
N GLN C 480 -4.35 28.04 4.87
CA GLN C 480 -5.60 28.22 4.11
C GLN C 480 -6.52 27.03 4.31
N ARG C 481 -5.96 25.83 4.28
CA ARG C 481 -6.70 24.59 4.48
C ARG C 481 -7.13 24.34 5.92
N VAL C 482 -6.34 24.81 6.87
CA VAL C 482 -6.68 24.71 8.28
C VAL C 482 -7.93 25.54 8.58
N LYS C 483 -7.91 26.81 8.15
CA LYS C 483 -9.07 27.71 8.28
C LYS C 483 -10.38 27.05 7.82
N ILE C 484 -10.34 26.37 6.68
CA ILE C 484 -11.54 25.73 6.13
C ILE C 484 -11.96 24.53 6.97
N ARG C 485 -10.98 23.69 7.31
CA ARG C 485 -11.21 22.51 8.13
C ARG C 485 -11.69 22.86 9.53
N ASN C 486 -11.44 24.08 10.01
CA ASN C 486 -11.96 24.51 11.32
C ASN C 486 -13.47 24.69 11.31
N LYS C 487 -14.03 25.00 10.13
CA LYS C 487 -15.47 25.26 10.00
C LYS C 487 -16.25 23.99 9.74
N VAL C 488 -15.62 23.05 9.03
CA VAL C 488 -16.32 21.87 8.52
C VAL C 488 -16.54 20.77 9.57
N PHE C 489 -15.54 20.55 10.41
CA PHE C 489 -15.54 19.42 11.34
C PHE C 489 -16.67 19.45 12.39
N GLY C 490 -17.06 20.65 12.83
CA GLY C 490 -18.11 20.79 13.84
C GLY C 490 -18.95 22.04 13.66
N ASP D 15 -11.05 44.80 -25.43
CA ASP D 15 -11.29 46.23 -25.21
C ASP D 15 -10.35 46.86 -24.18
N ARG D 16 -10.86 47.03 -22.95
CA ARG D 16 -10.16 47.73 -21.85
C ARG D 16 -10.94 47.64 -20.52
N LEU D 17 -10.39 46.94 -19.54
CA LEU D 17 -11.11 46.60 -18.30
C LEU D 17 -10.22 46.57 -17.06
N LEU D 18 -10.79 46.88 -15.90
CA LEU D 18 -10.01 46.96 -14.68
C LEU D 18 -10.75 46.35 -13.50
N ILE D 19 -10.22 45.25 -12.97
CA ILE D 19 -10.83 44.62 -11.80
C ILE D 19 -10.14 45.12 -10.55
N LYS D 20 -10.85 45.82 -9.69
CA LYS D 20 -10.19 46.31 -8.48
C LYS D 20 -10.78 45.78 -7.19
N GLY D 21 -9.92 45.69 -6.17
CA GLY D 21 -10.31 45.31 -4.83
C GLY D 21 -10.45 43.82 -4.64
N GLY D 22 -9.87 43.05 -5.56
CA GLY D 22 -9.99 41.60 -5.56
C GLY D 22 -8.77 40.85 -5.07
N ARG D 23 -8.99 39.61 -4.63
CA ARG D 23 -7.91 38.74 -4.19
C ARG D 23 -7.46 37.82 -5.32
N ILE D 24 -6.39 38.18 -6.03
CA ILE D 24 -5.94 37.34 -7.15
C ILE D 24 -5.38 36.01 -6.65
N ILE D 25 -5.95 34.93 -7.15
CA ILE D 25 -5.56 33.60 -6.74
C ILE D 25 -4.90 32.85 -7.88
N ASN D 26 -3.58 32.70 -7.82
CA ASN D 26 -2.88 31.80 -8.72
C ASN D 26 -2.57 30.49 -7.99
N ASP D 27 -2.07 29.49 -8.70
CA ASP D 27 -1.70 28.22 -8.06
C ASP D 27 -0.56 28.35 -7.04
N ASP D 28 0.31 29.34 -7.23
CA ASP D 28 1.50 29.53 -6.39
C ASP D 28 1.29 30.43 -5.16
N GLN D 29 0.51 31.49 -5.29
CA GLN D 29 0.24 32.36 -4.14
C GLN D 29 -1.02 33.19 -4.35
N SER D 30 -1.46 33.88 -3.30
CA SER D 30 -2.63 34.74 -3.38
C SER D 30 -2.24 36.14 -2.95
N LEU D 31 -2.61 37.14 -3.73
CA LEU D 31 -2.30 38.50 -3.34
C LEU D 31 -3.45 39.47 -3.59
N TYR D 32 -3.57 40.48 -2.73
CA TYR D 32 -4.55 41.53 -2.93
C TYR D 32 -4.03 42.61 -3.85
N ALA D 33 -4.47 42.56 -5.10
CA ALA D 33 -4.07 43.56 -6.07
C ALA D 33 -5.15 43.79 -7.13
N ASP D 34 -4.96 44.79 -7.97
CA ASP D 34 -5.90 45.08 -9.05
C ASP D 34 -5.32 44.59 -10.36
N VAL D 35 -6.19 44.15 -11.25
CA VAL D 35 -5.77 43.65 -12.53
C VAL D 35 -6.27 44.55 -13.64
N TYR D 36 -5.41 44.86 -14.59
CA TYR D 36 -5.77 45.74 -15.70
C TYR D 36 -5.61 45.06 -17.06
N LEU D 37 -6.73 44.91 -17.78
CA LEU D 37 -6.77 44.22 -19.07
C LEU D 37 -6.85 45.17 -20.28
N GLU D 38 -6.21 44.77 -21.38
CA GLU D 38 -6.21 45.58 -22.58
C GLU D 38 -5.83 44.74 -23.80
N ASP D 39 -6.73 44.74 -24.78
CA ASP D 39 -6.52 44.03 -26.02
C ASP D 39 -6.34 42.54 -25.76
N GLY D 40 -7.15 42.01 -24.83
CA GLY D 40 -7.20 40.57 -24.55
C GLY D 40 -6.01 39.98 -23.82
N LEU D 41 -5.24 40.85 -23.17
CA LEU D 41 -4.02 40.48 -22.46
C LEU D 41 -4.03 41.19 -21.11
N ILE D 42 -3.34 40.61 -20.13
CA ILE D 42 -3.18 41.28 -18.83
C ILE D 42 -1.99 42.23 -18.95
N LYS D 43 -2.22 43.50 -18.64
CA LYS D 43 -1.18 44.51 -18.82
C LYS D 43 -0.51 44.97 -17.52
N GLN D 44 -1.31 45.27 -16.50
CA GLN D 44 -0.76 45.68 -15.21
C GLN D 44 -1.40 44.92 -14.06
N ILE D 45 -0.62 44.69 -13.01
CA ILE D 45 -1.12 44.15 -11.75
C ILE D 45 -0.46 44.95 -10.63
N GLY D 46 -1.26 45.50 -9.71
CA GLY D 46 -0.76 46.37 -8.66
C GLY D 46 -1.89 46.96 -7.82
N GLU D 47 -1.58 47.89 -6.92
CA GLU D 47 -2.60 48.45 -6.01
C GLU D 47 -3.02 49.89 -6.34
N ASN D 48 -2.08 50.66 -6.91
CA ASN D 48 -2.32 52.06 -7.28
C ASN D 48 -2.09 52.29 -8.77
N LEU D 49 -2.74 51.48 -9.59
CA LEU D 49 -2.47 51.46 -11.03
C LEU D 49 -2.77 52.81 -11.70
N ILE D 50 -1.79 53.30 -12.45
CA ILE D 50 -1.93 54.52 -13.24
C ILE D 50 -2.52 54.19 -14.62
N VAL D 51 -3.81 54.50 -14.80
CA VAL D 51 -4.57 54.11 -15.98
C VAL D 51 -5.45 55.26 -16.51
N PRO D 52 -5.93 55.15 -17.77
CA PRO D 52 -6.98 56.09 -18.24
C PRO D 52 -8.20 56.14 -17.30
N GLY D 53 -8.80 57.32 -17.15
CA GLY D 53 -9.88 57.51 -16.19
C GLY D 53 -11.28 57.27 -16.74
N GLY D 54 -11.35 56.85 -18.01
CA GLY D 54 -12.63 56.52 -18.61
C GLY D 54 -12.83 55.03 -18.84
N VAL D 55 -12.12 54.20 -18.07
CA VAL D 55 -12.18 52.75 -18.24
C VAL D 55 -13.32 52.09 -17.50
N LYS D 56 -13.75 50.95 -18.04
CA LYS D 56 -14.81 50.15 -17.44
C LYS D 56 -14.24 49.46 -16.20
N THR D 57 -14.98 49.51 -15.09
CA THR D 57 -14.43 49.08 -13.82
C THR D 57 -15.38 48.20 -13.02
N ILE D 58 -14.86 47.05 -12.59
CA ILE D 58 -15.64 46.10 -11.83
C ILE D 58 -15.09 45.96 -10.42
N GLU D 59 -15.93 46.23 -9.44
CA GLU D 59 -15.55 46.09 -8.04
C GLU D 59 -15.70 44.63 -7.59
N ALA D 60 -14.61 44.03 -7.13
CA ALA D 60 -14.64 42.63 -6.72
C ALA D 60 -15.04 42.48 -5.27
N ASN D 61 -14.69 43.46 -4.45
CA ASN D 61 -15.03 43.46 -3.03
C ASN D 61 -14.41 42.28 -2.26
N GLY D 62 -13.13 42.03 -2.51
CA GLY D 62 -12.39 41.04 -1.76
C GLY D 62 -12.59 39.61 -2.23
N ARG D 63 -13.40 39.47 -3.28
CA ARG D 63 -13.66 38.17 -3.86
C ARG D 63 -12.51 37.72 -4.74
N MET D 64 -12.50 36.42 -5.03
CA MET D 64 -11.38 35.79 -5.70
C MET D 64 -11.33 36.08 -7.20
N VAL D 65 -10.14 36.42 -7.68
CA VAL D 65 -9.91 36.66 -9.09
C VAL D 65 -8.98 35.57 -9.57
N ILE D 66 -9.55 34.54 -10.17
CA ILE D 66 -8.83 33.33 -10.53
C ILE D 66 -8.74 33.19 -12.05
N PRO D 67 -7.75 32.44 -12.56
CA PRO D 67 -7.74 32.22 -14.00
C PRO D 67 -8.90 31.34 -14.43
N GLY D 68 -9.42 31.62 -15.62
CA GLY D 68 -10.50 30.83 -16.18
C GLY D 68 -10.05 29.41 -16.40
N GLY D 69 -10.97 28.50 -16.19
CA GLY D 69 -10.66 27.09 -16.20
C GLY D 69 -10.35 26.60 -17.59
N ILE D 70 -9.67 25.46 -17.66
CA ILE D 70 -9.42 24.78 -18.91
C ILE D 70 -9.97 23.38 -18.76
N ASP D 71 -10.89 23.02 -19.65
CA ASP D 71 -11.49 21.70 -19.68
C ASP D 71 -10.73 20.90 -20.71
N VAL D 72 -9.96 19.93 -20.23
CA VAL D 72 -9.07 19.15 -21.07
C VAL D 72 -9.78 17.98 -21.77
N ASN D 73 -11.07 17.83 -21.51
CA ASN D 73 -11.81 16.72 -22.10
C ASN D 73 -13.27 17.06 -22.41
N THR D 74 -13.53 17.37 -23.67
CA THR D 74 -14.88 17.57 -24.16
C THR D 74 -15.11 16.82 -25.49
N TYR D 75 -16.37 16.43 -25.70
CA TYR D 75 -16.77 15.76 -26.94
C TYR D 75 -18.02 16.43 -27.52
N LEU D 76 -17.96 17.75 -27.67
CA LEU D 76 -19.06 18.60 -28.15
C LEU D 76 -19.52 18.37 -29.60
N GLN D 77 -18.60 17.98 -30.49
CA GLN D 77 -18.95 17.66 -31.86
C GLN D 77 -19.27 16.17 -32.03
N LYS D 78 -20.29 15.72 -31.32
CA LYS D 78 -20.86 14.38 -31.54
C LYS D 78 -22.39 14.43 -31.40
N THR D 84 -27.26 15.22 -36.13
CA THR D 84 -27.66 16.47 -35.46
C THR D 84 -27.82 16.24 -33.96
N ALA D 85 -27.05 16.98 -33.17
CA ALA D 85 -27.09 16.82 -31.71
C ALA D 85 -28.01 17.85 -31.07
N ALA D 86 -28.32 17.64 -29.79
CA ALA D 86 -29.22 18.53 -29.07
C ALA D 86 -28.53 19.84 -28.73
N ASP D 87 -27.20 19.78 -28.62
CA ASP D 87 -26.37 20.95 -28.38
C ASP D 87 -25.18 20.96 -29.32
N ASP D 88 -24.99 22.09 -30.01
CA ASP D 88 -23.86 22.25 -30.92
C ASP D 88 -22.69 22.90 -30.20
N PHE D 89 -21.60 23.12 -30.94
CA PHE D 89 -20.39 23.69 -30.37
C PHE D 89 -20.62 25.03 -29.69
N PHE D 90 -21.64 25.76 -30.15
CA PHE D 90 -21.94 27.06 -29.57
C PHE D 90 -22.59 26.95 -28.19
N GLN D 91 -23.58 26.08 -28.08
CA GLN D 91 -24.32 25.91 -26.83
C GLN D 91 -23.41 25.41 -25.71
N GLY D 92 -22.42 24.60 -26.09
CA GLY D 92 -21.47 24.02 -25.15
C GLY D 92 -20.55 25.08 -24.57
N THR D 93 -19.85 25.78 -25.45
CA THR D 93 -18.94 26.85 -25.09
C THR D 93 -19.63 28.03 -24.39
N ARG D 94 -20.92 28.20 -24.65
CA ARG D 94 -21.71 29.19 -23.93
C ARG D 94 -21.84 28.71 -22.48
N ALA D 95 -22.15 27.41 -22.32
CA ALA D 95 -22.33 26.76 -21.02
C ALA D 95 -21.04 26.71 -20.20
N ALA D 96 -19.94 26.37 -20.89
CA ALA D 96 -18.59 26.40 -20.32
C ALA D 96 -18.24 27.75 -19.70
N LEU D 97 -18.52 28.84 -20.42
CA LEU D 97 -18.24 30.19 -19.93
C LEU D 97 -19.05 30.50 -18.66
N VAL D 98 -20.34 30.25 -18.70
CA VAL D 98 -21.22 30.45 -17.55
C VAL D 98 -20.77 29.68 -16.29
N GLY D 99 -20.07 28.57 -16.53
CA GLY D 99 -19.62 27.70 -15.46
C GLY D 99 -18.24 28.02 -14.92
N GLY D 100 -17.56 28.94 -15.59
CA GLY D 100 -16.25 29.42 -15.18
C GLY D 100 -15.11 28.92 -16.07
N THR D 101 -15.44 28.05 -17.02
CA THR D 101 -14.45 27.48 -17.93
C THR D 101 -14.27 28.40 -19.13
N THR D 102 -13.04 28.87 -19.36
CA THR D 102 -12.79 29.86 -20.43
C THR D 102 -12.03 29.28 -21.61
N MET D 103 -11.76 27.99 -21.57
CA MET D 103 -11.15 27.30 -22.69
C MET D 103 -11.42 25.82 -22.60
N ILE D 104 -11.59 25.17 -23.73
CA ILE D 104 -11.80 23.74 -23.78
C ILE D 104 -10.88 23.11 -24.82
N ILE D 105 -10.61 21.83 -24.64
CA ILE D 105 -9.85 21.05 -25.61
C ILE D 105 -10.72 19.87 -26.06
N ASP D 106 -11.24 19.97 -27.28
CA ASP D 106 -12.22 19.02 -27.80
C ASP D 106 -11.50 17.90 -28.55
N HIS D 107 -12.07 16.71 -28.47
CA HIS D 107 -11.56 15.58 -29.23
C HIS D 107 -12.17 15.54 -30.63
N VAL D 108 -11.29 15.47 -31.64
CA VAL D 108 -11.67 15.17 -33.02
C VAL D 108 -11.78 13.65 -33.17
N VAL D 109 -12.97 13.17 -33.53
CA VAL D 109 -13.19 11.73 -33.69
C VAL D 109 -13.44 11.34 -35.16
N PRO D 110 -12.39 10.88 -35.85
CA PRO D 110 -12.49 10.45 -37.25
C PRO D 110 -13.15 9.08 -37.39
N GLU D 111 -13.46 8.72 -38.64
CA GLU D 111 -13.90 7.37 -38.96
C GLU D 111 -12.66 6.48 -39.00
N PRO D 112 -12.74 5.26 -38.44
CA PRO D 112 -11.66 4.25 -38.46
C PRO D 112 -11.18 3.91 -39.88
N GLY D 113 -9.96 4.33 -40.23
CA GLY D 113 -9.43 4.14 -41.58
C GLY D 113 -9.31 5.44 -42.37
N SER D 114 -10.18 6.41 -42.07
CA SER D 114 -10.21 7.71 -42.76
C SER D 114 -9.06 8.64 -42.40
N SER D 115 -9.04 9.80 -43.04
CA SER D 115 -7.97 10.79 -42.84
C SER D 115 -8.16 11.63 -41.58
N LEU D 116 -7.05 11.82 -40.85
CA LEU D 116 -7.01 12.67 -39.67
C LEU D 116 -7.04 14.16 -40.07
N LEU D 117 -6.22 14.51 -41.06
CA LEU D 117 -6.18 15.86 -41.61
C LEU D 117 -7.55 16.33 -42.08
N THR D 118 -8.34 15.42 -42.63
CA THR D 118 -9.64 15.78 -43.18
C THR D 118 -10.62 16.02 -42.04
N SER D 119 -10.54 15.18 -41.02
CA SER D 119 -11.48 15.26 -39.89
C SER D 119 -11.13 16.43 -38.97
N PHE D 120 -9.84 16.73 -38.87
CA PHE D 120 -9.39 17.88 -38.11
C PHE D 120 -9.87 19.20 -38.74
N GLU D 121 -9.78 19.29 -40.05
CA GLU D 121 -10.25 20.49 -40.72
C GLU D 121 -11.76 20.64 -40.58
N LYS D 122 -12.49 19.54 -40.67
CA LYS D 122 -13.95 19.57 -40.46
C LYS D 122 -14.30 20.06 -39.06
N TRP D 123 -13.58 19.59 -38.05
CA TRP D 123 -13.80 20.01 -36.66
C TRP D 123 -13.38 21.46 -36.49
N HIS D 124 -12.24 21.81 -37.08
CA HIS D 124 -11.71 23.16 -36.99
C HIS D 124 -12.71 24.17 -37.56
N GLU D 125 -13.20 23.89 -38.77
CA GLU D 125 -14.17 24.77 -39.47
C GLU D 125 -15.43 25.02 -38.65
N ALA D 126 -16.01 23.94 -38.13
CA ALA D 126 -17.26 24.04 -37.37
C ALA D 126 -17.03 24.76 -36.05
N ALA D 127 -15.85 24.56 -35.47
CA ALA D 127 -15.56 25.17 -34.19
C ALA D 127 -15.27 26.67 -34.32
N ASP D 128 -14.59 27.06 -35.38
CA ASP D 128 -14.16 28.45 -35.48
C ASP D 128 -15.33 29.39 -35.73
N THR D 129 -16.42 28.83 -36.26
CA THR D 129 -17.61 29.60 -36.55
C THR D 129 -18.69 29.47 -35.47
N LYS D 130 -18.46 28.65 -34.45
CA LYS D 130 -19.45 28.47 -33.39
C LYS D 130 -18.96 28.80 -31.96
N SER D 131 -17.66 28.61 -31.72
CA SER D 131 -17.09 28.71 -30.37
C SER D 131 -17.23 30.10 -29.74
N CYS D 132 -17.65 30.15 -28.48
CA CYS D 132 -17.70 31.42 -27.75
C CYS D 132 -16.36 31.77 -27.09
N CYS D 133 -15.59 30.72 -26.79
CA CYS D 133 -14.39 30.82 -25.97
C CYS D 133 -13.21 30.30 -26.79
N ASP D 134 -11.99 30.57 -26.32
CA ASP D 134 -10.81 29.98 -26.94
C ASP D 134 -10.87 28.44 -26.83
N TYR D 135 -10.30 27.73 -27.80
CA TYR D 135 -10.39 26.27 -27.86
C TYR D 135 -9.13 25.63 -28.50
N SER D 136 -8.75 24.43 -28.03
CA SER D 136 -7.73 23.66 -28.74
C SER D 136 -8.27 22.25 -29.05
N LEU D 137 -7.59 21.52 -29.93
CA LEU D 137 -8.12 20.24 -30.37
C LEU D 137 -7.20 19.02 -30.14
N HIS D 138 -7.79 17.99 -29.53
CA HIS D 138 -7.21 16.66 -29.44
C HIS D 138 -7.56 15.91 -30.69
N VAL D 139 -6.65 15.10 -31.19
CA VAL D 139 -7.00 14.21 -32.30
C VAL D 139 -6.99 12.74 -31.86
N ASP D 140 -8.17 12.11 -31.88
CA ASP D 140 -8.27 10.70 -31.50
C ASP D 140 -7.85 9.79 -32.65
N ILE D 141 -6.81 9.00 -32.43
CA ILE D 141 -6.37 8.02 -33.43
C ILE D 141 -7.21 6.75 -33.36
N THR D 142 -8.28 6.75 -34.15
CA THR D 142 -9.25 5.66 -34.12
C THR D 142 -8.74 4.35 -34.76
N SER D 143 -7.78 4.47 -35.67
CA SER D 143 -7.18 3.30 -36.30
C SER D 143 -5.72 3.58 -36.61
N TRP D 144 -4.88 2.56 -36.50
CA TRP D 144 -3.46 2.72 -36.84
C TRP D 144 -3.25 2.25 -38.28
N TYR D 145 -3.76 3.02 -39.24
CA TYR D 145 -3.77 2.60 -40.63
C TYR D 145 -2.44 2.89 -41.35
N ASP D 146 -2.25 2.27 -42.50
CA ASP D 146 -1.04 2.49 -43.28
C ASP D 146 -1.00 3.92 -43.79
N GLY D 147 -0.02 4.69 -43.32
CA GLY D 147 0.17 6.07 -43.74
C GLY D 147 -0.38 7.06 -42.72
N VAL D 148 -0.60 6.59 -41.50
CA VAL D 148 -1.09 7.47 -40.43
C VAL D 148 0.05 8.31 -39.85
N ARG D 149 1.28 7.82 -40.04
CA ARG D 149 2.48 8.48 -39.51
C ARG D 149 2.74 9.84 -40.18
N GLU D 150 2.50 9.90 -41.49
CA GLU D 150 2.75 11.13 -42.22
C GLU D 150 1.77 12.24 -41.81
N GLU D 151 0.54 11.87 -41.50
CA GLU D 151 -0.49 12.84 -41.13
C GLU D 151 -0.33 13.33 -39.68
N LEU D 152 0.29 12.50 -38.85
CA LEU D 152 0.58 12.87 -37.47
C LEU D 152 1.68 13.91 -37.39
N GLU D 153 2.67 13.79 -38.26
CA GLU D 153 3.73 14.80 -38.37
C GLU D 153 3.14 16.16 -38.77
N VAL D 154 2.15 16.13 -39.66
CA VAL D 154 1.54 17.36 -40.18
C VAL D 154 0.73 18.07 -39.10
N LEU D 155 -0.15 17.33 -38.44
CA LEU D 155 -0.94 17.88 -37.34
C LEU D 155 -0.06 18.49 -36.23
N VAL D 156 1.10 17.91 -36.00
CA VAL D 156 2.01 18.43 -34.98
C VAL D 156 2.74 19.67 -35.47
N GLN D 157 3.45 19.55 -36.60
CA GLN D 157 4.32 20.62 -37.09
C GLN D 157 3.57 21.79 -37.75
N ASP D 158 2.51 21.49 -38.50
CA ASP D 158 1.82 22.53 -39.28
C ASP D 158 0.50 23.06 -38.66
N LYS D 159 -0.30 22.15 -38.10
CA LYS D 159 -1.63 22.52 -37.59
C LYS D 159 -1.66 22.92 -36.11
N GLY D 160 -0.68 22.46 -35.34
CA GLY D 160 -0.54 22.88 -33.95
C GLY D 160 -1.28 22.01 -32.96
N VAL D 161 -1.20 20.70 -33.15
CA VAL D 161 -1.79 19.73 -32.23
C VAL D 161 -0.70 18.89 -31.51
N ASN D 162 -0.64 18.98 -30.18
CA ASN D 162 0.38 18.23 -29.43
C ASN D 162 -0.19 17.05 -28.66
N SER D 163 -1.49 16.82 -28.77
CA SER D 163 -2.14 15.71 -28.04
C SER D 163 -2.99 14.77 -28.89
N PHE D 164 -2.78 13.47 -28.71
CA PHE D 164 -3.50 12.45 -29.46
C PHE D 164 -3.97 11.35 -28.53
N GLN D 165 -5.22 10.89 -28.70
CA GLN D 165 -5.75 9.83 -27.84
C GLN D 165 -5.80 8.49 -28.56
N VAL D 166 -5.35 7.43 -27.90
CA VAL D 166 -5.48 6.08 -28.45
C VAL D 166 -6.48 5.30 -27.60
N TYR D 167 -7.10 4.27 -28.19
CA TYR D 167 -8.12 3.51 -27.47
C TYR D 167 -7.68 2.07 -27.21
N MET D 168 -7.98 1.57 -26.00
CA MET D 168 -7.69 0.19 -25.69
C MET D 168 -9.00 -0.54 -25.62
N ALA D 169 -10.08 0.23 -25.65
CA ALA D 169 -11.44 -0.29 -25.59
C ALA D 169 -12.02 -0.40 -26.99
N TYR D 170 -13.29 -0.79 -27.07
CA TYR D 170 -14.05 -0.91 -28.32
C TYR D 170 -13.39 -1.83 -29.33
N LYS D 171 -13.54 -3.14 -29.10
CA LYS D 171 -12.94 -4.19 -29.94
C LYS D 171 -13.32 -4.08 -31.42
N ASP D 172 -12.32 -4.20 -32.30
CA ASP D 172 -12.50 -4.15 -33.76
C ASP D 172 -13.15 -2.87 -34.31
N VAL D 173 -13.11 -1.81 -33.51
CA VAL D 173 -13.63 -0.50 -33.90
C VAL D 173 -12.54 0.54 -33.69
N TYR D 174 -12.22 0.84 -32.43
CA TYR D 174 -11.13 1.77 -32.12
C TYR D 174 -9.88 1.11 -31.51
N GLN D 175 -10.05 -0.09 -30.97
CA GLN D 175 -9.02 -0.76 -30.14
C GLN D 175 -7.68 -1.00 -30.85
N MET D 176 -6.58 -0.75 -30.15
CA MET D 176 -5.26 -1.11 -30.65
C MET D 176 -4.68 -2.27 -29.83
N SER D 177 -3.90 -3.13 -30.48
CA SER D 177 -3.30 -4.25 -29.78
C SER D 177 -2.08 -3.78 -28.99
N ASP D 178 -1.56 -4.64 -28.13
CA ASP D 178 -0.38 -4.28 -27.34
C ASP D 178 0.77 -3.85 -28.27
N SER D 179 0.85 -4.51 -29.43
CA SER D 179 1.92 -4.22 -30.38
C SER D 179 1.71 -2.86 -31.04
N GLN D 180 0.48 -2.59 -31.45
CA GLN D 180 0.12 -1.29 -32.03
C GLN D 180 0.32 -0.12 -31.05
N LEU D 181 0.03 -0.35 -29.76
CA LEU D 181 0.21 0.68 -28.74
C LEU D 181 1.67 1.05 -28.61
N TYR D 182 2.53 0.04 -28.50
CA TYR D 182 3.98 0.23 -28.39
C TYR D 182 4.48 1.04 -29.58
N GLU D 183 3.97 0.69 -30.75
CA GLU D 183 4.34 1.33 -32.01
C GLU D 183 3.92 2.80 -31.98
N ALA D 184 2.67 3.03 -31.57
CA ALA D 184 2.10 4.38 -31.48
C ALA D 184 2.77 5.25 -30.42
N PHE D 185 2.93 4.71 -29.22
CA PHE D 185 3.65 5.38 -28.13
C PHE D 185 5.08 5.78 -28.54
N THR D 186 5.82 4.89 -29.20
CA THR D 186 7.19 5.24 -29.59
C THR D 186 7.19 6.36 -30.62
N PHE D 187 6.27 6.30 -31.58
CA PHE D 187 6.22 7.32 -32.62
C PHE D 187 5.78 8.70 -32.11
N LEU D 188 4.84 8.69 -31.18
CA LEU D 188 4.34 9.91 -30.58
C LEU D 188 5.36 10.53 -29.63
N LYS D 189 6.14 9.68 -28.94
CA LYS D 189 7.27 10.16 -28.17
C LYS D 189 8.26 10.92 -29.04
N GLY D 190 8.51 10.41 -30.26
CA GLY D 190 9.45 11.02 -31.18
C GLY D 190 8.98 12.39 -31.64
N LEU D 191 7.66 12.53 -31.74
CA LEU D 191 7.03 13.77 -32.13
C LEU D 191 7.00 14.79 -30.99
N GLY D 192 7.07 14.31 -29.75
CA GLY D 192 6.98 15.17 -28.58
C GLY D 192 5.54 15.50 -28.24
N ALA D 193 4.66 14.54 -28.52
CA ALA D 193 3.24 14.66 -28.23
C ALA D 193 2.82 14.11 -26.85
N VAL D 194 1.73 14.63 -26.30
CA VAL D 194 1.09 14.07 -25.12
C VAL D 194 0.28 12.84 -25.54
N ILE D 195 0.63 11.66 -25.05
CA ILE D 195 -0.14 10.46 -25.39
C ILE D 195 -1.36 10.31 -24.44
N LEU D 196 -2.57 10.42 -24.99
CA LEU D 196 -3.80 10.23 -24.20
C LEU D 196 -4.32 8.83 -24.42
N VAL D 197 -4.90 8.25 -23.37
CA VAL D 197 -5.36 6.88 -23.47
C VAL D 197 -6.74 6.69 -22.84
N HIS D 198 -7.65 6.13 -23.62
CA HIS D 198 -8.92 5.67 -23.10
C HIS D 198 -8.69 4.25 -22.69
N ALA D 199 -8.43 4.04 -21.40
CA ALA D 199 -8.03 2.72 -20.91
C ALA D 199 -9.16 1.88 -20.32
N GLU D 200 -9.60 0.91 -21.13
CA GLU D 200 -10.50 -0.17 -20.73
C GLU D 200 -10.17 -1.40 -21.57
N ASN D 201 -10.18 -2.59 -20.97
CA ASN D 201 -9.93 -3.79 -21.77
C ASN D 201 -11.08 -4.08 -22.72
N GLY D 202 -10.84 -3.86 -24.02
CA GLY D 202 -11.87 -4.06 -25.02
C GLY D 202 -12.36 -5.49 -25.11
N ASP D 203 -11.40 -6.42 -25.17
CA ASP D 203 -11.68 -7.83 -25.36
C ASP D 203 -12.55 -8.38 -24.25
N LEU D 204 -12.21 -8.04 -23.02
CA LEU D 204 -12.95 -8.50 -21.84
C LEU D 204 -14.33 -7.84 -21.75
N ILE D 205 -14.41 -6.58 -22.17
CA ILE D 205 -15.71 -5.89 -22.19
C ILE D 205 -16.66 -6.65 -23.12
N ALA D 206 -16.13 -7.02 -24.30
CA ALA D 206 -16.88 -7.79 -25.28
C ALA D 206 -17.46 -9.07 -24.69
N GLN D 207 -16.64 -9.76 -23.91
CA GLN D 207 -17.04 -11.02 -23.34
C GLN D 207 -18.15 -10.84 -22.31
N GLU D 208 -18.04 -9.75 -21.55
CA GLU D 208 -19.01 -9.44 -20.52
C GLU D 208 -20.29 -8.89 -21.11
N GLN D 209 -20.15 -8.10 -22.19
CA GLN D 209 -21.30 -7.63 -22.96
C GLN D 209 -22.19 -8.80 -23.41
N LYS D 210 -21.59 -9.77 -24.11
CA LYS D 210 -22.29 -10.97 -24.55
C LYS D 210 -23.01 -11.67 -23.38
N ARG D 211 -22.28 -11.87 -22.27
CA ARG D 211 -22.82 -12.58 -21.11
C ARG D 211 -23.98 -11.84 -20.43
N ILE D 212 -23.83 -10.53 -20.26
CA ILE D 212 -24.85 -9.73 -19.59
C ILE D 212 -26.17 -9.72 -20.39
N LEU D 213 -26.06 -9.57 -21.71
CA LEU D 213 -27.23 -9.58 -22.60
C LEU D 213 -27.93 -10.96 -22.60
N GLU D 214 -27.15 -12.03 -22.66
CA GLU D 214 -27.75 -13.35 -22.56
C GLU D 214 -28.46 -13.59 -21.22
N MET D 215 -28.08 -12.84 -20.18
CA MET D 215 -28.72 -12.96 -18.87
C MET D 215 -30.13 -12.37 -18.90
N GLY D 216 -30.39 -11.54 -19.91
CA GLY D 216 -31.70 -10.93 -20.11
C GLY D 216 -31.71 -9.47 -19.69
N ILE D 217 -30.54 -8.95 -19.37
CA ILE D 217 -30.38 -7.56 -18.95
C ILE D 217 -30.19 -6.65 -20.18
N THR D 218 -31.09 -5.68 -20.34
CA THR D 218 -31.08 -4.79 -21.51
C THR D 218 -30.95 -3.34 -21.08
N GLY D 219 -31.18 -3.08 -19.79
CA GLY D 219 -31.20 -1.74 -19.24
C GLY D 219 -29.84 -1.09 -19.11
N PRO D 220 -29.80 0.20 -18.77
CA PRO D 220 -28.52 0.90 -18.65
C PRO D 220 -27.61 0.30 -17.56
N GLU D 221 -28.21 -0.27 -16.52
CA GLU D 221 -27.46 -0.95 -15.46
C GLU D 221 -26.50 -1.99 -16.05
N GLY D 222 -26.89 -2.57 -17.17
CA GLY D 222 -26.05 -3.54 -17.85
C GLY D 222 -24.77 -2.95 -18.40
N HIS D 223 -24.77 -1.65 -18.66
CA HIS D 223 -23.57 -0.96 -19.15
C HIS D 223 -22.46 -0.97 -18.08
N ALA D 224 -22.89 -0.83 -16.83
CA ALA D 224 -21.99 -0.72 -15.69
C ALA D 224 -21.49 -2.10 -15.31
N LEU D 225 -22.31 -3.11 -15.60
CA LEU D 225 -22.01 -4.50 -15.29
C LEU D 225 -21.11 -5.12 -16.35
N SER D 226 -21.22 -4.64 -17.58
CA SER D 226 -20.33 -5.08 -18.65
C SER D 226 -18.96 -4.38 -18.65
N ARG D 227 -18.84 -3.30 -17.88
CA ARG D 227 -17.58 -2.55 -17.80
C ARG D 227 -17.12 -2.28 -16.37
N PRO D 228 -16.88 -3.34 -15.59
CA PRO D 228 -16.53 -3.21 -14.17
C PRO D 228 -15.29 -2.35 -13.99
N GLU D 229 -15.07 -1.86 -12.77
CA GLU D 229 -13.89 -1.03 -12.54
C GLU D 229 -12.56 -1.78 -12.67
N GLU D 230 -12.59 -3.10 -12.57
CA GLU D 230 -11.36 -3.87 -12.65
C GLU D 230 -10.78 -3.92 -14.06
N LEU D 231 -11.62 -3.60 -15.04
CA LEU D 231 -11.28 -3.66 -16.48
C LEU D 231 -10.65 -2.36 -16.93
N GLU D 232 -11.03 -1.29 -16.24
CA GLU D 232 -10.35 -0.03 -16.39
C GLU D 232 -8.96 -0.16 -15.76
N ALA D 233 -8.93 -0.52 -14.47
CA ALA D 233 -7.68 -0.66 -13.72
C ALA D 233 -6.65 -1.42 -14.52
N GLU D 234 -7.08 -2.52 -15.11
CA GLU D 234 -6.20 -3.38 -15.89
C GLU D 234 -5.57 -2.65 -17.07
N ALA D 235 -6.39 -1.97 -17.86
CA ALA D 235 -5.89 -1.30 -19.06
C ALA D 235 -4.96 -0.19 -18.64
N VAL D 236 -5.36 0.55 -17.62
CA VAL D 236 -4.54 1.64 -17.11
C VAL D 236 -3.12 1.14 -16.77
N PHE D 237 -3.03 0.09 -15.94
CA PHE D 237 -1.76 -0.54 -15.58
C PHE D 237 -0.98 -0.96 -16.82
N ARG D 238 -1.68 -1.52 -17.81
CA ARG D 238 -1.03 -1.94 -19.05
C ARG D 238 -0.46 -0.73 -19.77
N ALA D 239 -1.30 0.30 -19.94
CA ALA D 239 -0.85 1.54 -20.57
C ALA D 239 0.42 2.08 -19.91
N ILE D 240 0.41 2.17 -18.59
CA ILE D 240 1.57 2.62 -17.84
C ILE D 240 2.78 1.74 -18.10
N THR D 241 2.58 0.42 -18.04
CA THR D 241 3.64 -0.56 -18.24
C THR D 241 4.37 -0.35 -19.56
N ILE D 242 3.60 -0.04 -20.62
CA ILE D 242 4.12 0.23 -21.96
C ILE D 242 4.84 1.57 -22.02
N ALA D 243 4.31 2.56 -21.32
CA ALA D 243 4.85 3.91 -21.36
C ALA D 243 6.15 4.01 -20.57
N GLY D 244 6.27 3.16 -19.56
CA GLY D 244 7.44 3.15 -18.72
C GLY D 244 8.60 2.50 -19.43
N ARG D 245 8.28 1.53 -20.28
CA ARG D 245 9.29 0.83 -21.06
C ARG D 245 9.89 1.67 -22.19
N ILE D 246 9.05 2.49 -22.79
CA ILE D 246 9.42 3.33 -23.93
C ILE D 246 10.04 4.62 -23.41
N ASN D 247 9.79 4.87 -22.12
CA ASN D 247 10.06 6.15 -21.49
C ASN D 247 9.32 7.32 -22.18
N CYS D 248 8.00 7.33 -22.06
CA CYS D 248 7.25 8.50 -22.53
C CYS D 248 6.16 8.86 -21.52
N PRO D 249 5.69 10.12 -21.56
CA PRO D 249 4.59 10.48 -20.68
C PRO D 249 3.32 9.79 -21.16
N VAL D 250 2.51 9.24 -20.26
CA VAL D 250 1.19 8.75 -20.61
C VAL D 250 0.09 9.49 -19.83
N TYR D 251 -1.02 9.81 -20.49
CA TYR D 251 -2.10 10.51 -19.84
C TYR D 251 -3.37 9.65 -19.88
N ILE D 252 -3.88 9.34 -18.69
CA ILE D 252 -5.06 8.51 -18.56
C ILE D 252 -6.26 9.40 -18.44
N THR D 253 -7.06 9.42 -19.50
CA THR D 253 -8.31 10.17 -19.53
C THR D 253 -9.41 9.44 -18.75
N LYS D 254 -10.35 10.22 -18.26
CA LYS D 254 -11.54 9.73 -17.57
C LYS D 254 -11.24 8.70 -16.49
N VAL D 255 -10.50 9.10 -15.47
CA VAL D 255 -10.31 8.21 -14.35
C VAL D 255 -11.64 8.16 -13.58
N MET D 256 -12.23 6.96 -13.51
CA MET D 256 -13.58 6.81 -12.96
C MET D 256 -13.68 5.94 -11.70
N SER D 257 -12.62 5.20 -11.40
CA SER D 257 -12.66 4.25 -10.28
C SER D 257 -11.54 4.42 -9.24
N LYS D 258 -11.83 3.98 -8.01
CA LYS D 258 -10.80 3.88 -6.96
C LYS D 258 -9.61 3.01 -7.38
N SER D 259 -9.89 1.81 -7.88
CA SER D 259 -8.83 0.89 -8.28
C SER D 259 -7.89 1.42 -9.38
N ALA D 260 -8.44 2.17 -10.34
CA ALA D 260 -7.63 2.75 -11.40
C ALA D 260 -6.83 3.97 -10.93
N ALA D 261 -7.34 4.65 -9.92
CA ALA D 261 -6.64 5.82 -9.39
C ALA D 261 -5.43 5.38 -8.56
N ASP D 262 -5.55 4.22 -7.92
CA ASP D 262 -4.49 3.65 -7.08
C ASP D 262 -3.31 3.16 -7.92
N ILE D 263 -3.61 2.58 -9.08
CA ILE D 263 -2.61 2.13 -10.05
C ILE D 263 -1.69 3.29 -10.44
N ILE D 264 -2.32 4.44 -10.64
CA ILE D 264 -1.64 5.66 -11.07
C ILE D 264 -0.81 6.26 -9.93
N ALA D 265 -1.43 6.35 -8.76
CA ALA D 265 -0.76 6.84 -7.57
C ALA D 265 0.53 6.05 -7.32
N LEU D 266 0.43 4.72 -7.37
CA LEU D 266 1.55 3.81 -7.21
C LEU D 266 2.65 3.99 -8.27
N ALA D 267 2.25 4.10 -9.54
CA ALA D 267 3.20 4.19 -10.62
C ALA D 267 3.99 5.48 -10.56
N ARG D 268 3.35 6.53 -10.06
CA ARG D 268 4.00 7.83 -9.94
C ARG D 268 5.18 7.80 -8.97
N LYS D 269 5.18 6.83 -8.06
CA LYS D 269 6.22 6.72 -7.04
C LYS D 269 7.38 5.89 -7.56
N LYS D 270 7.10 5.05 -8.56
CA LYS D 270 8.06 4.09 -9.11
C LYS D 270 8.94 4.64 -10.24
N GLY D 271 8.50 5.72 -10.86
CA GLY D 271 9.23 6.26 -11.99
C GLY D 271 8.40 6.86 -13.11
N PRO D 272 7.66 6.01 -13.87
CA PRO D 272 6.86 6.40 -15.04
C PRO D 272 6.14 7.72 -14.90
N LEU D 273 6.26 8.57 -15.92
CA LEU D 273 5.54 9.85 -15.94
C LEU D 273 4.09 9.65 -16.34
N VAL D 274 3.24 9.37 -15.36
CA VAL D 274 1.83 9.13 -15.60
C VAL D 274 1.00 10.28 -14.99
N PHE D 275 0.02 10.75 -15.77
CA PHE D 275 -0.94 11.77 -15.35
C PHE D 275 -2.34 11.22 -15.41
N GLY D 276 -3.17 11.58 -14.45
CA GLY D 276 -4.54 11.10 -14.44
C GLY D 276 -5.50 12.24 -14.55
N GLU D 277 -6.63 11.98 -15.21
CA GLU D 277 -7.65 13.01 -15.38
C GLU D 277 -9.06 12.57 -14.95
N PRO D 278 -9.41 12.76 -13.67
CA PRO D 278 -10.79 12.45 -13.26
C PRO D 278 -11.70 13.49 -13.87
N ILE D 279 -12.92 13.12 -14.23
CA ILE D 279 -13.80 14.12 -14.77
C ILE D 279 -14.79 14.55 -13.67
N ALA D 280 -15.47 15.68 -13.89
CA ALA D 280 -16.43 16.23 -12.92
C ALA D 280 -17.49 15.21 -12.48
N ALA D 281 -17.95 14.40 -13.44
CA ALA D 281 -18.86 13.27 -13.18
C ALA D 281 -18.38 12.34 -12.08
N SER D 282 -17.16 11.82 -12.22
CA SER D 282 -16.63 10.83 -11.27
C SER D 282 -16.30 11.42 -9.90
N LEU D 283 -16.10 12.74 -9.84
CA LEU D 283 -15.82 13.47 -8.60
C LEU D 283 -17.09 13.90 -7.90
N GLY D 284 -18.20 14.00 -8.63
CA GLY D 284 -19.41 14.61 -8.09
C GLY D 284 -20.57 13.67 -7.76
N THR D 285 -20.75 12.66 -8.59
CA THR D 285 -21.85 11.70 -8.40
C THR D 285 -21.28 10.28 -8.56
N ASP D 286 -22.05 9.26 -8.19
CA ASP D 286 -21.64 7.89 -8.42
C ASP D 286 -22.55 7.28 -9.45
N GLY D 287 -22.51 5.96 -9.59
CA GLY D 287 -23.33 5.29 -10.58
C GLY D 287 -24.45 4.43 -10.02
N THR D 288 -24.92 4.73 -8.81
CA THR D 288 -26.08 4.02 -8.28
C THR D 288 -27.33 4.34 -9.12
N HIS D 289 -27.25 5.42 -9.89
CA HIS D 289 -28.37 5.93 -10.66
C HIS D 289 -28.64 5.12 -11.93
N TYR D 290 -27.70 4.26 -12.30
CA TYR D 290 -27.91 3.28 -13.35
C TYR D 290 -29.05 2.33 -12.99
N TRP D 291 -29.24 2.10 -11.69
CA TRP D 291 -30.23 1.12 -11.25
C TRP D 291 -31.56 1.78 -10.95
N SER D 292 -31.78 2.93 -11.58
CA SER D 292 -33.01 3.68 -11.38
C SER D 292 -34.15 3.06 -12.15
N LYS D 293 -35.35 3.16 -11.57
CA LYS D 293 -36.57 2.69 -12.21
C LYS D 293 -36.83 3.50 -13.49
N ASN D 294 -36.52 4.80 -13.46
CA ASN D 294 -36.70 5.66 -14.63
C ASN D 294 -35.60 5.46 -15.67
N TRP D 295 -35.93 4.77 -16.77
CA TRP D 295 -34.97 4.47 -17.84
C TRP D 295 -34.28 5.71 -18.40
N ALA D 296 -35.04 6.76 -18.72
CA ALA D 296 -34.45 7.98 -19.29
C ALA D 296 -33.37 8.63 -18.38
N LYS D 297 -33.58 8.54 -17.07
CA LYS D 297 -32.61 9.02 -16.06
C LYS D 297 -31.33 8.16 -16.07
N ALA D 298 -31.52 6.85 -15.99
CA ALA D 298 -30.41 5.91 -15.95
C ALA D 298 -29.60 5.97 -17.25
N ALA D 299 -30.25 6.31 -18.36
CA ALA D 299 -29.55 6.32 -19.65
C ALA D 299 -28.71 7.59 -19.77
N ALA D 300 -29.07 8.59 -18.97
CA ALA D 300 -28.43 9.89 -19.01
C ALA D 300 -27.04 9.81 -18.45
N PHE D 301 -26.84 8.86 -17.52
CA PHE D 301 -25.56 8.62 -16.83
C PHE D 301 -24.55 7.81 -17.65
N VAL D 302 -25.03 7.16 -18.70
CA VAL D 302 -24.23 6.26 -19.51
C VAL D 302 -23.08 6.94 -20.26
N THR D 303 -21.85 6.62 -19.86
CA THR D 303 -20.64 7.10 -20.52
C THR D 303 -19.59 6.03 -20.38
N SER D 304 -18.44 6.20 -21.02
CA SER D 304 -17.36 5.23 -20.91
C SER D 304 -16.00 5.85 -20.62
N PRO D 305 -15.30 5.37 -19.56
CA PRO D 305 -15.74 4.37 -18.58
C PRO D 305 -16.89 4.87 -17.73
N PRO D 306 -17.75 3.95 -17.24
CA PRO D 306 -18.94 4.26 -16.44
C PRO D 306 -18.65 4.81 -15.04
N LEU D 307 -19.64 5.47 -14.43
CA LEU D 307 -19.53 5.89 -13.03
C LEU D 307 -19.52 4.68 -12.10
N SER D 308 -18.66 4.70 -11.09
CA SER D 308 -18.56 3.59 -10.15
C SER D 308 -19.79 3.47 -9.25
N PRO D 309 -20.39 2.26 -9.18
CA PRO D 309 -21.49 1.93 -8.25
C PRO D 309 -21.11 2.05 -6.78
N ASP D 310 -19.82 2.25 -6.51
CA ASP D 310 -19.29 2.42 -5.18
C ASP D 310 -19.49 3.88 -4.76
N PRO D 311 -20.39 4.14 -3.80
CA PRO D 311 -20.67 5.55 -3.50
C PRO D 311 -19.49 6.31 -2.86
N THR D 312 -18.43 5.60 -2.49
CA THR D 312 -17.28 6.21 -1.81
C THR D 312 -16.22 6.72 -2.80
N THR D 313 -16.45 6.45 -4.08
CA THR D 313 -15.54 6.80 -5.17
C THR D 313 -15.27 8.31 -5.36
N PRO D 314 -16.33 9.14 -5.38
CA PRO D 314 -16.05 10.57 -5.64
C PRO D 314 -15.20 11.20 -4.56
N ASP D 315 -15.40 10.81 -3.30
CA ASP D 315 -14.57 11.36 -2.24
C ASP D 315 -13.14 10.91 -2.43
N TYR D 316 -12.95 9.59 -2.56
CA TYR D 316 -11.62 9.01 -2.78
C TYR D 316 -10.82 9.71 -3.88
N LEU D 317 -11.40 9.83 -5.08
CA LEU D 317 -10.76 10.55 -6.18
C LEU D 317 -10.38 12.00 -5.84
N THR D 318 -11.32 12.76 -5.32
CA THR D 318 -11.00 14.09 -4.77
C THR D 318 -9.80 14.12 -3.81
N SER D 319 -9.68 13.13 -2.91
CA SER D 319 -8.52 13.02 -2.03
C SER D 319 -7.20 12.95 -2.79
N LEU D 320 -7.21 12.19 -3.88
CA LEU D 320 -6.03 11.92 -4.72
C LEU D 320 -5.71 13.10 -5.61
N LEU D 321 -6.74 13.87 -5.92
CA LEU D 321 -6.61 15.13 -6.62
C LEU D 321 -5.87 16.13 -5.73
N ALA D 322 -6.27 16.14 -4.46
CA ALA D 322 -5.74 17.04 -3.44
C ALA D 322 -4.32 16.72 -2.96
N CYS D 323 -3.93 15.45 -2.99
CA CYS D 323 -2.56 15.10 -2.61
C CYS D 323 -1.62 15.15 -3.81
N GLY D 324 -2.17 15.07 -5.02
CA GLY D 324 -1.41 15.35 -6.21
C GLY D 324 -1.21 14.17 -7.13
N ASP D 325 -1.80 13.04 -6.75
CA ASP D 325 -1.71 11.81 -7.53
C ASP D 325 -2.56 11.90 -8.79
N LEU D 326 -3.58 12.75 -8.72
CA LEU D 326 -4.33 13.19 -9.89
C LEU D 326 -4.00 14.65 -10.12
N GLN D 327 -4.01 15.08 -11.38
CA GLN D 327 -3.52 16.42 -11.66
C GLN D 327 -4.54 17.39 -12.28
N VAL D 328 -5.28 16.91 -13.28
CA VAL D 328 -6.22 17.77 -13.99
C VAL D 328 -7.67 17.32 -13.80
N THR D 329 -8.60 18.25 -14.00
CA THR D 329 -10.01 17.91 -14.05
C THR D 329 -10.57 18.27 -15.42
N GLY D 330 -11.42 17.40 -15.93
CA GLY D 330 -12.13 17.63 -17.18
C GLY D 330 -13.60 17.37 -16.93
N SER D 331 -14.37 17.16 -17.99
CA SER D 331 -15.82 16.97 -17.84
C SER D 331 -16.30 15.84 -18.73
N GLY D 332 -15.55 15.60 -19.82
CA GLY D 332 -15.88 14.57 -20.79
C GLY D 332 -17.25 14.83 -21.40
N HIS D 333 -17.58 16.11 -21.58
CA HIS D 333 -18.91 16.54 -21.97
C HIS D 333 -19.30 16.00 -23.36
N CYS D 334 -20.40 15.26 -23.44
CA CYS D 334 -20.92 14.74 -24.71
C CYS D 334 -22.45 14.71 -24.65
N PRO D 335 -23.10 15.76 -25.19
CA PRO D 335 -24.53 16.00 -25.05
C PRO D 335 -25.44 15.20 -26.00
N TYR D 336 -26.44 14.55 -25.41
CA TYR D 336 -27.41 13.74 -26.14
C TYR D 336 -28.79 13.89 -25.49
N SER D 337 -29.82 14.03 -26.32
CA SER D 337 -31.19 14.19 -25.82
C SER D 337 -31.77 12.86 -25.40
N THR D 338 -32.90 12.87 -24.72
CA THR D 338 -33.55 11.62 -24.29
C THR D 338 -33.97 10.77 -25.49
N ALA D 339 -34.28 11.43 -26.61
CA ALA D 339 -34.74 10.73 -27.80
C ALA D 339 -33.58 10.09 -28.57
N GLN D 340 -32.39 10.69 -28.45
CA GLN D 340 -31.16 10.17 -29.06
C GLN D 340 -30.59 9.01 -28.27
N LYS D 341 -30.87 9.02 -26.97
CA LYS D 341 -30.46 7.97 -26.05
C LYS D 341 -31.33 6.74 -26.28
N ALA D 342 -32.59 6.96 -26.65
CA ALA D 342 -33.58 5.89 -26.72
C ALA D 342 -33.34 4.93 -27.89
N VAL D 343 -32.28 5.18 -28.66
CA VAL D 343 -31.84 4.24 -29.70
C VAL D 343 -31.54 2.86 -29.09
N GLY D 344 -31.03 2.86 -27.86
CA GLY D 344 -30.76 1.62 -27.17
C GLY D 344 -31.71 1.34 -26.02
N LYS D 345 -33.02 1.53 -26.23
CA LYS D 345 -33.99 1.26 -25.16
C LYS D 345 -34.06 -0.24 -24.81
N ASP D 346 -33.74 -1.07 -25.81
CA ASP D 346 -33.76 -2.54 -25.65
C ASP D 346 -32.37 -3.16 -25.75
N ASN D 347 -31.33 -2.33 -25.78
CA ASN D 347 -29.95 -2.80 -25.80
C ASN D 347 -29.02 -1.70 -25.30
N PHE D 348 -28.40 -1.93 -24.14
CA PHE D 348 -27.56 -0.92 -23.49
C PHE D 348 -26.33 -0.52 -24.33
N THR D 349 -25.83 -1.46 -25.11
CA THR D 349 -24.61 -1.22 -25.91
C THR D 349 -24.84 -0.21 -27.03
N LEU D 350 -26.11 0.06 -27.32
CA LEU D 350 -26.51 0.96 -28.41
C LEU D 350 -26.83 2.36 -27.91
N ILE D 351 -26.94 2.51 -26.59
CA ILE D 351 -27.04 3.83 -25.97
C ILE D 351 -25.79 4.64 -26.29
N PRO D 352 -25.98 5.90 -26.72
CA PRO D 352 -24.85 6.81 -26.99
C PRO D 352 -24.14 7.24 -25.70
N GLU D 353 -22.82 7.09 -25.66
CA GLU D 353 -22.06 7.43 -24.46
C GLU D 353 -21.79 8.92 -24.34
N GLY D 354 -22.30 9.51 -23.27
CA GLY D 354 -22.03 10.90 -22.98
C GLY D 354 -22.79 11.44 -21.80
N VAL D 355 -22.12 12.21 -20.97
CA VAL D 355 -22.80 12.89 -19.87
C VAL D 355 -22.58 14.39 -19.90
N ASN D 356 -23.17 15.08 -18.94
CA ASN D 356 -22.98 16.51 -18.89
C ASN D 356 -21.87 16.88 -17.89
N GLY D 357 -21.42 18.12 -17.94
CA GLY D 357 -20.50 18.59 -16.93
C GLY D 357 -19.62 19.76 -17.33
N ILE D 358 -19.73 20.21 -18.58
CA ILE D 358 -18.93 21.35 -19.04
C ILE D 358 -19.28 22.64 -18.27
N GLU D 359 -20.56 22.77 -17.89
CA GLU D 359 -21.01 23.94 -17.14
C GLU D 359 -20.79 23.78 -15.64
N GLU D 360 -20.87 22.54 -15.15
CA GLU D 360 -20.83 22.29 -13.72
C GLU D 360 -19.41 22.08 -13.15
N ARG D 361 -18.44 21.78 -14.02
CA ARG D 361 -17.09 21.35 -13.61
C ARG D 361 -16.44 22.10 -12.46
N MET D 362 -16.20 23.39 -12.63
CA MET D 362 -15.51 24.13 -11.58
C MET D 362 -16.33 24.25 -10.29
N THR D 363 -17.64 24.36 -10.43
CA THR D 363 -18.55 24.39 -9.28
C THR D 363 -18.57 23.09 -8.47
N VAL D 364 -18.60 21.97 -9.19
CA VAL D 364 -18.51 20.63 -8.61
C VAL D 364 -17.13 20.40 -7.99
N VAL D 365 -16.07 20.78 -8.70
CA VAL D 365 -14.73 20.55 -8.17
C VAL D 365 -14.55 21.34 -6.88
N TRP D 366 -14.99 22.59 -6.89
CA TRP D 366 -14.92 23.42 -5.69
C TRP D 366 -15.70 22.81 -4.51
N ASP D 367 -16.93 22.38 -4.76
CA ASP D 367 -17.78 21.90 -3.70
C ASP D 367 -17.26 20.63 -3.06
N LYS D 368 -16.61 19.79 -3.87
CA LYS D 368 -16.14 18.48 -3.41
C LYS D 368 -14.75 18.59 -2.79
N ALA D 369 -13.98 19.56 -3.26
CA ALA D 369 -12.56 19.71 -2.94
C ALA D 369 -12.22 20.83 -1.95
N VAL D 370 -12.67 22.03 -2.27
CA VAL D 370 -12.37 23.22 -1.47
C VAL D 370 -13.39 23.47 -0.34
N ALA D 371 -14.68 23.27 -0.59
CA ALA D 371 -15.69 23.47 0.44
C ALA D 371 -15.56 22.46 1.58
N THR D 372 -14.92 21.33 1.29
CA THR D 372 -14.74 20.27 2.28
C THR D 372 -13.46 20.50 3.09
N GLY D 373 -12.56 21.29 2.53
CA GLY D 373 -11.26 21.53 3.13
C GLY D 373 -10.15 20.60 2.66
N LYS D 374 -10.42 19.78 1.65
CA LYS D 374 -9.38 18.86 1.17
C LYS D 374 -8.22 19.65 0.55
N MET D 375 -8.54 20.64 -0.27
CA MET D 375 -7.51 21.47 -0.86
C MET D 375 -7.84 22.93 -0.69
N ASP D 376 -6.88 23.82 -0.97
CA ASP D 376 -7.17 25.25 -0.84
C ASP D 376 -7.55 25.87 -2.18
N GLU D 377 -7.81 27.18 -2.19
CA GLU D 377 -8.16 27.88 -3.42
C GLU D 377 -7.00 27.79 -4.43
N ASN D 378 -5.76 27.85 -3.92
CA ASN D 378 -4.57 27.77 -4.76
C ASN D 378 -4.46 26.47 -5.58
N GLN D 379 -4.78 25.34 -4.94
CA GLN D 379 -4.72 24.05 -5.61
C GLN D 379 -5.93 23.89 -6.49
N PHE D 380 -7.00 24.59 -6.13
CA PHE D 380 -8.19 24.62 -6.97
C PHE D 380 -7.80 25.23 -8.30
N VAL D 381 -7.01 26.29 -8.27
CA VAL D 381 -6.53 26.88 -9.50
C VAL D 381 -5.68 25.87 -10.24
N ALA D 382 -4.82 25.16 -9.52
CA ALA D 382 -3.94 24.17 -10.15
C ALA D 382 -4.71 23.09 -10.91
N VAL D 383 -5.68 22.49 -10.23
CA VAL D 383 -6.45 21.39 -10.81
C VAL D 383 -7.55 21.81 -11.82
N THR D 384 -7.87 23.09 -11.95
CA THR D 384 -8.88 23.49 -12.94
C THR D 384 -8.30 24.22 -14.13
N SER D 385 -7.09 24.75 -14.01
CA SER D 385 -6.50 25.43 -15.16
C SER D 385 -4.99 25.25 -15.31
N THR D 386 -4.24 25.56 -14.26
CA THR D 386 -2.78 25.63 -14.34
C THR D 386 -2.04 24.36 -14.72
N ASN D 387 -2.29 23.28 -14.00
CA ASN D 387 -1.68 21.99 -14.34
C ASN D 387 -1.95 21.62 -15.78
N ALA D 388 -3.22 21.72 -16.17
CA ALA D 388 -3.66 21.45 -17.54
C ALA D 388 -2.85 22.24 -18.56
N ALA D 389 -2.68 23.53 -18.29
CA ALA D 389 -1.86 24.42 -19.10
C ALA D 389 -0.41 23.96 -19.22
N LYS D 390 0.20 23.59 -18.10
CA LYS D 390 1.58 23.10 -18.10
C LYS D 390 1.74 21.85 -18.96
N ILE D 391 0.84 20.89 -18.72
CA ILE D 391 0.84 19.61 -19.42
C ILE D 391 0.80 19.75 -20.95
N PHE D 392 -0.14 20.58 -21.42
CA PHE D 392 -0.48 20.70 -22.85
C PHE D 392 0.28 21.84 -23.57
N ASN D 393 1.18 22.48 -22.84
CA ASN D 393 1.99 23.60 -23.32
C ASN D 393 1.21 24.87 -23.65
N LEU D 394 0.46 25.34 -22.66
CA LEU D 394 -0.31 26.58 -22.76
C LEU D 394 0.05 27.58 -21.66
N TYR D 395 1.08 27.27 -20.89
CA TYR D 395 1.55 28.09 -19.78
C TYR D 395 2.77 28.90 -20.22
N PRO D 396 2.87 30.16 -19.75
CA PRO D 396 1.90 30.81 -18.86
C PRO D 396 0.84 31.60 -19.62
N ARG D 397 0.59 31.23 -20.87
CA ARG D 397 -0.42 31.90 -21.67
C ARG D 397 -1.79 31.79 -20.99
N LYS D 398 -2.11 30.58 -20.56
CA LYS D 398 -3.37 30.28 -19.89
C LYS D 398 -3.07 29.81 -18.47
N GLY D 399 -4.10 29.68 -17.64
CA GLY D 399 -3.92 29.22 -16.27
C GLY D 399 -3.11 30.10 -15.34
N ARG D 400 -2.86 31.35 -15.75
CA ARG D 400 -2.18 32.31 -14.89
C ARG D 400 -2.68 33.75 -15.05
N ILE D 401 -2.90 34.41 -13.91
CA ILE D 401 -3.15 35.85 -13.84
C ILE D 401 -1.79 36.55 -13.68
N ALA D 402 -1.15 36.81 -14.81
CA ALA D 402 0.17 37.44 -14.80
C ALA D 402 0.29 38.36 -16.01
N VAL D 403 1.11 39.41 -15.88
CA VAL D 403 1.36 40.33 -16.98
C VAL D 403 1.86 39.54 -18.20
N GLY D 404 1.20 39.77 -19.35
CA GLY D 404 1.55 39.10 -20.58
C GLY D 404 0.71 37.89 -20.91
N SER D 405 -0.05 37.40 -19.92
CA SER D 405 -0.95 36.26 -20.08
C SER D 405 -2.31 36.71 -20.65
N ASP D 406 -3.02 35.77 -21.27
CA ASP D 406 -4.34 36.03 -21.84
C ASP D 406 -5.37 36.47 -20.80
N ALA D 407 -6.27 37.35 -21.22
CA ALA D 407 -7.26 37.92 -20.32
C ALA D 407 -8.47 37.01 -20.18
N ASP D 408 -8.23 35.82 -19.63
CA ASP D 408 -9.29 34.86 -19.33
C ASP D 408 -9.45 34.79 -17.81
N VAL D 409 -10.24 35.70 -17.26
CA VAL D 409 -10.35 35.88 -15.82
C VAL D 409 -11.77 35.51 -15.32
N VAL D 410 -11.86 35.03 -14.09
CA VAL D 410 -13.13 34.73 -13.44
C VAL D 410 -13.14 35.32 -12.03
N ILE D 411 -14.21 36.03 -11.66
CA ILE D 411 -14.35 36.52 -10.29
C ILE D 411 -15.22 35.54 -9.49
N TRP D 412 -14.57 34.80 -8.60
CA TRP D 412 -15.21 33.68 -7.95
C TRP D 412 -15.66 34.04 -6.54
N ASP D 413 -16.93 33.80 -6.25
CA ASP D 413 -17.46 34.06 -4.93
C ASP D 413 -17.54 32.76 -4.16
N PRO D 414 -16.67 32.58 -3.15
CA PRO D 414 -16.53 31.33 -2.40
C PRO D 414 -17.74 30.97 -1.55
N ASP D 415 -18.77 31.81 -1.49
CA ASP D 415 -19.93 31.56 -0.63
C ASP D 415 -21.26 31.68 -1.35
N LYS D 416 -21.22 31.80 -2.68
CA LYS D 416 -22.41 31.97 -3.48
C LYS D 416 -23.08 30.63 -3.79
N LEU D 417 -24.27 30.41 -3.22
CA LEU D 417 -24.96 29.14 -3.41
C LEU D 417 -25.43 28.94 -4.86
N LYS D 418 -25.31 27.70 -5.33
CA LYS D 418 -25.80 27.34 -6.64
C LYS D 418 -26.35 25.93 -6.59
N THR D 419 -27.64 25.78 -6.86
CA THR D 419 -28.23 24.46 -6.97
C THR D 419 -28.36 24.06 -8.45
N ILE D 420 -27.69 22.98 -8.82
CA ILE D 420 -27.75 22.44 -10.17
C ILE D 420 -29.07 21.70 -10.41
N THR D 421 -29.83 22.15 -11.41
CA THR D 421 -31.07 21.50 -11.81
C THR D 421 -31.18 21.45 -13.33
N ALA D 422 -32.10 20.63 -13.84
CA ALA D 422 -32.29 20.51 -15.28
C ALA D 422 -33.04 21.72 -15.83
N LYS D 423 -33.78 22.40 -14.95
CA LYS D 423 -34.52 23.60 -15.30
C LYS D 423 -33.59 24.78 -15.59
N SER D 424 -32.57 24.94 -14.75
CA SER D 424 -31.69 26.11 -14.78
C SER D 424 -30.42 25.98 -15.64
N HIS D 425 -30.06 24.74 -16.02
CA HIS D 425 -28.84 24.55 -16.79
C HIS D 425 -28.90 25.11 -18.22
N LYS D 426 -27.75 25.48 -18.78
CA LYS D 426 -27.69 26.11 -20.11
C LYS D 426 -27.59 25.07 -21.23
N SER D 427 -28.59 24.20 -21.30
CA SER D 427 -28.58 23.06 -22.20
C SER D 427 -30.00 22.64 -22.58
N ALA D 428 -30.10 21.93 -23.69
CA ALA D 428 -31.37 21.41 -24.21
C ALA D 428 -31.70 20.01 -23.68
N VAL D 429 -30.68 19.34 -23.12
CA VAL D 429 -30.82 17.99 -22.55
C VAL D 429 -31.79 17.97 -21.36
N GLU D 430 -32.58 16.89 -21.26
CA GLU D 430 -33.66 16.82 -20.27
C GLU D 430 -33.17 16.46 -18.88
N TYR D 431 -32.06 15.71 -18.81
CA TYR D 431 -31.54 15.18 -17.54
C TYR D 431 -30.13 15.67 -17.19
N ASN D 432 -29.93 16.00 -15.92
CA ASN D 432 -28.62 16.47 -15.46
C ASN D 432 -28.08 15.54 -14.39
N ILE D 433 -26.93 14.94 -14.63
CA ILE D 433 -26.39 13.95 -13.71
C ILE D 433 -26.07 14.50 -12.31
N PHE D 434 -25.96 15.82 -12.17
CA PHE D 434 -25.71 16.44 -10.87
C PHE D 434 -26.97 16.99 -10.25
N GLU D 435 -28.10 16.48 -10.71
CA GLU D 435 -29.41 16.98 -10.32
C GLU D 435 -29.62 17.09 -8.82
N GLY D 436 -29.89 18.31 -8.38
CA GLY D 436 -30.28 18.56 -7.00
C GLY D 436 -29.11 18.82 -6.07
N MET D 437 -27.90 18.76 -6.62
CA MET D 437 -26.70 18.97 -5.80
C MET D 437 -26.58 20.42 -5.40
N GLU D 438 -26.40 20.64 -4.10
CA GLU D 438 -26.28 22.00 -3.57
C GLU D 438 -24.81 22.36 -3.39
N CYS D 439 -24.42 23.52 -3.90
CA CYS D 439 -23.01 23.88 -3.99
C CYS D 439 -22.71 25.21 -3.31
N HIS D 440 -21.50 25.33 -2.78
CA HIS D 440 -21.09 26.52 -2.04
C HIS D 440 -19.92 27.22 -2.66
N GLY D 441 -20.11 27.69 -3.88
CA GLY D 441 -19.10 28.51 -4.55
C GLY D 441 -19.39 28.57 -6.02
N SER D 442 -19.65 29.77 -6.52
CA SER D 442 -20.07 29.96 -7.90
C SER D 442 -19.22 31.04 -8.60
N PRO D 443 -19.34 31.18 -9.93
CA PRO D 443 -18.84 32.34 -10.66
C PRO D 443 -19.79 33.56 -10.56
N LEU D 444 -19.24 34.76 -10.32
CA LEU D 444 -19.98 36.01 -10.47
C LEU D 444 -19.77 36.67 -11.84
N VAL D 445 -18.51 36.94 -12.16
CA VAL D 445 -18.14 37.57 -13.41
C VAL D 445 -17.17 36.68 -14.17
N VAL D 446 -17.40 36.50 -15.46
CA VAL D 446 -16.51 35.73 -16.31
C VAL D 446 -16.07 36.58 -17.49
N ILE D 447 -14.76 36.67 -17.69
CA ILE D 447 -14.19 37.46 -18.77
C ILE D 447 -13.39 36.56 -19.68
N SER D 448 -13.62 36.68 -20.97
CA SER D 448 -12.92 35.88 -21.94
C SER D 448 -12.48 36.79 -23.08
N GLN D 449 -11.20 36.66 -23.45
CA GLN D 449 -10.54 37.59 -24.38
C GLN D 449 -10.73 39.05 -24.04
N GLY D 450 -10.85 39.34 -22.74
CA GLY D 450 -10.92 40.70 -22.24
C GLY D 450 -12.29 41.32 -22.27
N LYS D 451 -13.30 40.51 -22.59
CA LYS D 451 -14.69 40.97 -22.72
C LYS D 451 -15.56 40.29 -21.67
N ILE D 452 -16.39 41.03 -20.94
CA ILE D 452 -17.26 40.42 -19.95
C ILE D 452 -18.32 39.57 -20.64
N VAL D 453 -18.29 38.25 -20.41
CA VAL D 453 -19.24 37.37 -21.07
C VAL D 453 -20.33 36.90 -20.12
N PHE D 454 -20.12 37.09 -18.83
CA PHE D 454 -21.13 36.70 -17.86
C PHE D 454 -21.08 37.60 -16.64
N GLU D 455 -22.19 38.26 -16.34
CA GLU D 455 -22.19 39.17 -15.22
C GLU D 455 -23.58 39.24 -14.61
N ASP D 456 -23.67 38.92 -13.32
CA ASP D 456 -24.91 39.08 -12.57
C ASP D 456 -26.04 38.29 -13.21
N GLY D 457 -25.74 37.09 -13.68
CA GLY D 457 -26.73 36.29 -14.37
C GLY D 457 -26.82 36.53 -15.88
N ASN D 458 -26.34 37.69 -16.32
CA ASN D 458 -26.44 38.03 -17.74
C ASN D 458 -25.33 37.45 -18.62
N ILE D 459 -25.76 36.72 -19.65
CA ILE D 459 -24.84 36.08 -20.59
C ILE D 459 -24.72 36.87 -21.90
N ASN D 460 -23.53 37.38 -22.13
CA ASN D 460 -23.20 38.18 -23.31
C ASN D 460 -22.08 37.50 -24.10
N VAL D 461 -22.46 36.53 -24.92
CA VAL D 461 -21.48 35.78 -25.71
C VAL D 461 -21.54 36.16 -27.20
N ASN D 462 -20.47 35.85 -27.93
CA ASN D 462 -20.38 36.11 -29.38
C ASN D 462 -20.05 34.82 -30.13
N LYS D 463 -20.96 34.37 -30.98
CA LYS D 463 -20.75 33.16 -31.76
C LYS D 463 -19.61 33.32 -32.76
N GLY D 464 -18.59 32.48 -32.61
CA GLY D 464 -17.47 32.41 -33.55
C GLY D 464 -16.28 33.27 -33.17
N MET D 465 -16.38 33.91 -32.00
CA MET D 465 -15.39 34.83 -31.47
C MET D 465 -14.12 34.10 -31.04
N GLY D 466 -14.30 32.86 -30.56
CA GLY D 466 -13.22 32.07 -30.02
C GLY D 466 -12.15 31.68 -31.02
N ARG D 467 -10.90 31.86 -30.60
CA ARG D 467 -9.75 31.50 -31.42
C ARG D 467 -9.28 30.08 -31.13
N PHE D 468 -8.83 29.39 -32.18
CA PHE D 468 -8.08 28.16 -32.01
C PHE D 468 -6.70 28.54 -31.46
N ILE D 469 -6.21 27.75 -30.50
CA ILE D 469 -4.88 27.95 -29.94
C ILE D 469 -3.97 26.83 -30.40
N PRO D 470 -2.93 27.16 -31.17
CA PRO D 470 -1.93 26.16 -31.55
C PRO D 470 -1.02 25.80 -30.37
N ARG D 471 -0.73 24.50 -30.23
CA ARG D 471 0.12 24.04 -29.15
C ARG D 471 1.42 23.44 -29.69
N LYS D 472 2.54 23.90 -29.13
CA LYS D 472 3.86 23.45 -29.56
C LYS D 472 4.16 22.06 -29.01
N ALA D 473 4.96 21.30 -29.77
CA ALA D 473 5.39 19.98 -29.35
C ALA D 473 6.44 20.09 -28.25
N PHE D 474 6.70 18.96 -27.60
CA PHE D 474 7.67 18.83 -26.51
C PHE D 474 7.47 19.79 -25.33
N PRO D 475 6.27 19.78 -24.70
CA PRO D 475 6.02 20.62 -23.53
C PRO D 475 7.07 20.32 -22.48
N GLU D 476 7.59 21.33 -21.82
CA GLU D 476 8.68 21.09 -20.89
C GLU D 476 8.25 20.24 -19.68
N HIS D 477 7.05 20.51 -19.16
CA HIS D 477 6.55 19.83 -17.94
C HIS D 477 6.63 18.30 -18.06
N LEU D 478 6.54 17.78 -19.28
CA LEU D 478 6.61 16.34 -19.49
C LEU D 478 8.00 15.91 -19.98
N TYR D 479 8.52 16.62 -20.97
CA TYR D 479 9.61 16.09 -21.77
C TYR D 479 11.04 16.48 -21.32
N GLN D 480 11.16 17.34 -20.31
CA GLN D 480 12.46 17.65 -19.73
C GLN D 480 13.02 16.43 -19.01
N ARG D 481 12.14 15.71 -18.34
CA ARG D 481 12.48 14.46 -17.66
C ARG D 481 12.74 13.33 -18.65
N VAL D 482 12.05 13.35 -19.78
CA VAL D 482 12.25 12.36 -20.85
C VAL D 482 13.64 12.49 -21.47
N LYS D 483 14.03 13.72 -21.79
CA LYS D 483 15.31 14.03 -22.43
C LYS D 483 16.51 13.60 -21.59
N ILE D 484 16.32 13.57 -20.27
CA ILE D 484 17.39 13.19 -19.36
C ILE D 484 17.47 11.67 -19.20
N ARG D 485 16.32 11.05 -18.97
CA ARG D 485 16.20 9.59 -18.93
C ARG D 485 16.68 8.87 -20.21
N ASN D 486 16.68 9.57 -21.34
CA ASN D 486 17.20 9.01 -22.59
C ASN D 486 18.71 8.91 -22.55
N LYS D 487 19.31 9.89 -21.88
CA LYS D 487 20.76 9.99 -21.75
C LYS D 487 21.21 9.09 -20.62
N VAL D 488 20.28 8.82 -19.69
CA VAL D 488 20.58 8.09 -18.47
C VAL D 488 20.52 6.61 -18.72
N PHE D 489 19.59 6.22 -19.58
CA PHE D 489 19.36 4.82 -19.94
C PHE D 489 20.66 4.01 -19.89
N GLY D 490 20.97 3.57 -18.66
CA GLY D 490 22.17 2.84 -18.36
C GLY D 490 21.92 1.35 -18.38
N LEU D 491 22.86 0.63 -17.78
CA LEU D 491 23.03 -0.83 -17.91
C LEU D 491 23.12 -1.38 -19.42
N GLN D 492 24.24 -2.02 -19.79
CA GLN D 492 24.41 -2.47 -21.21
C GLN D 492 24.81 -3.96 -21.31
N GLY D 493 24.79 -4.53 -22.53
CA GLY D 493 25.38 -5.84 -22.79
C GLY D 493 26.86 -5.85 -22.39
N VAL D 494 27.26 -6.94 -21.73
CA VAL D 494 28.69 -7.14 -21.39
C VAL D 494 29.52 -7.52 -22.63
N SER D 495 30.72 -6.89 -22.76
CA SER D 495 31.65 -7.12 -23.88
C SER D 495 32.02 -8.60 -23.93
N ARG D 496 32.34 -9.21 -22.77
CA ARG D 496 32.52 -10.68 -22.71
C ARG D 496 33.60 -11.31 -23.68
#